data_8QMZ
#
_entry.id   8QMZ
#
_cell.length_a   80.290
_cell.length_b   90.642
_cell.length_c   188.416
_cell.angle_alpha   90.00
_cell.angle_beta   90.00
_cell.angle_gamma   90.00
#
_symmetry.space_group_name_H-M   'P 21 21 21'
#
loop_
_entity.id
_entity.type
_entity.pdbx_description
1 polymer 'Bifunctional epoxide hydrolase 2'
2 non-polymer (3~{a}~{R},6~{a}~{S})-~{N}-[(2,4-dichlorophenyl)methyl]-2-(4-methylphenyl)sulfonyl-3,3~{a},4,5,6,6~{a}-hexahydro-1~{H}-cyclopenta[c]pyrrole-5-carboxamide
3 non-polymer 1,2-ETHANEDIOL
4 water water
#
_entity_poly.entity_id   1
_entity_poly.type   'polypeptide(L)'
_entity_poly.pdbx_seq_one_letter_code
;MGSSHHHHHHSSGLVPRGSHMASMLNTPAPLPTSCNPSDMSHGYVTVKPRVRLHFVELGSGPAVCLCHGFPESWYSWRYQ
IPALAQAGYRVLAMDMKGYGESSAPPEIEEYCMEVLCKEMVTFLDKLGLSQAVFIGHDWGGMLVWYMALFYPERVRAVAS
LNTPFIPANPNMSPLESIKANPVFDYQLYFQEPGVAEAELEQNLSRTFKSLFRASDESVLSMHKVCEAGGLFVNSPEEPS
LSRMVTEEEIQFYVQQFKKSGFRGPLNWYRNMERNWKWACKSLGRKILIPALMVTAEKDFVLVPQMSQHMEDWIPHLKRG
HIEDCGHWTQMDKPTEVNQILIKWLDSDARNPPVVSKMLLEHHHHHH
;
_entity_poly.pdbx_strand_id   A,B,C,D
#
# COMPACT_ATOMS: atom_id res chain seq x y z
N LEU A 31 9.90 -12.85 -28.58
CA LEU A 31 9.91 -11.40 -28.87
C LEU A 31 9.66 -10.54 -27.64
N PRO A 32 9.15 -10.96 -26.44
CA PRO A 32 9.31 -10.15 -25.23
C PRO A 32 10.81 -9.97 -24.97
N THR A 33 11.16 -8.87 -24.30
CA THR A 33 12.50 -8.63 -23.82
C THR A 33 13.05 -9.85 -23.07
N SER A 34 14.29 -10.24 -23.37
CA SER A 34 14.96 -11.35 -22.74
C SER A 34 16.00 -10.84 -21.73
N CYS A 35 16.86 -11.71 -21.24
CA CYS A 35 17.89 -11.37 -20.29
C CYS A 35 19.25 -11.73 -20.84
N ASN A 36 20.18 -10.80 -20.61
CA ASN A 36 21.59 -11.07 -20.87
C ASN A 36 22.24 -11.38 -19.53
N PRO A 37 22.75 -12.61 -19.32
CA PRO A 37 23.26 -13.03 -18.01
C PRO A 37 24.26 -12.06 -17.37
N SER A 38 25.14 -11.49 -18.20
N SER A 38 25.18 -11.50 -18.15
CA SER A 38 26.18 -10.57 -17.73
CA SER A 38 26.18 -10.61 -17.56
C SER A 38 25.62 -9.26 -17.18
C SER A 38 25.63 -9.21 -17.24
N ASP A 39 24.40 -8.90 -17.58
CA ASP A 39 23.77 -7.65 -17.19
C ASP A 39 22.84 -7.78 -15.97
N MET A 40 22.73 -8.99 -15.40
CA MET A 40 21.85 -9.24 -14.26
C MET A 40 22.58 -9.08 -12.94
N SER A 41 21.81 -8.79 -11.88
CA SER A 41 22.30 -8.91 -10.52
C SER A 41 22.32 -10.39 -10.17
N HIS A 42 23.46 -10.94 -9.74
CA HIS A 42 23.55 -12.33 -9.33
C HIS A 42 23.69 -12.40 -7.81
N GLY A 43 22.82 -13.19 -7.16
CA GLY A 43 22.78 -13.34 -5.72
C GLY A 43 23.14 -14.77 -5.31
N TYR A 44 23.67 -14.91 -4.09
CA TYR A 44 24.14 -16.18 -3.56
C TYR A 44 23.81 -16.24 -2.09
N VAL A 45 23.12 -17.29 -1.66
CA VAL A 45 22.75 -17.47 -0.26
C VAL A 45 23.24 -18.85 0.12
N THR A 46 23.98 -18.95 1.22
CA THR A 46 24.41 -20.23 1.77
C THR A 46 23.33 -20.65 2.74
N VAL A 47 22.60 -21.71 2.43
CA VAL A 47 21.49 -22.15 3.22
C VAL A 47 21.97 -23.17 4.26
N LYS A 48 23.08 -23.83 3.97
N LYS A 48 23.09 -23.83 3.99
CA LYS A 48 23.71 -24.88 4.78
CA LYS A 48 23.73 -24.78 4.88
C LYS A 48 25.19 -24.85 4.47
C LYS A 48 25.19 -24.82 4.49
N PRO A 49 26.13 -25.28 5.35
CA PRO A 49 27.55 -25.18 5.01
C PRO A 49 27.98 -25.62 3.61
N ARG A 50 27.46 -26.72 3.06
CA ARG A 50 27.98 -27.04 1.73
C ARG A 50 26.97 -26.70 0.61
N VAL A 51 25.94 -25.91 0.89
CA VAL A 51 24.87 -25.68 -0.07
C VAL A 51 24.62 -24.18 -0.20
N ARG A 52 24.92 -23.66 -1.38
CA ARG A 52 24.63 -22.27 -1.67
C ARG A 52 23.74 -22.23 -2.90
N LEU A 53 22.72 -21.39 -2.83
CA LEU A 53 21.78 -21.18 -3.92
C LEU A 53 22.12 -19.87 -4.60
N HIS A 54 22.11 -19.92 -5.94
CA HIS A 54 22.30 -18.79 -6.84
C HIS A 54 20.94 -18.40 -7.44
N PHE A 55 20.76 -17.09 -7.61
CA PHE A 55 19.58 -16.54 -8.25
C PHE A 55 19.98 -15.27 -8.99
N VAL A 56 19.11 -14.86 -9.92
CA VAL A 56 19.16 -13.53 -10.46
C VAL A 56 17.98 -12.71 -9.92
N GLU A 57 18.17 -11.38 -9.84
CA GLU A 57 17.18 -10.55 -9.18
C GLU A 57 16.96 -9.31 -10.02
N LEU A 58 15.69 -9.00 -10.31
CA LEU A 58 15.35 -7.80 -11.08
C LEU A 58 14.05 -7.22 -10.57
N GLY A 59 14.03 -5.89 -10.38
CA GLY A 59 12.75 -5.22 -10.11
C GLY A 59 12.62 -4.83 -8.64
N SER A 60 11.66 -3.93 -8.38
CA SER A 60 11.14 -3.62 -7.07
C SER A 60 9.66 -4.01 -6.94
N GLY A 61 9.25 -4.27 -5.71
CA GLY A 61 7.90 -4.61 -5.41
C GLY A 61 7.81 -5.91 -4.62
N PRO A 62 6.59 -6.51 -4.54
CA PRO A 62 6.37 -7.80 -3.88
C PRO A 62 7.32 -8.84 -4.50
N ALA A 63 7.90 -9.69 -3.66
CA ALA A 63 8.87 -10.72 -4.07
C ALA A 63 8.15 -11.87 -4.75
N VAL A 64 8.68 -12.24 -5.91
CA VAL A 64 8.19 -13.33 -6.74
C VAL A 64 9.37 -14.24 -7.04
N CYS A 65 9.28 -15.50 -6.60
N CYS A 65 9.31 -15.46 -6.49
CA CYS A 65 10.38 -16.45 -6.70
CA CYS A 65 10.30 -16.50 -6.71
C CYS A 65 10.04 -17.50 -7.76
C CYS A 65 9.87 -17.35 -7.91
N LEU A 66 10.79 -17.48 -8.87
CA LEU A 66 10.57 -18.35 -10.01
C LEU A 66 11.43 -19.61 -9.91
N CYS A 67 10.82 -20.78 -10.06
CA CYS A 67 11.46 -22.07 -9.82
C CYS A 67 11.27 -22.95 -11.06
N HIS A 68 12.39 -23.24 -11.76
CA HIS A 68 12.43 -23.94 -13.05
C HIS A 68 12.33 -25.45 -12.87
N GLY A 69 12.25 -26.12 -14.02
CA GLY A 69 12.09 -27.57 -14.08
C GLY A 69 13.37 -28.31 -14.50
N PHE A 70 13.10 -29.54 -14.96
CA PHE A 70 14.16 -30.43 -15.38
C PHE A 70 14.21 -30.49 -16.89
N PRO A 71 15.40 -30.40 -17.53
CA PRO A 71 16.69 -30.00 -16.95
C PRO A 71 16.98 -28.58 -17.42
N GLU A 72 16.62 -27.57 -16.57
CA GLU A 72 16.55 -26.19 -16.99
C GLU A 72 17.50 -25.34 -16.15
N SER A 73 17.17 -24.06 -15.95
CA SER A 73 18.04 -22.98 -15.52
C SER A 73 17.17 -21.83 -15.08
N TRP A 74 17.75 -20.90 -14.31
CA TRP A 74 17.09 -19.61 -14.12
C TRP A 74 16.73 -19.01 -15.49
N TYR A 75 17.61 -19.23 -16.48
CA TYR A 75 17.48 -18.64 -17.79
C TYR A 75 16.23 -19.12 -18.53
N SER A 76 15.61 -20.22 -18.07
CA SER A 76 14.34 -20.62 -18.64
C SER A 76 13.26 -19.55 -18.43
N TRP A 77 13.45 -18.63 -17.49
CA TRP A 77 12.52 -17.54 -17.21
C TRP A 77 12.94 -16.24 -17.90
N ARG A 78 13.90 -16.28 -18.81
CA ARG A 78 14.45 -15.08 -19.43
C ARG A 78 13.40 -14.14 -19.98
N TYR A 79 12.28 -14.65 -20.51
CA TYR A 79 11.26 -13.77 -21.07
C TYR A 79 10.27 -13.29 -20.04
N GLN A 80 10.20 -13.96 -18.89
CA GLN A 80 9.33 -13.55 -17.81
C GLN A 80 9.98 -12.49 -16.92
N ILE A 81 11.29 -12.54 -16.67
CA ILE A 81 11.89 -11.73 -15.63
C ILE A 81 11.74 -10.25 -15.96
N PRO A 82 12.02 -9.77 -17.18
CA PRO A 82 11.83 -8.34 -17.45
C PRO A 82 10.37 -7.93 -17.37
N ALA A 83 9.48 -8.76 -17.90
CA ALA A 83 8.08 -8.42 -17.91
C ALA A 83 7.52 -8.30 -16.50
N LEU A 84 7.84 -9.26 -15.63
N LEU A 84 7.83 -9.26 -15.60
CA LEU A 84 7.34 -9.18 -14.27
CA LEU A 84 7.30 -9.18 -14.25
C LEU A 84 7.93 -8.00 -13.53
C LEU A 84 7.95 -8.03 -13.47
N ALA A 85 9.22 -7.71 -13.75
CA ALA A 85 9.82 -6.56 -13.10
C ALA A 85 9.12 -5.28 -13.59
N GLN A 86 8.85 -5.20 -14.90
CA GLN A 86 8.22 -4.01 -15.50
C GLN A 86 6.81 -3.86 -14.94
N ALA A 87 6.20 -4.97 -14.52
CA ALA A 87 4.84 -4.93 -14.01
C ALA A 87 4.75 -4.55 -12.55
N GLY A 88 5.91 -4.34 -11.90
CA GLY A 88 6.06 -3.84 -10.54
C GLY A 88 6.29 -4.94 -9.49
N TYR A 89 7.05 -6.00 -9.87
CA TYR A 89 7.45 -7.06 -8.94
C TYR A 89 8.97 -7.13 -8.84
N ARG A 90 9.39 -7.59 -7.66
CA ARG A 90 10.77 -7.94 -7.41
C ARG A 90 10.93 -9.42 -7.75
N VAL A 91 11.64 -9.72 -8.82
CA VAL A 91 11.72 -11.09 -9.31
C VAL A 91 13.04 -11.72 -8.88
N LEU A 92 12.93 -12.91 -8.26
CA LEU A 92 14.08 -13.73 -7.90
C LEU A 92 13.96 -15.02 -8.71
N ALA A 93 14.81 -15.22 -9.73
CA ALA A 93 14.78 -16.44 -10.53
C ALA A 93 15.94 -17.34 -10.09
N MET A 94 15.57 -18.52 -9.56
CA MET A 94 16.54 -19.43 -8.98
C MET A 94 17.27 -20.28 -10.02
N ASP A 95 18.53 -20.61 -9.70
CA ASP A 95 19.07 -21.88 -10.12
C ASP A 95 18.68 -22.89 -9.03
N MET A 96 17.84 -23.87 -9.36
CA MET A 96 17.42 -24.82 -8.34
C MET A 96 18.63 -25.68 -7.92
N LYS A 97 18.56 -26.28 -6.73
CA LYS A 97 19.64 -27.10 -6.23
C LYS A 97 19.99 -28.16 -7.28
N GLY A 98 21.30 -28.30 -7.52
CA GLY A 98 21.77 -29.24 -8.52
C GLY A 98 22.07 -28.62 -9.88
N TYR A 99 21.76 -27.33 -10.07
CA TYR A 99 21.84 -26.66 -11.35
C TYR A 99 22.69 -25.41 -11.33
N GLY A 100 23.34 -25.16 -12.46
CA GLY A 100 23.98 -23.91 -12.73
C GLY A 100 25.00 -23.56 -11.64
N GLU A 101 24.88 -22.36 -11.11
CA GLU A 101 25.81 -21.90 -10.08
C GLU A 101 25.36 -22.26 -8.68
N SER A 102 24.26 -23.02 -8.54
CA SER A 102 23.86 -23.52 -7.25
C SER A 102 24.62 -24.81 -6.95
N SER A 103 24.77 -25.10 -5.64
CA SER A 103 25.53 -26.28 -5.26
C SER A 103 24.83 -27.53 -5.83
N ALA A 104 25.64 -28.55 -6.08
CA ALA A 104 25.13 -29.84 -6.54
C ALA A 104 25.83 -30.98 -5.78
N PRO A 105 25.48 -31.19 -4.49
CA PRO A 105 26.07 -32.31 -3.75
C PRO A 105 25.64 -33.59 -4.44
N PRO A 106 26.47 -34.65 -4.35
CA PRO A 106 26.12 -35.91 -4.99
C PRO A 106 25.07 -36.78 -4.29
N GLU A 107 24.81 -36.64 -3.00
CA GLU A 107 23.93 -37.58 -2.29
C GLU A 107 22.47 -37.41 -2.73
N ILE A 108 21.81 -38.52 -3.04
CA ILE A 108 20.46 -38.53 -3.53
C ILE A 108 19.49 -37.80 -2.60
N GLU A 109 19.60 -38.05 -1.29
CA GLU A 109 18.66 -37.56 -0.31
C GLU A 109 18.71 -36.03 -0.16
N GLU A 110 19.76 -35.41 -0.71
CA GLU A 110 19.84 -33.95 -0.68
C GLU A 110 18.81 -33.33 -1.60
N TYR A 111 18.17 -34.16 -2.43
CA TYR A 111 17.21 -33.64 -3.41
C TYR A 111 15.78 -34.12 -3.17
N CYS A 112 15.47 -34.67 -2.00
CA CYS A 112 14.08 -34.93 -1.68
C CYS A 112 13.32 -33.62 -1.48
N MET A 113 12.00 -33.67 -1.67
N MET A 113 12.00 -33.66 -1.68
CA MET A 113 11.17 -32.48 -1.56
CA MET A 113 11.18 -32.46 -1.58
C MET A 113 11.26 -31.85 -0.18
C MET A 113 11.26 -31.84 -0.18
N GLU A 114 11.36 -32.67 0.86
CA GLU A 114 11.38 -32.14 2.23
C GLU A 114 12.58 -31.24 2.40
N VAL A 115 13.73 -31.70 1.95
CA VAL A 115 14.98 -30.98 2.08
C VAL A 115 14.95 -29.74 1.18
N LEU A 116 14.48 -29.94 -0.05
CA LEU A 116 14.47 -28.79 -0.96
C LEU A 116 13.57 -27.69 -0.40
N CYS A 117 12.37 -28.04 0.09
CA CYS A 117 11.45 -27.04 0.63
C CYS A 117 12.07 -26.39 1.88
N LYS A 118 12.72 -27.17 2.76
CA LYS A 118 13.30 -26.59 3.98
C LYS A 118 14.40 -25.60 3.59
N GLU A 119 15.13 -25.90 2.54
CA GLU A 119 16.17 -24.99 2.06
C GLU A 119 15.57 -23.73 1.41
N MET A 120 14.44 -23.82 0.72
CA MET A 120 13.80 -22.61 0.19
C MET A 120 13.29 -21.70 1.32
N VAL A 121 12.83 -22.29 2.42
CA VAL A 121 12.44 -21.48 3.56
C VAL A 121 13.68 -20.81 4.16
N THR A 122 14.78 -21.51 4.31
CA THR A 122 16.05 -20.96 4.79
C THR A 122 16.47 -19.78 3.91
N PHE A 123 16.32 -19.99 2.59
CA PHE A 123 16.61 -18.96 1.63
C PHE A 123 15.88 -17.66 1.91
N LEU A 124 14.55 -17.77 2.07
CA LEU A 124 13.76 -16.61 2.42
C LEU A 124 14.22 -16.01 3.76
N ASP A 125 14.48 -16.86 4.76
CA ASP A 125 14.95 -16.36 6.05
C ASP A 125 16.22 -15.49 5.90
N LYS A 126 17.23 -15.97 5.15
N LYS A 126 17.22 -16.00 5.16
CA LYS A 126 18.48 -15.23 5.09
CA LYS A 126 18.50 -15.32 5.01
C LYS A 126 18.36 -13.98 4.22
C LYS A 126 18.35 -14.01 4.22
N LEU A 127 17.44 -13.96 3.25
CA LEU A 127 17.15 -12.73 2.50
C LEU A 127 16.27 -11.76 3.28
N GLY A 128 15.73 -12.19 4.44
CA GLY A 128 14.84 -11.36 5.22
C GLY A 128 13.45 -11.15 4.64
N LEU A 129 12.92 -12.16 3.95
CA LEU A 129 11.64 -12.12 3.31
C LEU A 129 10.63 -12.94 4.13
N SER A 130 9.58 -12.29 4.60
CA SER A 130 8.57 -13.05 5.34
C SER A 130 7.74 -13.95 4.44
N GLN A 131 7.49 -13.50 3.22
CA GLN A 131 6.76 -14.30 2.27
C GLN A 131 7.33 -13.99 0.89
N ALA A 132 7.06 -14.93 -0.02
CA ALA A 132 7.10 -14.61 -1.44
C ALA A 132 5.96 -15.27 -2.16
N VAL A 133 5.70 -14.82 -3.37
CA VAL A 133 4.89 -15.53 -4.33
C VAL A 133 5.82 -16.58 -4.97
N PHE A 134 5.36 -17.81 -5.09
CA PHE A 134 6.14 -18.91 -5.69
C PHE A 134 5.48 -19.35 -6.96
N ILE A 135 6.24 -19.29 -8.06
CA ILE A 135 5.78 -19.69 -9.37
C ILE A 135 6.80 -20.72 -9.88
N GLY A 136 6.26 -21.88 -10.21
CA GLY A 136 7.12 -22.96 -10.67
C GLY A 136 6.63 -23.60 -11.95
N HIS A 137 7.54 -24.30 -12.62
CA HIS A 137 7.25 -25.06 -13.80
C HIS A 137 7.86 -26.44 -13.63
N ASP A 138 7.11 -27.48 -14.04
CA ASP A 138 7.67 -28.83 -14.08
C ASP A 138 8.09 -29.26 -12.67
N TRP A 139 9.34 -29.71 -12.44
CA TRP A 139 9.74 -30.09 -11.09
C TRP A 139 9.59 -28.91 -10.15
N GLY A 140 9.89 -27.70 -10.63
CA GLY A 140 9.70 -26.50 -9.83
C GLY A 140 8.24 -26.27 -9.46
N GLY A 141 7.34 -26.67 -10.34
CA GLY A 141 5.92 -26.60 -10.04
C GLY A 141 5.60 -27.55 -8.90
N MET A 142 6.16 -28.77 -8.95
CA MET A 142 5.91 -29.69 -7.86
C MET A 142 6.46 -29.12 -6.56
N LEU A 143 7.64 -28.51 -6.58
CA LEU A 143 8.17 -27.88 -5.37
C LEU A 143 7.23 -26.79 -4.84
N VAL A 144 6.70 -25.90 -5.67
CA VAL A 144 5.90 -24.79 -5.15
C VAL A 144 4.60 -25.32 -4.56
N TRP A 145 4.05 -26.43 -5.08
CA TRP A 145 2.89 -27.02 -4.43
C TRP A 145 3.22 -27.52 -3.02
N TYR A 146 4.38 -28.14 -2.80
N TYR A 146 4.33 -28.27 -2.87
CA TYR A 146 4.70 -28.64 -1.48
CA TYR A 146 4.80 -28.72 -1.57
C TYR A 146 5.19 -27.53 -0.56
C TYR A 146 4.91 -27.47 -0.66
N MET A 147 5.56 -26.39 -1.14
CA MET A 147 5.80 -25.21 -0.32
C MET A 147 4.47 -24.65 0.18
N ALA A 148 3.47 -24.63 -0.70
CA ALA A 148 2.14 -24.12 -0.39
C ALA A 148 1.51 -25.00 0.70
N LEU A 149 1.69 -26.30 0.54
CA LEU A 149 1.15 -27.29 1.46
C LEU A 149 1.83 -27.25 2.84
N PHE A 150 3.16 -27.24 2.92
CA PHE A 150 3.87 -27.45 4.16
C PHE A 150 4.38 -26.15 4.78
N TYR A 151 4.43 -25.03 4.01
CA TYR A 151 4.90 -23.74 4.52
C TYR A 151 4.00 -22.61 4.04
N PRO A 152 2.66 -22.72 4.15
CA PRO A 152 1.79 -21.67 3.68
C PRO A 152 2.09 -20.29 4.30
N GLU A 153 2.63 -20.23 5.52
CA GLU A 153 2.90 -18.96 6.18
C GLU A 153 3.98 -18.18 5.41
N ARG A 154 4.77 -18.87 4.57
CA ARG A 154 5.87 -18.23 3.83
C ARG A 154 5.50 -18.03 2.36
N VAL A 155 4.35 -18.51 1.94
CA VAL A 155 3.94 -18.45 0.54
C VAL A 155 2.72 -17.53 0.42
N ARG A 156 2.94 -16.38 -0.22
CA ARG A 156 1.89 -15.37 -0.37
C ARG A 156 0.80 -15.88 -1.30
N ALA A 157 1.25 -16.54 -2.38
CA ALA A 157 0.39 -17.09 -3.39
C ALA A 157 1.28 -18.06 -4.19
N VAL A 158 0.63 -18.99 -4.89
CA VAL A 158 1.36 -20.05 -5.58
C VAL A 158 0.81 -20.21 -7.00
N ALA A 159 1.71 -20.36 -8.01
CA ALA A 159 1.29 -20.64 -9.37
C ALA A 159 2.16 -21.75 -9.93
N SER A 160 1.52 -22.69 -10.65
CA SER A 160 2.22 -23.75 -11.38
C SER A 160 1.94 -23.69 -12.86
N LEU A 161 3.02 -23.81 -13.68
CA LEU A 161 2.91 -24.07 -15.10
C LEU A 161 3.04 -25.57 -15.34
N ASN A 162 1.98 -26.16 -15.90
CA ASN A 162 1.93 -27.52 -16.41
C ASN A 162 1.76 -28.56 -15.30
N THR A 163 2.44 -28.42 -14.17
CA THR A 163 2.43 -29.45 -13.16
C THR A 163 1.20 -29.32 -12.27
N PRO A 164 0.39 -30.37 -12.18
CA PRO A 164 -0.80 -30.29 -11.33
C PRO A 164 -0.42 -30.63 -9.92
N PHE A 165 -1.36 -30.38 -9.02
CA PHE A 165 -1.23 -30.85 -7.65
C PHE A 165 -2.13 -32.07 -7.54
N ILE A 166 -1.57 -33.25 -7.19
CA ILE A 166 -2.43 -34.42 -6.97
C ILE A 166 -2.07 -35.03 -5.61
N PRO A 167 -3.06 -35.21 -4.73
CA PRO A 167 -2.79 -35.70 -3.37
C PRO A 167 -2.16 -37.09 -3.48
N ALA A 168 -1.24 -37.36 -2.56
CA ALA A 168 -0.62 -38.67 -2.49
C ALA A 168 -1.70 -39.71 -2.17
N ASN A 169 -1.50 -40.93 -2.67
CA ASN A 169 -2.33 -42.06 -2.30
C ASN A 169 -1.55 -42.92 -1.32
N PRO A 170 -1.91 -42.98 -0.02
CA PRO A 170 -1.12 -43.66 0.98
C PRO A 170 -1.13 -45.18 0.82
N ASN A 171 -2.03 -45.70 -0.01
CA ASN A 171 -2.11 -47.14 -0.20
C ASN A 171 -1.46 -47.59 -1.51
N MET A 172 -0.88 -46.65 -2.27
CA MET A 172 -0.25 -47.04 -3.52
C MET A 172 1.17 -46.47 -3.49
N SER A 173 2.18 -47.35 -3.45
CA SER A 173 3.58 -46.95 -3.57
C SER A 173 3.80 -46.26 -4.91
N PRO A 174 4.85 -45.43 -5.04
CA PRO A 174 5.23 -44.84 -6.33
C PRO A 174 5.41 -45.84 -7.49
N LEU A 175 6.04 -46.98 -7.20
CA LEU A 175 6.32 -48.00 -8.19
C LEU A 175 5.01 -48.66 -8.62
N GLU A 176 4.12 -48.89 -7.65
CA GLU A 176 2.80 -49.44 -7.94
C GLU A 176 2.05 -48.44 -8.80
N SER A 177 2.28 -47.13 -8.57
CA SER A 177 1.56 -46.06 -9.27
C SER A 177 2.03 -45.94 -10.71
N ILE A 178 3.32 -46.18 -10.92
CA ILE A 178 3.89 -46.21 -12.26
C ILE A 178 3.36 -47.44 -13.02
N LYS A 179 3.46 -48.64 -12.43
CA LYS A 179 2.98 -49.86 -13.10
C LYS A 179 1.51 -49.72 -13.47
N ALA A 180 0.65 -49.54 -12.47
CA ALA A 180 -0.77 -49.28 -12.65
C ALA A 180 -1.06 -48.32 -13.79
N ASN A 181 -0.39 -47.15 -13.84
CA ASN A 181 -0.67 -46.18 -14.89
C ASN A 181 0.64 -45.60 -15.44
N PRO A 182 1.26 -46.19 -16.51
CA PRO A 182 2.69 -46.00 -16.85
C PRO A 182 3.02 -44.76 -17.68
N VAL A 183 2.31 -43.67 -17.38
CA VAL A 183 2.45 -42.43 -18.12
C VAL A 183 3.83 -41.84 -17.86
N PHE A 184 4.26 -41.90 -16.59
CA PHE A 184 5.55 -41.37 -16.17
C PHE A 184 6.63 -42.47 -16.15
N ASP A 185 6.44 -43.58 -16.86
CA ASP A 185 7.38 -44.69 -16.75
C ASP A 185 8.78 -44.34 -17.29
N TYR A 186 8.98 -43.23 -18.05
CA TYR A 186 10.33 -42.83 -18.40
C TYR A 186 11.15 -42.57 -17.13
N GLN A 187 10.47 -42.28 -16.03
CA GLN A 187 11.14 -42.00 -14.77
C GLN A 187 11.86 -43.22 -14.21
N LEU A 188 11.49 -44.45 -14.62
CA LEU A 188 12.25 -45.65 -14.27
C LEU A 188 13.66 -45.63 -14.86
N TYR A 189 13.81 -45.08 -16.08
CA TYR A 189 15.12 -44.97 -16.71
C TYR A 189 16.02 -44.04 -15.91
N PHE A 190 15.41 -43.06 -15.25
CA PHE A 190 16.18 -42.10 -14.45
C PHE A 190 16.61 -42.62 -13.07
N GLN A 191 16.20 -43.82 -12.65
CA GLN A 191 16.43 -44.24 -11.26
C GLN A 191 17.88 -44.64 -10.97
N GLU A 192 18.50 -45.44 -11.85
CA GLU A 192 19.79 -46.03 -11.49
C GLU A 192 20.92 -45.02 -11.69
N PRO A 193 21.63 -44.57 -10.63
CA PRO A 193 22.71 -43.59 -10.82
C PRO A 193 23.76 -44.02 -11.83
N GLY A 194 24.01 -43.14 -12.80
CA GLY A 194 25.01 -43.33 -13.85
C GLY A 194 24.43 -43.64 -15.23
N VAL A 195 23.23 -44.23 -15.30
CA VAL A 195 22.67 -44.68 -16.55
C VAL A 195 22.18 -43.49 -17.39
N ALA A 196 21.19 -42.75 -16.92
CA ALA A 196 20.76 -41.60 -17.69
C ALA A 196 21.85 -40.52 -17.75
N GLU A 197 22.70 -40.43 -16.73
CA GLU A 197 23.78 -39.44 -16.80
C GLU A 197 24.66 -39.67 -18.03
N ALA A 198 25.03 -40.93 -18.29
CA ALA A 198 25.93 -41.19 -19.41
C ALA A 198 25.30 -40.73 -20.73
N GLU A 199 23.98 -40.88 -20.88
CA GLU A 199 23.33 -40.51 -22.12
C GLU A 199 23.25 -38.98 -22.19
N LEU A 200 22.79 -38.33 -21.10
CA LEU A 200 22.54 -36.88 -21.17
C LEU A 200 23.83 -36.07 -21.21
N GLU A 201 24.93 -36.55 -20.59
CA GLU A 201 26.22 -35.84 -20.55
C GLU A 201 27.09 -36.12 -21.79
N GLN A 202 26.71 -37.07 -22.65
CA GLN A 202 27.55 -37.50 -23.77
C GLN A 202 27.81 -36.34 -24.72
N ASN A 203 26.77 -35.54 -25.00
CA ASN A 203 26.80 -34.49 -26.00
C ASN A 203 25.76 -33.45 -25.60
N LEU A 204 26.20 -32.51 -24.77
CA LEU A 204 25.26 -31.56 -24.16
C LEU A 204 24.50 -30.74 -25.21
N SER A 205 25.15 -30.32 -26.30
N SER A 205 25.14 -30.31 -26.31
CA SER A 205 24.46 -29.60 -27.34
CA SER A 205 24.43 -29.60 -27.37
C SER A 205 23.32 -30.45 -27.91
C SER A 205 23.29 -30.46 -27.92
N ARG A 206 23.60 -31.73 -28.19
CA ARG A 206 22.57 -32.64 -28.69
C ARG A 206 21.48 -32.82 -27.65
N THR A 207 21.87 -32.99 -26.37
CA THR A 207 20.87 -33.10 -25.33
C THR A 207 19.84 -31.96 -25.42
N PHE A 208 20.29 -30.72 -25.36
CA PHE A 208 19.39 -29.58 -25.28
C PHE A 208 18.67 -29.33 -26.59
N LYS A 209 19.33 -29.54 -27.73
CA LYS A 209 18.62 -29.35 -28.98
C LYS A 209 17.52 -30.42 -29.17
N SER A 210 17.75 -31.60 -28.64
CA SER A 210 16.80 -32.71 -28.71
C SER A 210 15.58 -32.45 -27.82
N LEU A 211 15.81 -31.93 -26.60
CA LEU A 211 14.72 -31.72 -25.64
C LEU A 211 13.92 -30.47 -25.94
N PHE A 212 14.58 -29.35 -26.17
CA PHE A 212 13.94 -28.04 -26.22
C PHE A 212 13.35 -27.80 -27.59
N ARG A 213 12.16 -28.42 -27.82
CA ARG A 213 11.52 -28.32 -29.13
C ARG A 213 10.03 -28.07 -28.91
N ALA A 214 9.37 -27.43 -29.88
CA ALA A 214 7.91 -27.44 -29.91
C ALA A 214 7.40 -28.87 -30.11
N SER A 215 6.16 -29.07 -29.65
N SER A 215 6.15 -29.12 -29.69
CA SER A 215 5.48 -30.34 -29.72
CA SER A 215 5.65 -30.48 -29.72
C SER A 215 5.62 -30.97 -31.12
C SER A 215 5.59 -31.02 -31.14
N ASP A 216 5.27 -30.14 -32.10
CA ASP A 216 5.22 -30.55 -33.50
C ASP A 216 6.61 -30.81 -34.09
N GLU A 217 7.67 -30.47 -33.36
CA GLU A 217 9.06 -30.64 -33.78
C GLU A 217 9.72 -31.78 -33.02
N SER A 218 8.96 -32.50 -32.18
N SER A 218 8.97 -32.52 -32.19
CA SER A 218 9.54 -33.53 -31.34
CA SER A 218 9.59 -33.48 -31.30
C SER A 218 10.38 -34.50 -32.16
C SER A 218 10.31 -34.58 -32.08
N VAL A 219 11.47 -34.99 -31.56
CA VAL A 219 12.29 -36.02 -32.16
C VAL A 219 12.33 -37.25 -31.28
N LEU A 220 11.57 -37.26 -30.18
CA LEU A 220 11.54 -38.38 -29.28
C LEU A 220 10.22 -38.38 -28.54
N SER A 221 9.84 -39.54 -28.01
CA SER A 221 8.62 -39.66 -27.23
C SER A 221 8.96 -40.10 -25.79
N MET A 222 8.52 -39.31 -24.80
CA MET A 222 8.87 -39.63 -23.42
C MET A 222 8.19 -40.95 -23.03
N HIS A 223 7.06 -41.25 -23.69
CA HIS A 223 6.35 -42.51 -23.47
C HIS A 223 7.12 -43.72 -24.01
N LYS A 224 8.13 -43.54 -24.84
CA LYS A 224 8.81 -44.72 -25.42
C LYS A 224 10.20 -44.94 -24.83
N VAL A 225 10.57 -44.13 -23.82
CA VAL A 225 11.93 -44.13 -23.31
C VAL A 225 12.28 -45.47 -22.69
N CYS A 226 11.39 -46.00 -21.85
CA CYS A 226 11.64 -47.26 -21.17
C CYS A 226 11.90 -48.40 -22.14
N GLU A 227 11.02 -48.49 -23.14
CA GLU A 227 11.09 -49.54 -24.15
C GLU A 227 12.45 -49.51 -24.84
N ALA A 228 12.94 -48.31 -25.16
CA ALA A 228 14.11 -48.16 -26.03
C ALA A 228 15.43 -48.16 -25.26
N GLY A 229 15.41 -47.93 -23.94
CA GLY A 229 16.62 -47.86 -23.12
C GLY A 229 17.32 -46.49 -23.21
N GLY A 230 16.56 -45.45 -23.53
CA GLY A 230 17.13 -44.12 -23.58
C GLY A 230 16.24 -43.10 -24.28
N LEU A 231 16.60 -41.84 -24.05
CA LEU A 231 15.89 -40.72 -24.62
C LEU A 231 16.23 -40.54 -26.08
N PHE A 232 17.49 -40.73 -26.48
CA PHE A 232 17.95 -40.24 -27.77
C PHE A 232 18.40 -41.41 -28.64
N VAL A 233 18.01 -42.62 -28.25
CA VAL A 233 18.53 -43.80 -28.92
C VAL A 233 18.06 -43.85 -30.37
N ASN A 234 16.86 -43.31 -30.64
CA ASN A 234 16.32 -43.25 -31.99
C ASN A 234 16.18 -41.84 -32.54
N SER A 235 16.91 -40.86 -32.01
CA SER A 235 16.76 -39.50 -32.48
C SER A 235 18.03 -39.07 -33.21
N PRO A 236 17.97 -37.98 -34.00
CA PRO A 236 19.10 -37.55 -34.84
C PRO A 236 20.38 -37.34 -34.04
N GLU A 237 21.54 -37.68 -34.64
CA GLU A 237 22.83 -37.45 -34.01
C GLU A 237 23.11 -35.95 -34.01
N GLU A 238 22.68 -35.28 -35.05
CA GLU A 238 22.86 -33.84 -35.22
C GLU A 238 21.49 -33.21 -35.42
N PRO A 239 20.70 -32.99 -34.36
CA PRO A 239 19.38 -32.40 -34.55
C PRO A 239 19.42 -30.93 -34.97
N SER A 240 18.40 -30.53 -35.71
CA SER A 240 18.19 -29.15 -36.09
C SER A 240 17.79 -28.30 -34.88
N LEU A 241 17.87 -26.99 -35.05
CA LEU A 241 17.52 -26.06 -34.01
C LEU A 241 16.01 -25.88 -34.06
N SER A 242 15.34 -26.07 -32.93
CA SER A 242 13.94 -25.70 -32.78
C SER A 242 13.70 -24.22 -33.07
N ARG A 243 12.55 -23.93 -33.67
CA ARG A 243 12.08 -22.57 -33.84
C ARG A 243 12.00 -21.81 -32.51
N MET A 244 12.00 -22.51 -31.34
CA MET A 244 11.84 -21.83 -30.06
C MET A 244 13.12 -21.19 -29.54
N VAL A 245 14.30 -21.64 -30.04
CA VAL A 245 15.55 -21.27 -29.41
C VAL A 245 16.61 -20.98 -30.45
N THR A 246 17.55 -20.14 -30.03
CA THR A 246 18.71 -19.86 -30.85
C THR A 246 19.89 -20.73 -30.43
N GLU A 247 20.90 -20.79 -31.31
CA GLU A 247 22.14 -21.45 -31.00
C GLU A 247 22.80 -20.90 -29.73
N GLU A 248 22.81 -19.57 -29.60
CA GLU A 248 23.41 -18.92 -28.44
C GLU A 248 22.68 -19.31 -27.17
N GLU A 249 21.35 -19.48 -27.26
CA GLU A 249 20.56 -19.90 -26.09
C GLU A 249 20.89 -21.34 -25.69
N ILE A 250 20.98 -22.23 -26.69
CA ILE A 250 21.41 -23.61 -26.41
C ILE A 250 22.77 -23.58 -25.73
N GLN A 251 23.69 -22.78 -26.26
CA GLN A 251 25.03 -22.81 -25.74
C GLN A 251 25.15 -22.33 -24.28
N PHE A 252 24.22 -21.46 -23.88
CA PHE A 252 24.16 -21.08 -22.47
C PHE A 252 23.82 -22.29 -21.59
N TYR A 253 22.79 -23.05 -21.97
CA TYR A 253 22.49 -24.26 -21.22
C TYR A 253 23.71 -25.21 -21.19
N VAL A 254 24.36 -25.38 -22.34
CA VAL A 254 25.53 -26.25 -22.37
C VAL A 254 26.57 -25.79 -21.35
N GLN A 255 26.86 -24.51 -21.35
CA GLN A 255 27.87 -24.02 -20.43
C GLN A 255 27.44 -24.22 -18.98
N GLN A 256 26.15 -24.02 -18.67
CA GLN A 256 25.71 -24.19 -17.32
C GLN A 256 25.86 -25.66 -16.86
N PHE A 257 25.52 -26.61 -17.73
CA PHE A 257 25.52 -28.02 -17.31
C PHE A 257 26.94 -28.64 -17.30
N LYS A 258 27.92 -27.90 -17.77
CA LYS A 258 29.31 -28.36 -17.66
C LYS A 258 29.80 -28.27 -16.21
N LYS A 259 29.14 -27.43 -15.39
CA LYS A 259 29.60 -27.20 -14.04
C LYS A 259 29.42 -28.46 -13.21
N SER A 260 28.23 -29.09 -13.20
CA SER A 260 27.92 -30.19 -12.30
C SER A 260 27.28 -31.36 -13.07
N GLY A 261 26.93 -31.15 -14.32
CA GLY A 261 26.30 -32.21 -15.09
C GLY A 261 24.91 -32.57 -14.60
N PHE A 262 24.53 -33.84 -14.83
CA PHE A 262 23.15 -34.25 -14.65
C PHE A 262 22.86 -35.04 -13.38
N ARG A 263 23.84 -35.41 -12.53
CA ARG A 263 23.53 -36.22 -11.36
C ARG A 263 22.56 -35.47 -10.44
N GLY A 264 22.86 -34.21 -10.08
CA GLY A 264 21.98 -33.52 -9.16
C GLY A 264 20.55 -33.39 -9.72
N PRO A 265 20.45 -32.89 -10.98
CA PRO A 265 19.15 -32.78 -11.64
C PRO A 265 18.40 -34.12 -11.60
N LEU A 266 19.06 -35.21 -11.98
CA LEU A 266 18.39 -36.48 -12.00
C LEU A 266 18.02 -36.96 -10.60
N ASN A 267 18.79 -36.53 -9.59
CA ASN A 267 18.48 -36.94 -8.23
C ASN A 267 17.13 -36.46 -7.76
N TRP A 268 16.56 -35.43 -8.40
CA TRP A 268 15.21 -35.00 -8.08
C TRP A 268 14.21 -36.15 -8.27
N TYR A 269 14.52 -37.09 -9.20
CA TYR A 269 13.63 -38.20 -9.49
C TYR A 269 13.90 -39.42 -8.61
N ARG A 270 14.91 -39.36 -7.75
CA ARG A 270 15.41 -40.60 -7.11
C ARG A 270 15.02 -40.66 -5.63
N ASN A 271 13.99 -39.89 -5.26
CA ASN A 271 13.49 -39.81 -3.91
C ASN A 271 12.01 -40.13 -3.89
N MET A 272 11.55 -41.10 -4.72
CA MET A 272 10.14 -41.28 -4.89
C MET A 272 9.47 -41.71 -3.59
N GLU A 273 10.13 -42.67 -2.89
CA GLU A 273 9.51 -43.25 -1.71
C GLU A 273 9.50 -42.19 -0.59
N ARG A 274 10.60 -41.47 -0.46
CA ARG A 274 10.73 -40.45 0.56
C ARG A 274 9.70 -39.34 0.35
N ASN A 275 9.53 -38.94 -0.91
CA ASN A 275 8.61 -37.86 -1.21
C ASN A 275 7.17 -38.28 -0.97
N TRP A 276 6.88 -39.51 -1.33
CA TRP A 276 5.54 -40.04 -1.12
C TRP A 276 5.21 -40.09 0.38
N LYS A 277 6.12 -40.56 1.21
CA LYS A 277 5.90 -40.62 2.66
C LYS A 277 5.66 -39.24 3.25
N TRP A 278 6.43 -38.26 2.78
CA TRP A 278 6.30 -36.89 3.29
C TRP A 278 4.95 -36.35 2.89
N ALA A 279 4.59 -36.48 1.59
CA ALA A 279 3.34 -36.02 1.07
C ALA A 279 2.17 -36.63 1.85
N CYS A 280 2.32 -37.92 2.22
CA CYS A 280 1.23 -38.59 2.90
C CYS A 280 0.93 -37.95 4.24
N LYS A 281 1.94 -37.34 4.88
CA LYS A 281 1.73 -36.62 6.13
C LYS A 281 0.83 -35.39 5.97
N SER A 282 0.46 -34.98 4.76
CA SER A 282 -0.30 -33.76 4.58
C SER A 282 -1.73 -34.02 4.10
N LEU A 283 -2.08 -35.29 3.89
CA LEU A 283 -3.37 -35.57 3.28
C LEU A 283 -4.52 -34.97 4.09
N GLY A 284 -5.54 -34.48 3.37
CA GLY A 284 -6.72 -33.90 3.98
C GLY A 284 -6.61 -32.38 4.06
N ARG A 285 -5.43 -31.87 4.45
CA ARG A 285 -5.33 -30.42 4.64
C ARG A 285 -5.41 -29.81 3.24
N LYS A 286 -6.04 -28.64 3.10
CA LYS A 286 -6.28 -28.02 1.81
C LYS A 286 -5.26 -26.90 1.60
N ILE A 287 -5.23 -26.35 0.38
CA ILE A 287 -4.49 -25.13 0.07
C ILE A 287 -5.48 -23.98 -0.09
N LEU A 288 -5.41 -23.00 0.82
CA LEU A 288 -6.41 -21.95 0.89
C LEU A 288 -5.83 -20.59 0.48
N ILE A 289 -4.49 -20.52 0.33
CA ILE A 289 -3.84 -19.34 -0.20
C ILE A 289 -4.15 -19.19 -1.68
N PRO A 290 -4.03 -17.99 -2.30
CA PRO A 290 -4.35 -17.83 -3.69
C PRO A 290 -3.46 -18.74 -4.55
N ALA A 291 -4.08 -19.40 -5.53
CA ALA A 291 -3.38 -20.40 -6.32
C ALA A 291 -3.80 -20.30 -7.76
N LEU A 292 -2.86 -20.56 -8.71
CA LEU A 292 -3.09 -20.52 -10.14
C LEU A 292 -2.50 -21.79 -10.75
N MET A 293 -3.29 -22.45 -11.56
CA MET A 293 -2.84 -23.60 -12.33
C MET A 293 -2.95 -23.24 -13.79
N VAL A 294 -1.83 -23.36 -14.53
CA VAL A 294 -1.82 -23.02 -15.95
C VAL A 294 -1.51 -24.27 -16.76
N THR A 295 -2.40 -24.69 -17.66
CA THR A 295 -2.19 -25.87 -18.48
C THR A 295 -1.70 -25.48 -19.86
N ALA A 296 -1.09 -26.45 -20.55
CA ALA A 296 -0.50 -26.31 -21.86
C ALA A 296 -1.05 -27.39 -22.78
N GLU A 297 -1.73 -26.95 -23.82
CA GLU A 297 -2.56 -27.86 -24.61
C GLU A 297 -1.75 -29.01 -25.18
N LYS A 298 -0.48 -28.79 -25.55
CA LYS A 298 0.30 -29.75 -26.28
C LYS A 298 1.47 -30.27 -25.45
N ASP A 299 1.40 -30.14 -24.11
CA ASP A 299 2.28 -30.93 -23.24
C ASP A 299 1.71 -32.35 -23.15
N PHE A 300 2.38 -33.33 -23.76
CA PHE A 300 1.87 -34.68 -23.83
C PHE A 300 2.30 -35.51 -22.63
N VAL A 301 3.09 -34.93 -21.71
CA VAL A 301 3.41 -35.62 -20.48
C VAL A 301 2.59 -35.06 -19.34
N LEU A 302 2.63 -33.75 -19.15
CA LEU A 302 1.79 -33.13 -18.14
C LEU A 302 0.57 -32.53 -18.82
N VAL A 303 -0.39 -33.42 -19.09
CA VAL A 303 -1.54 -33.11 -19.93
C VAL A 303 -2.52 -32.29 -19.11
N PRO A 304 -3.28 -31.40 -19.76
CA PRO A 304 -4.23 -30.56 -19.04
C PRO A 304 -5.16 -31.34 -18.13
N GLN A 305 -5.66 -32.49 -18.63
CA GLN A 305 -6.61 -33.28 -17.85
C GLN A 305 -6.09 -33.75 -16.49
N MET A 306 -4.77 -33.84 -16.28
CA MET A 306 -4.23 -34.27 -15.00
C MET A 306 -4.58 -33.33 -13.86
N SER A 307 -4.92 -32.08 -14.22
CA SER A 307 -5.23 -31.05 -13.25
C SER A 307 -6.72 -31.04 -12.91
N GLN A 308 -7.54 -31.88 -13.52
CA GLN A 308 -8.96 -31.77 -13.21
C GLN A 308 -9.18 -32.16 -11.73
N HIS A 309 -10.09 -31.46 -11.07
CA HIS A 309 -10.50 -31.73 -9.70
C HIS A 309 -9.53 -31.18 -8.66
N MET A 310 -8.51 -30.41 -9.09
N MET A 310 -8.51 -30.40 -9.08
CA MET A 310 -7.65 -29.75 -8.12
CA MET A 310 -7.65 -29.77 -8.08
C MET A 310 -8.46 -28.85 -7.19
C MET A 310 -8.46 -28.84 -7.18
N GLU A 311 -9.58 -28.30 -7.67
CA GLU A 311 -10.45 -27.46 -6.85
C GLU A 311 -10.88 -28.16 -5.55
N ASP A 312 -10.97 -29.50 -5.57
CA ASP A 312 -11.33 -30.23 -4.35
C ASP A 312 -10.35 -30.00 -3.21
N TRP A 313 -9.09 -29.68 -3.51
CA TRP A 313 -8.11 -29.47 -2.46
C TRP A 313 -7.63 -28.02 -2.42
N ILE A 314 -7.98 -27.22 -3.43
CA ILE A 314 -7.58 -25.82 -3.53
C ILE A 314 -8.82 -25.01 -3.91
N PRO A 315 -9.57 -24.55 -2.88
CA PRO A 315 -10.80 -23.78 -3.07
C PRO A 315 -10.58 -22.44 -3.77
N HIS A 316 -9.45 -21.80 -3.48
CA HIS A 316 -9.13 -20.53 -4.10
C HIS A 316 -8.31 -20.74 -5.38
N LEU A 317 -8.69 -21.71 -6.24
CA LEU A 317 -7.87 -22.03 -7.41
C LEU A 317 -8.39 -21.22 -8.58
N LYS A 318 -7.49 -20.48 -9.22
CA LYS A 318 -7.71 -19.88 -10.52
C LYS A 318 -6.96 -20.66 -11.59
N ARG A 319 -7.39 -20.51 -12.84
CA ARG A 319 -6.87 -21.27 -13.95
C ARG A 319 -6.45 -20.39 -15.11
N GLY A 320 -5.47 -20.89 -15.87
CA GLY A 320 -5.20 -20.40 -17.20
C GLY A 320 -4.84 -21.56 -18.11
N HIS A 321 -4.86 -21.35 -19.43
CA HIS A 321 -4.61 -22.38 -20.41
C HIS A 321 -3.97 -21.71 -21.61
N ILE A 322 -2.97 -22.36 -22.21
CA ILE A 322 -2.28 -21.86 -23.37
C ILE A 322 -2.45 -22.88 -24.50
N GLU A 323 -3.09 -22.42 -25.59
CA GLU A 323 -3.17 -23.23 -26.78
C GLU A 323 -1.82 -23.30 -27.50
N ASP A 324 -1.62 -24.32 -28.31
CA ASP A 324 -0.48 -24.45 -29.19
C ASP A 324 0.84 -24.37 -28.41
N CYS A 325 0.84 -24.93 -27.19
CA CYS A 325 1.95 -24.79 -26.26
C CYS A 325 2.30 -26.16 -25.72
N GLY A 326 3.59 -26.47 -25.82
CA GLY A 326 4.11 -27.77 -25.41
C GLY A 326 4.65 -27.69 -23.98
N HIS A 327 5.56 -28.58 -23.70
CA HIS A 327 6.07 -28.71 -22.36
C HIS A 327 6.89 -27.50 -21.94
N TRP A 328 7.64 -26.87 -22.87
CA TRP A 328 8.61 -25.80 -22.52
C TRP A 328 7.93 -24.44 -22.50
N THR A 329 6.97 -24.27 -21.59
CA THR A 329 5.91 -23.29 -21.66
C THR A 329 6.48 -21.89 -21.81
N GLN A 330 7.50 -21.56 -21.02
CA GLN A 330 7.99 -20.18 -20.97
C GLN A 330 8.61 -19.75 -22.28
N MET A 331 9.27 -20.68 -22.96
CA MET A 331 9.91 -20.27 -24.19
C MET A 331 9.05 -20.57 -25.42
N ASP A 332 8.03 -21.41 -25.29
CA ASP A 332 7.17 -21.71 -26.42
C ASP A 332 6.21 -20.53 -26.60
N LYS A 333 5.56 -20.10 -25.51
CA LYS A 333 4.55 -19.07 -25.53
C LYS A 333 4.83 -17.97 -24.48
N PRO A 334 5.97 -17.27 -24.58
CA PRO A 334 6.31 -16.35 -23.49
C PRO A 334 5.34 -15.21 -23.30
N THR A 335 4.81 -14.66 -24.41
CA THR A 335 3.87 -13.55 -24.30
C THR A 335 2.61 -13.96 -23.52
N GLU A 336 2.07 -15.14 -23.84
CA GLU A 336 0.87 -15.62 -23.17
C GLU A 336 1.16 -15.89 -21.69
N VAL A 337 2.33 -16.51 -21.39
CA VAL A 337 2.67 -16.76 -19.99
C VAL A 337 2.68 -15.44 -19.24
N ASN A 338 3.39 -14.45 -19.82
CA ASN A 338 3.54 -13.15 -19.17
C ASN A 338 2.18 -12.48 -18.89
N GLN A 339 1.28 -12.53 -19.89
CA GLN A 339 -0.08 -11.98 -19.74
C GLN A 339 -0.85 -12.65 -18.61
N ILE A 340 -0.82 -13.99 -18.59
CA ILE A 340 -1.50 -14.77 -17.57
C ILE A 340 -0.95 -14.48 -16.18
N LEU A 341 0.38 -14.58 -16.00
CA LEU A 341 0.96 -14.37 -14.71
C LEU A 341 0.75 -12.96 -14.18
N ILE A 342 0.93 -11.94 -15.03
CA ILE A 342 0.74 -10.59 -14.55
C ILE A 342 -0.73 -10.29 -14.19
N LYS A 343 -1.68 -10.77 -14.99
CA LYS A 343 -3.07 -10.57 -14.61
C LYS A 343 -3.33 -11.20 -13.24
N TRP A 344 -2.87 -12.44 -13.01
CA TRP A 344 -3.14 -13.14 -11.79
C TRP A 344 -2.44 -12.45 -10.63
N LEU A 345 -1.18 -12.04 -10.84
CA LEU A 345 -0.46 -11.38 -9.77
C LEU A 345 -1.15 -10.08 -9.37
N ASP A 346 -1.59 -9.32 -10.37
CA ASP A 346 -2.17 -8.00 -10.06
C ASP A 346 -3.50 -8.16 -9.33
N SER A 347 -4.17 -9.29 -9.55
CA SER A 347 -5.49 -9.51 -8.98
C SER A 347 -5.44 -10.23 -7.64
N ASP A 348 -4.74 -11.38 -7.55
CA ASP A 348 -4.92 -12.31 -6.44
C ASP A 348 -3.71 -12.42 -5.51
N ALA A 349 -2.57 -11.81 -5.86
CA ALA A 349 -1.42 -11.84 -4.97
C ALA A 349 -1.01 -10.43 -4.56
N ARG A 350 -1.90 -9.45 -4.80
CA ARG A 350 -1.62 -8.03 -4.62
C ARG A 350 -2.87 -7.22 -4.98
N LEU B 31 -32.63 7.75 -19.36
CA LEU B 31 -32.63 9.21 -19.60
C LEU B 31 -32.81 10.01 -18.29
N PRO B 32 -33.19 9.52 -17.09
CA PRO B 32 -32.96 10.33 -15.89
C PRO B 32 -31.45 10.56 -15.72
N THR B 33 -31.10 11.63 -15.01
CA THR B 33 -29.72 11.85 -14.60
C THR B 33 -29.14 10.62 -13.90
N SER B 34 -27.91 10.27 -14.20
CA SER B 34 -27.24 9.13 -13.59
C SER B 34 -26.18 9.64 -12.62
N CYS B 35 -25.29 8.73 -12.20
CA CYS B 35 -24.20 9.07 -11.27
C CYS B 35 -22.86 8.71 -11.88
N ASN B 36 -21.91 9.64 -11.70
CA ASN B 36 -20.52 9.37 -11.99
C ASN B 36 -19.87 9.00 -10.64
N PRO B 37 -19.38 7.77 -10.44
CA PRO B 37 -18.79 7.35 -9.17
C PRO B 37 -17.79 8.33 -8.57
N SER B 38 -16.91 8.91 -9.40
N SER B 38 -16.89 8.94 -9.37
CA SER B 38 -15.86 9.83 -8.96
CA SER B 38 -15.84 9.78 -8.79
C SER B 38 -16.43 11.09 -8.31
C SER B 38 -16.37 11.18 -8.42
N ASP B 39 -17.64 11.48 -8.69
CA ASP B 39 -18.26 12.72 -8.26
C ASP B 39 -19.16 12.55 -7.03
N MET B 40 -19.25 11.34 -6.47
CA MET B 40 -20.13 11.07 -5.35
C MET B 40 -19.33 11.22 -4.04
N SER B 41 -20.08 11.47 -2.98
CA SER B 41 -19.57 11.30 -1.62
C SER B 41 -19.60 9.82 -1.26
N HIS B 42 -18.42 9.30 -0.85
CA HIS B 42 -18.24 7.90 -0.50
C HIS B 42 -18.05 7.80 1.02
N GLY B 43 -18.95 7.05 1.66
CA GLY B 43 -18.90 6.87 3.09
C GLY B 43 -18.58 5.43 3.48
N TYR B 44 -17.95 5.27 4.68
CA TYR B 44 -17.52 3.99 5.18
C TYR B 44 -17.84 3.88 6.67
N VAL B 45 -18.55 2.85 7.06
CA VAL B 45 -18.85 2.64 8.47
C VAL B 45 -18.35 1.26 8.84
N THR B 46 -17.55 1.16 9.92
CA THR B 46 -17.16 -0.16 10.40
C THR B 46 -18.19 -0.64 11.41
N VAL B 47 -18.97 -1.67 11.08
CA VAL B 47 -20.06 -2.13 11.92
C VAL B 47 -19.57 -3.17 12.92
N LYS B 48 -18.47 -3.85 12.58
CA LYS B 48 -17.74 -4.66 13.54
C LYS B 48 -16.37 -4.88 12.96
N PRO B 49 -15.39 -5.38 13.75
CA PRO B 49 -14.00 -5.41 13.30
C PRO B 49 -13.73 -5.98 11.91
N ARG B 50 -14.43 -7.00 11.50
CA ARG B 50 -14.14 -7.50 10.15
C ARG B 50 -15.09 -6.97 9.06
N VAL B 51 -15.91 -5.96 9.36
CA VAL B 51 -16.93 -5.59 8.39
C VAL B 51 -17.10 -4.07 8.32
N ARG B 52 -16.67 -3.52 7.18
CA ARG B 52 -16.84 -2.10 6.89
C ARG B 52 -17.80 -2.01 5.68
N LEU B 53 -18.88 -1.25 5.85
CA LEU B 53 -19.85 -1.06 4.78
C LEU B 53 -19.61 0.27 4.10
N HIS B 54 -19.59 0.26 2.77
CA HIS B 54 -19.43 1.42 1.91
C HIS B 54 -20.79 1.83 1.33
N PHE B 55 -20.98 3.14 1.22
CA PHE B 55 -22.22 3.65 0.62
C PHE B 55 -21.82 4.92 -0.11
N VAL B 56 -22.69 5.39 -1.00
CA VAL B 56 -22.63 6.76 -1.51
C VAL B 56 -23.82 7.53 -0.97
N GLU B 57 -23.65 8.86 -0.81
CA GLU B 57 -24.65 9.67 -0.13
C GLU B 57 -24.88 10.96 -0.93
N LEU B 58 -26.15 11.28 -1.20
CA LEU B 58 -26.45 12.50 -1.96
C LEU B 58 -27.77 13.04 -1.44
N GLY B 59 -27.79 14.37 -1.22
CA GLY B 59 -29.05 15.01 -0.86
C GLY B 59 -29.15 15.34 0.63
N SER B 60 -30.14 16.19 0.91
CA SER B 60 -30.60 16.55 2.24
C SER B 60 -32.06 16.13 2.41
N GLY B 61 -32.45 15.90 3.67
CA GLY B 61 -33.81 15.50 3.94
C GLY B 61 -33.93 14.20 4.75
N PRO B 62 -35.14 13.60 4.80
CA PRO B 62 -35.33 12.32 5.48
C PRO B 62 -34.36 11.32 4.84
N ALA B 63 -33.68 10.51 5.67
CA ALA B 63 -32.76 9.49 5.20
C ALA B 63 -33.55 8.36 4.51
N VAL B 64 -33.03 7.93 3.34
CA VAL B 64 -33.59 6.86 2.53
C VAL B 64 -32.42 5.95 2.17
N CYS B 65 -32.49 4.69 2.59
N CYS B 65 -32.45 4.70 2.66
CA CYS B 65 -31.39 3.73 2.42
CA CYS B 65 -31.41 3.72 2.42
C CYS B 65 -31.77 2.72 1.32
C CYS B 65 -31.85 2.83 1.26
N LEU B 66 -30.98 2.71 0.23
CA LEU B 66 -31.25 1.86 -0.93
C LEU B 66 -30.36 0.61 -0.88
N CYS B 67 -30.99 -0.56 -1.01
CA CYS B 67 -30.33 -1.86 -0.82
C CYS B 67 -30.52 -2.73 -2.08
N HIS B 68 -29.43 -2.93 -2.83
CA HIS B 68 -29.43 -3.64 -4.12
C HIS B 68 -29.49 -5.17 -3.95
N GLY B 69 -29.66 -5.84 -5.10
CA GLY B 69 -29.79 -7.29 -5.20
C GLY B 69 -28.54 -8.02 -5.68
N PHE B 70 -28.80 -9.26 -6.09
CA PHE B 70 -27.68 -10.07 -6.61
C PHE B 70 -27.69 -10.13 -8.13
N PRO B 71 -26.53 -9.97 -8.81
CA PRO B 71 -25.23 -9.60 -8.29
C PRO B 71 -24.96 -8.18 -8.69
N GLU B 72 -25.32 -7.23 -7.81
CA GLU B 72 -25.36 -5.84 -8.24
C GLU B 72 -24.43 -4.96 -7.41
N SER B 73 -24.82 -3.70 -7.18
CA SER B 73 -23.92 -2.65 -6.76
C SER B 73 -24.78 -1.50 -6.23
N TRP B 74 -24.18 -0.57 -5.46
CA TRP B 74 -24.82 0.71 -5.25
C TRP B 74 -25.20 1.34 -6.59
N TYR B 75 -24.36 1.11 -7.60
CA TYR B 75 -24.52 1.77 -8.89
C TYR B 75 -25.77 1.26 -9.62
N SER B 76 -26.41 0.16 -9.20
CA SER B 76 -27.72 -0.24 -9.75
C SER B 76 -28.77 0.83 -9.52
N TRP B 77 -28.53 1.70 -8.52
CA TRP B 77 -29.48 2.76 -8.21
C TRP B 77 -29.10 4.10 -8.85
N ARG B 78 -28.18 4.11 -9.82
CA ARG B 78 -27.64 5.31 -10.43
C ARG B 78 -28.70 6.28 -10.96
N TYR B 79 -29.83 5.77 -11.42
CA TYR B 79 -30.89 6.65 -11.93
C TYR B 79 -31.84 7.14 -10.86
N GLN B 80 -31.85 6.50 -9.67
CA GLN B 80 -32.71 6.88 -8.57
C GLN B 80 -32.04 7.89 -7.65
N ILE B 81 -30.72 7.76 -7.46
CA ILE B 81 -30.03 8.59 -6.47
C ILE B 81 -30.27 10.06 -6.78
N PRO B 82 -29.98 10.58 -7.99
CA PRO B 82 -30.17 12.00 -8.24
C PRO B 82 -31.61 12.43 -8.12
N ALA B 83 -32.53 11.59 -8.61
CA ALA B 83 -33.93 11.95 -8.62
C ALA B 83 -34.45 12.10 -7.19
N LEU B 84 -34.12 11.14 -6.31
N LEU B 84 -34.13 11.12 -6.32
CA LEU B 84 -34.61 11.16 -4.95
CA LEU B 84 -34.62 11.13 -4.94
C LEU B 84 -34.02 12.32 -4.18
C LEU B 84 -34.01 12.29 -4.16
N ALA B 85 -32.73 12.59 -4.40
CA ALA B 85 -32.09 13.75 -3.76
C ALA B 85 -32.82 15.02 -4.18
N GLN B 86 -33.05 15.14 -5.49
CA GLN B 86 -33.68 16.34 -6.04
C GLN B 86 -35.07 16.49 -5.43
N ALA B 87 -35.78 15.40 -5.12
CA ALA B 87 -37.12 15.38 -4.56
C ALA B 87 -37.13 15.73 -3.07
N GLY B 88 -35.96 15.91 -2.46
CA GLY B 88 -35.91 16.34 -1.07
C GLY B 88 -35.55 15.26 -0.06
N TYR B 89 -34.72 14.29 -0.48
CA TYR B 89 -34.35 13.17 0.39
C TYR B 89 -32.82 13.06 0.48
N ARG B 90 -32.38 12.53 1.64
CA ARG B 90 -30.99 12.20 1.86
C ARG B 90 -30.80 10.75 1.51
N VAL B 91 -30.15 10.48 0.36
CA VAL B 91 -30.09 9.13 -0.15
C VAL B 91 -28.77 8.46 0.23
N LEU B 92 -28.85 7.25 0.85
CA LEU B 92 -27.67 6.45 1.16
C LEU B 92 -27.79 5.16 0.35
N ALA B 93 -26.95 4.99 -0.68
CA ALA B 93 -27.02 3.83 -1.55
C ALA B 93 -25.88 2.90 -1.18
N MET B 94 -26.24 1.71 -0.66
CA MET B 94 -25.21 0.84 -0.11
C MET B 94 -24.51 0.04 -1.20
N ASP B 95 -23.26 -0.37 -0.91
CA ASP B 95 -22.74 -1.67 -1.33
C ASP B 95 -23.10 -2.68 -0.25
N MET B 96 -23.92 -3.66 -0.54
CA MET B 96 -24.29 -4.60 0.47
C MET B 96 -23.09 -5.47 0.85
N LYS B 97 -23.17 -6.07 2.03
CA LYS B 97 -22.08 -6.93 2.44
C LYS B 97 -21.78 -7.96 1.34
N GLY B 98 -20.49 -8.09 1.07
CA GLY B 98 -19.98 -8.99 0.03
C GLY B 98 -19.64 -8.28 -1.26
N TYR B 99 -20.03 -7.01 -1.42
CA TYR B 99 -19.98 -6.34 -2.71
C TYR B 99 -19.12 -5.09 -2.72
N GLY B 100 -18.46 -4.85 -3.84
CA GLY B 100 -17.89 -3.56 -4.13
C GLY B 100 -16.84 -3.23 -3.08
N GLU B 101 -16.94 -2.03 -2.51
CA GLU B 101 -15.98 -1.61 -1.49
C GLU B 101 -16.40 -1.99 -0.08
N SER B 102 -17.50 -2.72 0.10
CA SER B 102 -17.87 -3.30 1.37
C SER B 102 -17.07 -4.57 1.60
N SER B 103 -16.80 -4.84 2.88
CA SER B 103 -16.10 -6.07 3.27
C SER B 103 -16.82 -7.30 2.72
N ALA B 104 -16.01 -8.34 2.52
CA ALA B 104 -16.49 -9.58 1.94
C ALA B 104 -15.80 -10.72 2.69
N PRO B 105 -16.09 -10.89 3.98
CA PRO B 105 -15.50 -12.00 4.72
C PRO B 105 -15.92 -13.32 4.09
N PRO B 106 -15.08 -14.36 4.11
CA PRO B 106 -15.48 -15.60 3.44
C PRO B 106 -16.51 -16.52 4.11
N GLU B 107 -16.74 -16.38 5.42
CA GLU B 107 -17.58 -17.32 6.14
C GLU B 107 -19.03 -17.22 5.67
N ILE B 108 -19.64 -18.35 5.41
CA ILE B 108 -20.99 -18.32 4.93
C ILE B 108 -21.96 -17.63 5.89
N GLU B 109 -21.84 -17.87 7.20
CA GLU B 109 -22.85 -17.46 8.15
C GLU B 109 -22.84 -15.94 8.37
N GLU B 110 -21.80 -15.30 7.85
CA GLU B 110 -21.66 -13.86 7.85
C GLU B 110 -22.73 -13.25 6.95
N TYR B 111 -23.43 -14.06 6.18
CA TYR B 111 -24.37 -13.52 5.20
C TYR B 111 -25.79 -14.05 5.48
N CYS B 112 -26.10 -14.59 6.68
CA CYS B 112 -27.48 -14.91 7.01
C CYS B 112 -28.24 -13.62 7.30
N MET B 113 -29.54 -13.67 7.14
CA MET B 113 -30.39 -12.50 7.26
C MET B 113 -30.28 -11.87 8.64
N GLU B 114 -30.17 -12.72 9.68
CA GLU B 114 -30.11 -12.18 11.03
C GLU B 114 -28.90 -11.25 11.15
N VAL B 115 -27.74 -11.73 10.73
CA VAL B 115 -26.51 -10.97 10.81
C VAL B 115 -26.62 -9.71 9.95
N LEU B 116 -27.06 -9.87 8.70
CA LEU B 116 -27.12 -8.72 7.82
C LEU B 116 -28.03 -7.63 8.36
N CYS B 117 -29.17 -8.03 8.90
CA CYS B 117 -30.08 -7.04 9.49
C CYS B 117 -29.48 -6.38 10.71
N LYS B 118 -28.87 -7.19 11.61
CA LYS B 118 -28.25 -6.56 12.77
C LYS B 118 -27.13 -5.59 12.38
N GLU B 119 -26.39 -5.86 11.30
CA GLU B 119 -25.36 -4.94 10.85
C GLU B 119 -25.94 -3.64 10.28
N MET B 120 -27.07 -3.71 9.59
CA MET B 120 -27.78 -2.52 9.09
C MET B 120 -28.31 -1.64 10.24
N VAL B 121 -28.69 -2.27 11.37
CA VAL B 121 -29.10 -1.51 12.55
C VAL B 121 -27.87 -0.82 13.13
N THR B 122 -26.74 -1.52 13.24
CA THR B 122 -25.51 -0.94 13.74
C THR B 122 -25.10 0.23 12.83
N PHE B 123 -25.23 0.04 11.51
CA PHE B 123 -24.96 1.10 10.56
C PHE B 123 -25.75 2.38 10.90
N LEU B 124 -27.05 2.25 11.06
CA LEU B 124 -27.86 3.40 11.49
C LEU B 124 -27.34 3.98 12.80
N ASP B 125 -27.02 3.11 13.78
CA ASP B 125 -26.52 3.63 15.04
C ASP B 125 -25.25 4.47 14.87
N LYS B 126 -24.26 3.96 14.11
CA LYS B 126 -23.00 4.67 13.95
C LYS B 126 -23.13 5.97 13.17
N LEU B 127 -24.08 6.02 12.21
CA LEU B 127 -24.42 7.26 11.54
C LEU B 127 -25.28 8.20 12.37
N GLY B 128 -25.82 7.72 13.52
CA GLY B 128 -26.66 8.57 14.35
C GLY B 128 -28.01 8.82 13.74
N LEU B 129 -28.55 7.82 13.03
CA LEU B 129 -29.89 7.89 12.45
C LEU B 129 -30.85 7.04 13.27
N SER B 130 -31.90 7.67 13.81
N SER B 130 -31.88 7.69 13.82
CA SER B 130 -32.85 6.90 14.60
CA SER B 130 -32.91 6.99 14.58
C SER B 130 -33.73 6.01 13.72
C SER B 130 -33.67 5.99 13.69
N GLN B 131 -34.00 6.45 12.48
CA GLN B 131 -34.74 5.68 11.51
C GLN B 131 -34.23 6.04 10.13
N ALA B 132 -34.53 5.14 9.18
CA ALA B 132 -34.45 5.49 7.76
C ALA B 132 -35.59 4.81 7.03
N VAL B 133 -35.92 5.33 5.83
CA VAL B 133 -36.75 4.60 4.92
C VAL B 133 -35.84 3.59 4.22
N PHE B 134 -36.27 2.36 4.10
CA PHE B 134 -35.48 1.29 3.49
C PHE B 134 -36.21 0.87 2.21
N ILE B 135 -35.47 0.96 1.10
CA ILE B 135 -35.96 0.57 -0.21
C ILE B 135 -34.99 -0.47 -0.75
N GLY B 136 -35.56 -1.62 -1.10
CA GLY B 136 -34.73 -2.71 -1.59
C GLY B 136 -35.24 -3.30 -2.89
N HIS B 137 -34.32 -4.00 -3.53
CA HIS B 137 -34.64 -4.78 -4.73
C HIS B 137 -34.01 -6.19 -4.62
N ASP B 138 -34.75 -7.21 -5.07
CA ASP B 138 -34.15 -8.55 -5.13
C ASP B 138 -33.70 -8.95 -3.71
N TRP B 139 -32.48 -9.46 -3.52
CA TRP B 139 -32.05 -9.86 -2.17
C TRP B 139 -32.15 -8.65 -1.21
N GLY B 140 -31.85 -7.44 -1.71
CA GLY B 140 -32.05 -6.26 -0.90
C GLY B 140 -33.50 -6.04 -0.50
N GLY B 141 -34.49 -6.50 -1.32
CA GLY B 141 -35.90 -6.44 -0.99
C GLY B 141 -36.23 -7.42 0.12
N MET B 142 -35.63 -8.61 0.08
CA MET B 142 -35.83 -9.55 1.16
C MET B 142 -35.27 -8.97 2.45
N LEU B 143 -34.10 -8.33 2.40
CA LEU B 143 -33.51 -7.73 3.58
C LEU B 143 -34.39 -6.63 4.18
N VAL B 144 -34.93 -5.75 3.38
CA VAL B 144 -35.72 -4.65 3.94
C VAL B 144 -37.02 -5.20 4.52
N TRP B 145 -37.61 -6.26 3.96
CA TRP B 145 -38.76 -6.84 4.60
C TRP B 145 -38.43 -7.36 6.01
N TYR B 146 -37.27 -8.06 6.16
N TYR B 146 -37.25 -7.97 6.20
CA TYR B 146 -36.82 -8.58 7.44
CA TYR B 146 -36.89 -8.52 7.49
C TYR B 146 -36.61 -7.38 8.38
C TYR B 146 -36.41 -7.44 8.44
N MET B 147 -35.97 -6.32 7.88
CA MET B 147 -35.75 -5.13 8.72
C MET B 147 -37.08 -4.59 9.26
N ALA B 148 -38.08 -4.46 8.38
CA ALA B 148 -39.39 -3.95 8.76
C ALA B 148 -40.05 -4.86 9.78
N LEU B 149 -39.83 -6.16 9.63
CA LEU B 149 -40.47 -7.18 10.46
C LEU B 149 -39.85 -7.20 11.87
N PHE B 150 -38.52 -7.21 11.94
CA PHE B 150 -37.80 -7.40 13.20
C PHE B 150 -37.31 -6.10 13.84
N TYR B 151 -37.20 -5.00 13.07
CA TYR B 151 -36.68 -3.75 13.59
C TYR B 151 -37.56 -2.59 13.16
N PRO B 152 -38.90 -2.68 13.31
CA PRO B 152 -39.79 -1.64 12.84
C PRO B 152 -39.46 -0.29 13.44
N GLU B 153 -38.92 -0.26 14.67
CA GLU B 153 -38.64 0.99 15.34
C GLU B 153 -37.53 1.78 14.62
N ARG B 154 -36.74 1.13 13.75
CA ARG B 154 -35.67 1.74 12.99
C ARG B 154 -36.03 2.01 11.53
N VAL B 155 -37.19 1.58 11.14
CA VAL B 155 -37.61 1.62 9.74
C VAL B 155 -38.81 2.57 9.66
N ARG B 156 -38.60 3.77 9.09
CA ARG B 156 -39.70 4.72 9.02
C ARG B 156 -40.78 4.22 8.07
N ALA B 157 -40.32 3.60 6.99
CA ALA B 157 -41.17 3.03 5.93
C ALA B 157 -40.33 2.06 5.08
N VAL B 158 -41.00 1.12 4.41
CA VAL B 158 -40.29 0.09 3.65
C VAL B 158 -40.90 -0.05 2.26
N ALA B 159 -40.03 -0.15 1.25
CA ALA B 159 -40.46 -0.44 -0.10
C ALA B 159 -39.58 -1.53 -0.70
N SER B 160 -40.24 -2.42 -1.46
CA SER B 160 -39.55 -3.47 -2.19
C SER B 160 -39.90 -3.39 -3.67
N LEU B 161 -38.86 -3.52 -4.51
CA LEU B 161 -39.02 -3.76 -5.94
C LEU B 161 -38.88 -5.24 -6.19
N ASN B 162 -39.97 -5.83 -6.72
CA ASN B 162 -40.03 -7.20 -7.22
C ASN B 162 -40.17 -8.25 -6.12
N THR B 163 -39.40 -8.14 -5.03
CA THR B 163 -39.38 -9.21 -4.05
C THR B 163 -40.58 -9.08 -3.14
N PRO B 164 -41.41 -10.13 -3.02
CA PRO B 164 -42.57 -10.09 -2.15
C PRO B 164 -42.12 -10.39 -0.72
N PHE B 165 -43.00 -10.09 0.23
CA PHE B 165 -42.89 -10.67 1.55
C PHE B 165 -43.83 -11.85 1.69
N ILE B 166 -43.27 -13.02 2.02
CA ILE B 166 -44.09 -14.20 2.25
C ILE B 166 -43.71 -14.82 3.59
N PRO B 167 -44.67 -14.92 4.53
CA PRO B 167 -44.40 -15.48 5.86
C PRO B 167 -43.83 -16.89 5.78
N ALA B 168 -42.94 -17.19 6.72
CA ALA B 168 -42.31 -18.50 6.73
C ALA B 168 -43.36 -19.55 7.08
N ASN B 169 -43.18 -20.74 6.52
CA ASN B 169 -43.95 -21.92 6.87
C ASN B 169 -43.12 -22.78 7.80
N PRO B 170 -43.43 -22.85 9.12
CA PRO B 170 -42.58 -23.55 10.07
C PRO B 170 -42.64 -25.06 9.88
N ASN B 171 -43.57 -25.52 9.04
CA ASN B 171 -43.76 -26.96 8.84
C ASN B 171 -43.09 -27.45 7.56
N MET B 172 -42.37 -26.58 6.85
CA MET B 172 -41.69 -27.03 5.63
C MET B 172 -40.30 -26.44 5.54
N SER B 173 -39.29 -27.30 5.47
CA SER B 173 -37.92 -26.84 5.33
C SER B 173 -37.76 -26.17 3.97
N PRO B 174 -36.76 -25.29 3.83
CA PRO B 174 -36.45 -24.67 2.54
C PRO B 174 -36.20 -25.67 1.39
N LEU B 175 -35.49 -26.77 1.64
CA LEU B 175 -35.29 -27.82 0.64
C LEU B 175 -36.65 -28.40 0.25
N GLU B 176 -37.44 -28.76 1.25
CA GLU B 176 -38.77 -29.31 1.00
C GLU B 176 -39.58 -28.29 0.19
N SER B 177 -39.46 -27.00 0.52
N SER B 177 -39.43 -27.00 0.49
CA SER B 177 -40.16 -25.96 -0.22
CA SER B 177 -40.15 -25.95 -0.21
C SER B 177 -39.73 -25.98 -1.69
C SER B 177 -39.72 -25.88 -1.68
N ILE B 178 -38.44 -26.12 -1.95
CA ILE B 178 -37.92 -26.05 -3.31
C ILE B 178 -38.36 -27.29 -4.10
N LYS B 179 -38.32 -28.49 -3.47
CA LYS B 179 -38.76 -29.68 -4.17
C LYS B 179 -40.26 -29.59 -4.44
N ALA B 180 -41.01 -29.10 -3.46
CA ALA B 180 -42.46 -29.02 -3.58
C ALA B 180 -42.92 -27.90 -4.52
N ASN B 181 -42.07 -26.89 -4.80
CA ASN B 181 -42.44 -25.89 -5.81
C ASN B 181 -41.19 -25.25 -6.40
N PRO B 182 -40.61 -25.82 -7.50
CA PRO B 182 -39.23 -25.53 -7.94
C PRO B 182 -38.97 -24.25 -8.75
N VAL B 183 -39.68 -23.18 -8.39
CA VAL B 183 -39.52 -21.88 -9.02
C VAL B 183 -38.08 -21.39 -8.81
N PHE B 184 -37.56 -21.61 -7.59
CA PHE B 184 -36.27 -21.08 -7.19
C PHE B 184 -35.21 -22.18 -7.15
N ASP B 185 -35.36 -23.26 -7.93
CA ASP B 185 -34.40 -24.36 -7.84
C ASP B 185 -33.01 -24.01 -8.38
N TYR B 186 -32.84 -22.95 -9.21
CA TYR B 186 -31.50 -22.52 -9.59
C TYR B 186 -30.64 -22.23 -8.34
N GLN B 187 -31.29 -21.97 -7.20
CA GLN B 187 -30.58 -21.70 -5.97
C GLN B 187 -29.81 -22.94 -5.49
N LEU B 188 -30.24 -24.14 -5.93
CA LEU B 188 -29.49 -25.35 -5.63
C LEU B 188 -28.11 -25.33 -6.26
N TYR B 189 -27.99 -24.77 -7.48
CA TYR B 189 -26.72 -24.66 -8.15
C TYR B 189 -25.78 -23.75 -7.37
N PHE B 190 -26.33 -22.69 -6.74
CA PHE B 190 -25.49 -21.77 -5.98
C PHE B 190 -25.06 -22.32 -4.61
N GLN B 191 -25.49 -23.52 -4.22
CA GLN B 191 -25.20 -23.97 -2.85
C GLN B 191 -23.72 -24.35 -2.66
N GLU B 192 -23.13 -25.12 -3.59
CA GLU B 192 -21.81 -25.70 -3.35
C GLU B 192 -20.72 -24.65 -3.47
N PRO B 193 -19.97 -24.32 -2.40
CA PRO B 193 -18.93 -23.31 -2.50
C PRO B 193 -17.94 -23.60 -3.63
N GLY B 194 -17.74 -22.59 -4.50
CA GLY B 194 -16.68 -22.57 -5.50
C GLY B 194 -17.19 -22.84 -6.91
N VAL B 195 -18.31 -23.54 -7.02
CA VAL B 195 -18.84 -23.99 -8.30
C VAL B 195 -19.43 -22.81 -9.09
N ALA B 196 -20.43 -22.12 -8.54
CA ALA B 196 -21.00 -20.99 -9.25
C ALA B 196 -19.95 -19.88 -9.30
N GLU B 197 -19.08 -19.73 -8.28
CA GLU B 197 -18.04 -18.72 -8.36
C GLU B 197 -17.22 -18.87 -9.65
N ALA B 198 -16.78 -20.11 -9.95
CA ALA B 198 -15.87 -20.30 -11.05
C ALA B 198 -16.55 -19.88 -12.36
N GLU B 199 -17.83 -20.22 -12.50
CA GLU B 199 -18.54 -19.86 -13.73
C GLU B 199 -18.76 -18.35 -13.81
N LEU B 200 -19.17 -17.71 -12.70
CA LEU B 200 -19.45 -16.28 -12.75
C LEU B 200 -18.18 -15.47 -12.88
N GLU B 201 -17.05 -15.96 -12.34
CA GLU B 201 -15.79 -15.22 -12.35
C GLU B 201 -14.96 -15.51 -13.61
N GLN B 202 -15.35 -16.50 -14.39
CA GLN B 202 -14.53 -16.90 -15.54
C GLN B 202 -14.30 -15.72 -16.50
N ASN B 203 -15.37 -15.00 -16.81
CA ASN B 203 -15.31 -13.89 -17.74
C ASN B 203 -16.37 -12.86 -17.29
N LEU B 204 -15.89 -11.84 -16.57
CA LEU B 204 -16.85 -10.97 -15.87
C LEU B 204 -17.70 -10.19 -16.88
N SER B 205 -17.08 -9.75 -17.97
N SER B 205 -17.12 -9.71 -17.99
CA SER B 205 -17.80 -9.04 -19.02
CA SER B 205 -17.93 -9.02 -18.99
C SER B 205 -18.96 -9.89 -19.57
C SER B 205 -19.04 -9.95 -19.47
N ARG B 206 -18.68 -11.18 -19.79
CA ARG B 206 -19.69 -12.13 -20.23
C ARG B 206 -20.79 -12.27 -19.17
N THR B 207 -20.40 -12.41 -17.90
CA THR B 207 -21.37 -12.54 -16.82
C THR B 207 -22.39 -11.42 -16.87
N PHE B 208 -21.91 -10.17 -16.83
CA PHE B 208 -22.80 -9.04 -16.67
C PHE B 208 -23.56 -8.74 -17.96
N LYS B 209 -22.93 -8.93 -19.12
CA LYS B 209 -23.66 -8.73 -20.36
C LYS B 209 -24.75 -9.77 -20.56
N SER B 210 -24.54 -11.00 -20.05
CA SER B 210 -25.52 -12.06 -20.12
C SER B 210 -26.68 -11.83 -19.17
N LEU B 211 -26.38 -11.32 -17.96
CA LEU B 211 -27.39 -11.13 -16.95
C LEU B 211 -28.24 -9.89 -17.18
N PHE B 212 -27.59 -8.75 -17.45
CA PHE B 212 -28.29 -7.48 -17.44
C PHE B 212 -28.89 -7.22 -18.83
N ARG B 213 -30.08 -7.77 -19.03
CA ARG B 213 -30.81 -7.70 -20.28
C ARG B 213 -32.30 -7.49 -20.02
N ALA B 214 -32.99 -6.85 -20.97
CA ALA B 214 -34.42 -6.79 -20.93
C ALA B 214 -34.98 -8.21 -21.15
N SER B 215 -36.18 -8.47 -20.61
N SER B 215 -36.19 -8.53 -20.66
CA SER B 215 -36.91 -9.73 -20.71
CA SER B 215 -36.69 -9.89 -20.71
C SER B 215 -36.78 -10.32 -22.12
C SER B 215 -36.82 -10.39 -22.15
N ASP B 216 -37.13 -9.49 -23.09
CA ASP B 216 -37.22 -9.89 -24.50
C ASP B 216 -35.84 -10.17 -25.08
N GLU B 217 -34.74 -9.70 -24.45
CA GLU B 217 -33.39 -9.94 -24.89
C GLU B 217 -32.70 -11.10 -24.16
N SER B 218 -33.44 -11.82 -23.30
N SER B 218 -33.43 -11.84 -23.31
CA SER B 218 -32.90 -12.92 -22.53
CA SER B 218 -32.84 -12.85 -22.45
C SER B 218 -32.03 -13.84 -23.37
C SER B 218 -32.11 -13.93 -23.27
N VAL B 219 -30.93 -14.31 -22.79
CA VAL B 219 -30.09 -15.34 -23.41
C VAL B 219 -29.99 -16.57 -22.49
N LEU B 220 -30.67 -16.56 -21.33
CA LEU B 220 -30.71 -17.71 -20.43
C LEU B 220 -32.01 -17.69 -19.65
N SER B 221 -32.42 -18.89 -19.18
CA SER B 221 -33.61 -19.03 -18.36
C SER B 221 -33.19 -19.50 -16.97
N MET B 222 -33.58 -18.74 -15.93
CA MET B 222 -33.18 -19.12 -14.58
C MET B 222 -33.82 -20.45 -14.19
N HIS B 223 -34.98 -20.77 -14.77
CA HIS B 223 -35.72 -21.99 -14.50
C HIS B 223 -35.05 -23.21 -15.14
N LYS B 224 -33.99 -23.03 -15.93
CA LYS B 224 -33.31 -24.14 -16.58
C LYS B 224 -31.87 -24.31 -16.10
N VAL B 225 -31.46 -23.58 -15.04
CA VAL B 225 -30.06 -23.56 -14.62
C VAL B 225 -29.66 -24.91 -14.03
N CYS B 226 -30.58 -25.53 -13.27
CA CYS B 226 -30.35 -26.82 -12.63
C CYS B 226 -30.06 -27.92 -13.64
N GLU B 227 -31.04 -28.17 -14.53
CA GLU B 227 -30.90 -29.18 -15.57
C GLU B 227 -29.58 -28.94 -16.31
N ALA B 228 -29.34 -27.70 -16.73
CA ALA B 228 -28.20 -27.39 -17.59
C ALA B 228 -26.87 -27.51 -16.84
N GLY B 229 -26.87 -27.22 -15.53
CA GLY B 229 -25.65 -27.29 -14.72
C GLY B 229 -24.86 -25.98 -14.70
N GLY B 230 -25.56 -24.85 -14.91
CA GLY B 230 -24.87 -23.59 -15.07
C GLY B 230 -25.82 -22.51 -15.58
N LEU B 231 -25.45 -21.26 -15.34
CA LEU B 231 -26.24 -20.15 -15.81
C LEU B 231 -26.06 -19.95 -17.31
N PHE B 232 -24.81 -20.10 -17.80
CA PHE B 232 -24.38 -19.60 -19.10
C PHE B 232 -24.01 -20.76 -20.04
N VAL B 233 -24.36 -21.97 -19.65
CA VAL B 233 -23.91 -23.13 -20.39
C VAL B 233 -24.45 -23.08 -21.83
N ASN B 234 -25.66 -22.52 -22.02
CA ASN B 234 -26.35 -22.51 -23.30
C ASN B 234 -26.52 -21.09 -23.87
N SER B 235 -25.67 -20.16 -23.40
N SER B 235 -25.72 -20.13 -23.38
CA SER B 235 -25.76 -18.75 -23.79
CA SER B 235 -25.83 -18.76 -23.83
C SER B 235 -24.59 -18.43 -24.70
C SER B 235 -24.62 -18.43 -24.69
N PRO B 236 -24.67 -17.35 -25.51
CA PRO B 236 -23.55 -16.96 -26.36
C PRO B 236 -22.22 -16.75 -25.63
N GLU B 237 -21.12 -17.11 -26.30
CA GLU B 237 -19.79 -16.84 -25.79
C GLU B 237 -19.49 -15.34 -25.74
N GLU B 238 -19.99 -14.59 -26.73
CA GLU B 238 -19.74 -13.16 -26.82
C GLU B 238 -21.07 -12.43 -26.95
N PRO B 239 -21.80 -12.22 -25.84
CA PRO B 239 -23.12 -11.62 -25.93
C PRO B 239 -23.05 -10.18 -26.41
N SER B 240 -24.12 -9.76 -27.09
CA SER B 240 -24.32 -8.36 -27.44
C SER B 240 -24.65 -7.57 -26.17
N LEU B 241 -24.52 -6.25 -26.29
CA LEU B 241 -24.90 -5.36 -25.23
C LEU B 241 -26.41 -5.14 -25.27
N SER B 242 -27.10 -5.40 -24.14
CA SER B 242 -28.50 -5.04 -23.98
C SER B 242 -28.71 -3.57 -24.29
N ARG B 243 -29.92 -3.26 -24.79
CA ARG B 243 -30.37 -1.89 -24.93
C ARG B 243 -30.42 -1.15 -23.60
N MET B 244 -30.42 -1.87 -22.47
CA MET B 244 -30.58 -1.26 -21.15
C MET B 244 -29.28 -0.62 -20.64
N VAL B 245 -28.09 -1.06 -21.14
CA VAL B 245 -26.78 -0.71 -20.55
C VAL B 245 -25.78 -0.32 -21.62
N THR B 246 -24.81 0.51 -21.25
CA THR B 246 -23.68 0.85 -22.09
C THR B 246 -22.48 -0.02 -21.71
N GLU B 247 -21.49 -0.05 -22.62
CA GLU B 247 -20.27 -0.77 -22.34
C GLU B 247 -19.55 -0.22 -21.11
N GLU B 248 -19.54 1.10 -20.94
CA GLU B 248 -18.95 1.74 -19.76
C GLU B 248 -19.63 1.28 -18.48
N GLU B 249 -20.97 1.19 -18.49
CA GLU B 249 -21.66 0.71 -17.30
C GLU B 249 -21.28 -0.74 -16.98
N ILE B 250 -21.32 -1.66 -17.96
CA ILE B 250 -20.90 -3.04 -17.73
C ILE B 250 -19.48 -3.09 -17.11
N GLN B 251 -18.56 -2.28 -17.66
CA GLN B 251 -17.19 -2.28 -17.18
C GLN B 251 -17.10 -1.78 -15.72
N PHE B 252 -18.04 -0.92 -15.26
CA PHE B 252 -18.05 -0.52 -13.87
C PHE B 252 -18.27 -1.77 -13.01
N TYR B 253 -19.28 -2.58 -13.36
CA TYR B 253 -19.60 -3.79 -12.64
C TYR B 253 -18.40 -4.74 -12.65
N VAL B 254 -17.78 -4.91 -13.82
CA VAL B 254 -16.61 -5.75 -13.95
C VAL B 254 -15.55 -5.35 -12.92
N GLN B 255 -15.21 -4.07 -12.88
N GLN B 255 -15.25 -4.04 -12.93
CA GLN B 255 -14.16 -3.64 -11.98
CA GLN B 255 -14.28 -3.37 -12.08
C GLN B 255 -14.62 -3.92 -10.54
C GLN B 255 -14.57 -3.63 -10.60
N GLN B 256 -15.85 -3.54 -10.21
CA GLN B 256 -16.30 -3.80 -8.83
C GLN B 256 -16.08 -5.26 -8.42
N PHE B 257 -16.42 -6.23 -9.27
CA PHE B 257 -16.42 -7.62 -8.84
C PHE B 257 -15.04 -8.26 -8.93
N LYS B 258 -14.08 -7.51 -9.43
CA LYS B 258 -12.69 -7.93 -9.35
C LYS B 258 -12.15 -7.81 -7.92
N LYS B 259 -12.78 -6.97 -7.09
CA LYS B 259 -12.28 -6.67 -5.74
C LYS B 259 -12.41 -7.91 -4.88
N SER B 260 -13.60 -8.54 -4.85
CA SER B 260 -13.88 -9.70 -4.01
C SER B 260 -14.50 -10.90 -4.72
N GLY B 261 -14.90 -10.77 -5.98
CA GLY B 261 -15.55 -11.89 -6.64
C GLY B 261 -16.92 -12.25 -6.10
N PHE B 262 -17.38 -13.50 -6.35
CA PHE B 262 -18.76 -13.84 -6.15
C PHE B 262 -18.99 -14.65 -4.89
N ARG B 263 -17.95 -14.94 -4.08
CA ARG B 263 -18.20 -15.80 -2.91
C ARG B 263 -19.18 -15.13 -1.92
N GLY B 264 -18.91 -13.86 -1.56
CA GLY B 264 -19.76 -13.15 -0.60
C GLY B 264 -21.19 -13.05 -1.11
N PRO B 265 -21.33 -12.58 -2.37
CA PRO B 265 -22.66 -12.51 -2.97
C PRO B 265 -23.41 -13.84 -2.99
N LEU B 266 -22.71 -14.92 -3.43
CA LEU B 266 -23.40 -16.19 -3.43
C LEU B 266 -23.70 -16.76 -2.03
N ASN B 267 -22.89 -16.34 -1.05
CA ASN B 267 -23.16 -16.72 0.34
C ASN B 267 -24.52 -16.22 0.86
N TRP B 268 -25.10 -15.16 0.26
CA TRP B 268 -26.48 -14.79 0.60
C TRP B 268 -27.49 -15.95 0.45
N TYR B 269 -27.20 -16.89 -0.46
CA TYR B 269 -28.06 -17.99 -0.79
C TYR B 269 -27.76 -19.27 0.01
N ARG B 270 -26.75 -19.23 0.86
CA ARG B 270 -26.19 -20.43 1.50
C ARG B 270 -26.58 -20.52 2.98
N ASN B 271 -27.66 -19.82 3.36
CA ASN B 271 -28.11 -19.72 4.74
C ASN B 271 -29.59 -20.06 4.82
N MET B 272 -30.07 -20.95 3.95
CA MET B 272 -31.51 -21.13 3.89
C MET B 272 -32.10 -21.62 5.21
N GLU B 273 -31.46 -22.63 5.83
CA GLU B 273 -31.98 -23.18 7.07
C GLU B 273 -31.98 -22.11 8.17
N ARG B 274 -30.84 -21.42 8.31
CA ARG B 274 -30.66 -20.37 9.31
C ARG B 274 -31.72 -19.30 9.10
N ASN B 275 -31.86 -18.83 7.85
CA ASN B 275 -32.82 -17.79 7.56
C ASN B 275 -34.27 -18.19 7.85
N TRP B 276 -34.63 -19.44 7.52
CA TRP B 276 -35.97 -19.97 7.79
C TRP B 276 -36.23 -20.07 9.29
N LYS B 277 -35.29 -20.60 10.08
CA LYS B 277 -35.49 -20.62 11.53
C LYS B 277 -35.72 -19.23 12.10
N TRP B 278 -34.95 -18.24 11.62
CA TRP B 278 -35.08 -16.87 12.12
C TRP B 278 -36.44 -16.30 11.76
N ALA B 279 -36.86 -16.47 10.49
CA ALA B 279 -38.13 -15.97 10.04
C ALA B 279 -39.26 -16.61 10.86
N CYS B 280 -39.13 -17.90 11.20
CA CYS B 280 -40.17 -18.58 11.94
C CYS B 280 -40.36 -17.95 13.35
N LYS B 281 -39.32 -17.30 13.86
CA LYS B 281 -39.43 -16.63 15.16
C LYS B 281 -40.32 -15.38 15.08
N SER B 282 -40.59 -14.87 13.88
CA SER B 282 -41.44 -13.72 13.75
C SER B 282 -42.87 -14.15 14.05
N LEU B 283 -43.17 -15.36 13.56
CA LEU B 283 -44.52 -15.68 13.12
C LEU B 283 -45.42 -15.32 14.28
N GLY B 284 -46.59 -14.79 13.92
CA GLY B 284 -47.50 -14.27 14.91
C GLY B 284 -47.52 -12.74 14.92
N ARG B 285 -46.80 -12.08 13.98
CA ARG B 285 -46.74 -10.62 13.96
C ARG B 285 -46.89 -10.10 12.54
N LYS B 286 -47.49 -8.93 12.45
CA LYS B 286 -47.62 -8.16 11.23
C LYS B 286 -46.58 -7.05 11.14
N ILE B 287 -46.41 -6.55 9.92
CA ILE B 287 -45.58 -5.38 9.68
C ILE B 287 -46.53 -4.21 9.73
N LEU B 288 -46.38 -3.33 10.72
CA LEU B 288 -47.38 -2.29 10.92
C LEU B 288 -46.96 -0.91 10.40
N ILE B 289 -45.76 -0.78 9.82
CA ILE B 289 -45.31 0.49 9.32
C ILE B 289 -45.73 0.69 7.86
N PRO B 290 -45.62 1.91 7.30
CA PRO B 290 -45.98 2.17 5.91
C PRO B 290 -45.09 1.32 4.99
N ALA B 291 -45.72 0.70 3.96
CA ALA B 291 -45.04 -0.24 3.11
C ALA B 291 -45.49 -0.02 1.67
N LEU B 292 -44.56 -0.29 0.74
CA LEU B 292 -44.82 -0.27 -0.70
C LEU B 292 -44.25 -1.52 -1.35
N MET B 293 -45.11 -2.19 -2.14
CA MET B 293 -44.74 -3.33 -2.97
C MET B 293 -44.84 -2.94 -4.44
N VAL B 294 -43.75 -3.06 -5.20
CA VAL B 294 -43.76 -2.70 -6.62
C VAL B 294 -43.49 -3.96 -7.41
N THR B 295 -44.41 -4.34 -8.29
CA THR B 295 -44.23 -5.50 -9.13
C THR B 295 -43.77 -5.10 -10.52
N ALA B 296 -43.08 -6.04 -11.18
CA ALA B 296 -42.57 -5.87 -12.54
C ALA B 296 -43.25 -6.94 -13.42
N GLU B 297 -43.88 -6.50 -14.53
CA GLU B 297 -44.66 -7.41 -15.36
C GLU B 297 -43.85 -8.57 -15.93
N LYS B 298 -42.60 -8.30 -16.33
CA LYS B 298 -41.79 -9.24 -17.08
C LYS B 298 -40.66 -9.81 -16.25
N ASP B 299 -40.76 -9.74 -14.90
CA ASP B 299 -39.83 -10.51 -14.11
C ASP B 299 -40.36 -11.93 -14.01
N PHE B 300 -39.69 -12.86 -14.69
CA PHE B 300 -40.20 -14.22 -14.77
C PHE B 300 -39.76 -15.09 -13.59
N VAL B 301 -39.01 -14.50 -12.65
CA VAL B 301 -38.54 -15.20 -11.48
C VAL B 301 -39.36 -14.69 -10.28
N LEU B 302 -39.32 -13.38 -10.06
CA LEU B 302 -40.12 -12.77 -9.02
C LEU B 302 -41.38 -12.23 -9.66
N VAL B 303 -42.36 -13.09 -9.88
CA VAL B 303 -43.49 -12.71 -10.70
C VAL B 303 -44.43 -11.85 -9.87
N PRO B 304 -45.24 -10.96 -10.48
CA PRO B 304 -46.18 -10.16 -9.72
C PRO B 304 -47.12 -10.97 -8.82
N GLN B 305 -47.51 -12.18 -9.24
CA GLN B 305 -48.54 -12.91 -8.48
C GLN B 305 -47.97 -13.48 -7.17
N MET B 306 -46.66 -13.56 -7.02
CA MET B 306 -46.07 -14.00 -5.77
C MET B 306 -46.33 -12.99 -4.65
N SER B 307 -46.77 -11.79 -5.00
CA SER B 307 -47.10 -10.80 -3.98
C SER B 307 -48.57 -10.82 -3.55
N GLN B 308 -49.38 -11.72 -4.13
CA GLN B 308 -50.80 -11.74 -3.79
C GLN B 308 -50.98 -11.96 -2.30
N HIS B 309 -51.96 -11.30 -1.70
CA HIS B 309 -52.34 -11.46 -0.30
C HIS B 309 -51.30 -10.94 0.67
N MET B 310 -50.32 -10.13 0.23
CA MET B 310 -49.40 -9.56 1.22
C MET B 310 -50.15 -8.65 2.20
N GLU B 311 -51.27 -8.05 1.75
CA GLU B 311 -52.12 -7.22 2.58
C GLU B 311 -52.55 -7.95 3.87
N ASP B 312 -52.55 -9.28 3.87
CA ASP B 312 -52.95 -10.06 5.05
C ASP B 312 -51.98 -9.76 6.20
N TRP B 313 -50.69 -9.54 5.91
CA TRP B 313 -49.63 -9.44 6.93
C TRP B 313 -49.16 -8.01 7.10
N ILE B 314 -49.57 -7.15 6.18
CA ILE B 314 -49.04 -5.80 6.10
C ILE B 314 -50.23 -4.87 5.91
N PRO B 315 -50.93 -4.44 7.00
CA PRO B 315 -52.13 -3.61 6.88
C PRO B 315 -52.01 -2.32 6.09
N HIS B 316 -50.89 -1.58 6.20
CA HIS B 316 -50.72 -0.32 5.51
C HIS B 316 -49.92 -0.47 4.20
N LEU B 317 -50.12 -1.58 3.47
CA LEU B 317 -49.45 -1.82 2.18
C LEU B 317 -50.06 -1.02 1.04
N LYS B 318 -49.20 -0.27 0.33
N LYS B 318 -49.19 -0.27 0.33
CA LYS B 318 -49.56 0.33 -0.95
CA LYS B 318 -49.53 0.34 -0.95
C LYS B 318 -48.82 -0.44 -2.04
C LYS B 318 -48.81 -0.44 -2.04
N ARG B 319 -49.28 -0.27 -3.27
CA ARG B 319 -48.73 -1.00 -4.41
C ARG B 319 -48.40 -0.11 -5.59
N GLY B 320 -47.39 -0.53 -6.34
CA GLY B 320 -47.12 -0.02 -7.68
C GLY B 320 -46.83 -1.18 -8.63
N HIS B 321 -46.95 -0.93 -9.92
CA HIS B 321 -46.75 -1.95 -10.94
C HIS B 321 -46.15 -1.31 -12.16
N ILE B 322 -45.12 -1.94 -12.72
CA ILE B 322 -44.46 -1.43 -13.91
C ILE B 322 -44.64 -2.42 -15.05
N GLU B 323 -45.32 -1.97 -16.10
CA GLU B 323 -45.46 -2.77 -17.30
C GLU B 323 -44.15 -2.81 -18.08
N ASP B 324 -43.96 -3.85 -18.90
CA ASP B 324 -42.84 -3.96 -19.81
C ASP B 324 -41.51 -3.88 -19.06
N CYS B 325 -41.47 -4.45 -17.86
CA CYS B 325 -40.30 -4.28 -17.00
C CYS B 325 -39.85 -5.63 -16.49
N GLY B 326 -38.57 -5.95 -16.69
CA GLY B 326 -38.06 -7.26 -16.32
C GLY B 326 -37.44 -7.21 -14.92
N HIS B 327 -36.55 -8.15 -14.65
CA HIS B 327 -36.04 -8.29 -13.30
C HIS B 327 -35.21 -7.06 -12.91
N TRP B 328 -34.51 -6.43 -13.86
CA TRP B 328 -33.52 -5.40 -13.52
C TRP B 328 -34.19 -4.03 -13.47
N THR B 329 -35.12 -3.92 -12.53
CA THR B 329 -36.17 -2.91 -12.57
C THR B 329 -35.63 -1.48 -12.70
N GLN B 330 -34.66 -1.15 -11.85
CA GLN B 330 -34.13 0.22 -11.83
C GLN B 330 -33.51 0.69 -13.15
N MET B 331 -32.89 -0.19 -13.92
N MET B 331 -32.87 -0.26 -13.85
CA MET B 331 -32.30 0.31 -15.16
CA MET B 331 -32.12 0.04 -15.07
C MET B 331 -33.25 0.04 -16.32
C MET B 331 -33.02 -0.19 -16.32
N ASP B 332 -34.14 -0.92 -16.16
CA ASP B 332 -35.08 -1.19 -17.25
C ASP B 332 -36.04 -0.01 -17.39
N LYS B 333 -36.64 0.43 -16.27
CA LYS B 333 -37.71 1.44 -16.24
C LYS B 333 -37.40 2.48 -15.16
N PRO B 334 -36.28 3.21 -15.31
CA PRO B 334 -35.85 4.11 -14.25
C PRO B 334 -36.82 5.26 -14.03
N THR B 335 -37.37 5.85 -15.11
CA THR B 335 -38.34 6.93 -14.93
C THR B 335 -39.57 6.49 -14.13
N GLU B 336 -40.10 5.30 -14.42
CA GLU B 336 -41.28 4.82 -13.73
C GLU B 336 -40.94 4.51 -12.27
N VAL B 337 -39.80 3.87 -12.00
CA VAL B 337 -39.41 3.61 -10.61
C VAL B 337 -39.36 4.96 -9.85
N ASN B 338 -38.70 5.93 -10.43
CA ASN B 338 -38.55 7.22 -9.77
C ASN B 338 -39.93 7.80 -9.45
N GLN B 339 -40.83 7.81 -10.45
CA GLN B 339 -42.16 8.39 -10.21
C GLN B 339 -42.89 7.70 -9.07
N ILE B 340 -42.85 6.38 -9.05
CA ILE B 340 -43.55 5.61 -8.06
C ILE B 340 -42.92 5.87 -6.70
N LEU B 341 -41.59 5.80 -6.57
CA LEU B 341 -40.96 5.92 -5.27
C LEU B 341 -41.17 7.34 -4.73
N ILE B 342 -41.09 8.36 -5.58
CA ILE B 342 -41.17 9.75 -5.11
C ILE B 342 -42.60 10.03 -4.64
N LYS B 343 -43.56 9.53 -5.40
CA LYS B 343 -44.95 9.75 -5.04
C LYS B 343 -45.21 9.15 -3.66
N TRP B 344 -44.77 7.90 -3.47
CA TRP B 344 -45.00 7.18 -2.22
C TRP B 344 -44.24 7.85 -1.07
N LEU B 345 -42.99 8.22 -1.27
CA LEU B 345 -42.22 8.81 -0.20
C LEU B 345 -42.92 10.12 0.26
N ASP B 346 -43.39 10.89 -0.70
CA ASP B 346 -43.96 12.21 -0.43
C ASP B 346 -45.29 12.07 0.32
N SER B 347 -45.99 10.96 0.14
CA SER B 347 -47.27 10.75 0.78
C SER B 347 -47.18 9.82 1.98
N ASP B 348 -46.66 8.59 1.73
CA ASP B 348 -46.69 7.45 2.64
C ASP B 348 -48.13 6.91 2.76
N LEU C 31 25.05 -4.18 20.68
N LEU C 31 24.40 -3.15 21.40
CA LEU C 31 23.74 -4.16 21.39
CA LEU C 31 23.25 -4.01 21.78
C LEU C 31 22.58 -4.50 20.46
C LEU C 31 22.48 -4.48 20.52
N PRO C 32 22.31 -3.73 19.38
CA PRO C 32 21.37 -4.17 18.33
C PRO C 32 21.90 -5.44 17.68
N THR C 33 20.98 -6.23 17.09
CA THR C 33 21.35 -7.37 16.27
C THR C 33 22.41 -6.95 15.25
N SER C 34 23.41 -7.76 15.05
CA SER C 34 24.42 -7.53 14.03
C SER C 34 24.22 -8.51 12.86
N CYS C 35 25.24 -8.58 12.01
CA CYS C 35 25.25 -9.43 10.84
C CYS C 35 26.40 -10.40 10.94
N ASN C 36 26.09 -11.66 10.60
CA ASN C 36 27.10 -12.65 10.31
C ASN C 36 27.31 -12.79 8.78
N PRO C 37 28.47 -12.40 8.24
CA PRO C 37 28.68 -12.39 6.79
C PRO C 37 28.21 -13.66 6.05
N SER C 38 28.48 -14.83 6.62
N SER C 38 28.49 -14.84 6.60
CA SER C 38 28.15 -16.09 5.96
CA SER C 38 28.14 -16.07 5.88
C SER C 38 26.64 -16.32 5.86
C SER C 38 26.64 -16.37 5.89
N ASP C 39 25.84 -15.61 6.65
CA ASP C 39 24.39 -15.76 6.70
C ASP C 39 23.68 -14.69 5.87
N MET C 40 24.41 -13.85 5.13
CA MET C 40 23.76 -12.82 4.34
C MET C 40 23.59 -13.29 2.90
N SER C 41 22.68 -12.62 2.19
CA SER C 41 22.58 -12.73 0.73
C SER C 41 23.62 -11.77 0.15
N HIS C 42 24.51 -12.34 -0.68
CA HIS C 42 25.56 -11.57 -1.32
C HIS C 42 25.21 -11.37 -2.78
N GLY C 43 25.20 -10.13 -3.22
CA GLY C 43 24.88 -9.80 -4.61
C GLY C 43 26.08 -9.15 -5.31
N TYR C 44 26.06 -9.35 -6.66
CA TYR C 44 27.13 -8.93 -7.55
C TYR C 44 26.51 -8.37 -8.82
N VAL C 45 26.89 -7.14 -9.16
CA VAL C 45 26.43 -6.50 -10.36
C VAL C 45 27.67 -6.03 -11.13
N THR C 46 27.78 -6.41 -12.40
CA THR C 46 28.85 -5.85 -13.23
C THR C 46 28.36 -4.58 -13.88
N VAL C 47 28.89 -3.40 -13.51
CA VAL C 47 28.43 -2.11 -14.02
C VAL C 47 29.17 -1.70 -15.30
N LYS C 48 30.41 -2.20 -15.44
CA LYS C 48 31.27 -2.04 -16.61
C LYS C 48 32.19 -3.24 -16.69
N PRO C 49 32.85 -3.55 -17.83
CA PRO C 49 33.68 -4.74 -17.88
C PRO C 49 34.74 -4.93 -16.79
N ARG C 50 35.37 -3.85 -16.33
CA ARG C 50 36.38 -4.00 -15.29
C ARG C 50 35.83 -3.76 -13.87
N VAL C 51 34.50 -3.59 -13.71
CA VAL C 51 33.98 -3.17 -12.42
C VAL C 51 32.71 -3.96 -12.07
N ARG C 52 32.85 -4.78 -11.05
CA ARG C 52 31.75 -5.50 -10.42
C ARG C 52 31.60 -4.97 -9.00
N LEU C 53 30.37 -4.61 -8.64
CA LEU C 53 30.09 -4.17 -7.28
C LEU C 53 29.41 -5.25 -6.51
N HIS C 54 29.91 -5.43 -5.28
CA HIS C 54 29.35 -6.41 -4.35
C HIS C 54 28.52 -5.69 -3.27
N PHE C 55 27.43 -6.33 -2.86
CA PHE C 55 26.60 -5.79 -1.80
C PHE C 55 25.97 -6.93 -1.03
N VAL C 56 25.46 -6.67 0.16
CA VAL C 56 24.61 -7.59 0.90
C VAL C 56 23.21 -7.02 0.88
N GLU C 57 22.21 -7.90 0.93
CA GLU C 57 20.84 -7.46 0.78
C GLU C 57 19.95 -8.17 1.79
N LEU C 58 19.14 -7.38 2.53
CA LEU C 58 18.27 -7.93 3.56
C LEU C 58 16.98 -7.15 3.62
N GLY C 59 15.85 -7.86 3.65
CA GLY C 59 14.58 -7.19 3.87
C GLY C 59 13.75 -7.04 2.63
N SER C 60 12.49 -6.70 2.84
CA SER C 60 11.52 -6.33 1.82
C SER C 60 11.02 -4.90 2.08
N GLY C 61 10.58 -4.24 1.02
CA GLY C 61 10.07 -2.89 1.20
C GLY C 61 10.80 -1.96 0.23
N PRO C 62 10.69 -0.64 0.47
CA PRO C 62 11.43 0.32 -0.33
C PRO C 62 12.94 0.11 -0.19
N ALA C 63 13.63 0.25 -1.34
CA ALA C 63 15.06 0.05 -1.41
C ALA C 63 15.81 1.20 -0.73
N VAL C 64 16.79 0.77 0.08
CA VAL C 64 17.64 1.67 0.86
C VAL C 64 19.07 1.21 0.60
N CYS C 65 19.91 2.09 0.03
N CYS C 65 19.85 2.08 -0.06
CA CYS C 65 21.27 1.68 -0.34
CA CYS C 65 21.26 1.84 -0.35
C CYS C 65 22.28 2.42 0.51
C CYS C 65 22.13 2.47 0.74
N LEU C 66 23.00 1.66 1.36
CA LEU C 66 23.94 2.17 2.36
C LEU C 66 25.36 2.18 1.78
N CYS C 67 26.03 3.33 1.92
CA CYS C 67 27.30 3.68 1.27
C CYS C 67 28.31 4.09 2.34
N HIS C 68 29.31 3.24 2.61
CA HIS C 68 30.26 3.41 3.70
C HIS C 68 31.38 4.37 3.32
N GLY C 69 32.24 4.62 4.30
CA GLY C 69 33.35 5.56 4.19
C GLY C 69 34.72 4.91 4.12
N PHE C 70 35.72 5.74 4.36
CA PHE C 70 37.14 5.36 4.29
C PHE C 70 37.63 5.07 5.70
N PRO C 71 38.34 3.96 5.97
CA PRO C 71 38.51 2.80 5.11
C PRO C 71 37.69 1.65 5.67
N GLU C 72 36.46 1.51 5.12
CA GLU C 72 35.45 0.72 5.77
C GLU C 72 34.96 -0.40 4.86
N SER C 73 33.69 -0.74 4.93
CA SER C 73 33.16 -2.02 4.44
C SER C 73 31.66 -1.92 4.46
N TRP C 74 30.96 -2.82 3.73
CA TRP C 74 29.54 -3.00 3.97
C TRP C 74 29.29 -3.28 5.48
N TYR C 75 30.22 -4.02 6.08
CA TYR C 75 30.10 -4.50 7.45
C TYR C 75 30.09 -3.36 8.47
N SER C 76 30.49 -2.15 8.06
CA SER C 76 30.32 -0.97 8.93
C SER C 76 28.86 -0.70 9.25
N TRP C 77 27.93 -1.21 8.45
CA TRP C 77 26.52 -1.03 8.64
C TRP C 77 25.88 -2.23 9.36
N ARG C 78 26.70 -3.10 9.93
CA ARG C 78 26.20 -4.34 10.52
C ARG C 78 25.05 -4.17 11.51
N TYR C 79 25.07 -3.09 12.30
CA TYR C 79 23.99 -2.85 13.24
C TYR C 79 22.76 -2.22 12.63
N GLN C 80 22.90 -1.51 11.47
CA GLN C 80 21.79 -0.90 10.79
C GLN C 80 21.00 -1.90 9.91
N ILE C 81 21.69 -2.89 9.33
CA ILE C 81 21.07 -3.68 8.29
C ILE C 81 19.87 -4.45 8.86
N PRO C 82 20.03 -5.20 10.00
CA PRO C 82 18.87 -5.91 10.57
C PRO C 82 17.75 -5.00 11.04
N ALA C 83 18.13 -3.85 11.63
CA ALA C 83 17.13 -2.92 12.13
C ALA C 83 16.27 -2.30 11.04
N LEU C 84 16.91 -1.85 9.94
N LEU C 84 16.89 -1.81 9.93
CA LEU C 84 16.20 -1.28 8.82
CA LEU C 84 16.14 -1.24 8.82
C LEU C 84 15.34 -2.32 8.10
C LEU C 84 15.32 -2.32 8.10
N ALA C 85 15.86 -3.55 7.97
CA ALA C 85 15.06 -4.64 7.41
C ALA C 85 13.82 -4.91 8.28
N GLN C 86 14.04 -5.00 9.60
CA GLN C 86 12.94 -5.27 10.55
C GLN C 86 11.92 -4.13 10.51
N ALA C 87 12.37 -2.91 10.21
CA ALA C 87 11.48 -1.77 10.11
C ALA C 87 10.70 -1.69 8.81
N GLY C 88 10.92 -2.60 7.84
CA GLY C 88 10.15 -2.68 6.61
C GLY C 88 10.83 -2.08 5.37
N TYR C 89 12.18 -2.16 5.35
CA TYR C 89 12.96 -1.73 4.20
C TYR C 89 13.77 -2.88 3.61
N ARG C 90 14.00 -2.75 2.28
CA ARG C 90 14.91 -3.60 1.56
C ARG C 90 16.28 -2.91 1.57
N VAL C 91 17.23 -3.47 2.29
CA VAL C 91 18.50 -2.83 2.52
C VAL C 91 19.53 -3.42 1.59
N LEU C 92 20.26 -2.55 0.85
CA LEU C 92 21.39 -2.95 0.03
C LEU C 92 22.61 -2.25 0.59
N ALA C 93 23.51 -2.98 1.23
CA ALA C 93 24.71 -2.42 1.84
C ALA C 93 25.91 -2.71 0.94
N MET C 94 26.48 -1.67 0.38
CA MET C 94 27.54 -1.81 -0.63
C MET C 94 28.88 -2.07 0.01
N ASP C 95 29.71 -2.80 -0.76
CA ASP C 95 31.15 -2.57 -0.75
C ASP C 95 31.40 -1.54 -1.83
N MET C 96 31.91 -0.35 -1.48
CA MET C 96 32.14 0.66 -2.48
C MET C 96 33.32 0.28 -3.35
N LYS C 97 33.36 0.92 -4.51
CA LYS C 97 34.44 0.61 -5.44
C LYS C 97 35.76 0.79 -4.71
N GLY C 98 36.65 -0.20 -4.90
CA GLY C 98 37.94 -0.22 -4.23
C GLY C 98 37.99 -1.13 -3.01
N TYR C 99 36.84 -1.64 -2.53
CA TYR C 99 36.76 -2.25 -1.24
C TYR C 99 36.20 -3.67 -1.27
N GLY C 100 36.71 -4.55 -0.41
CA GLY C 100 36.08 -5.80 -0.12
C GLY C 100 36.00 -6.61 -1.40
N GLU C 101 34.82 -7.17 -1.67
CA GLU C 101 34.62 -8.02 -2.85
C GLU C 101 34.24 -7.24 -4.08
N SER C 102 34.21 -5.90 -4.03
CA SER C 102 34.01 -5.02 -5.17
C SER C 102 35.35 -4.90 -5.89
N SER C 103 35.24 -4.65 -7.19
CA SER C 103 36.44 -4.46 -8.00
C SER C 103 37.26 -3.28 -7.47
N ALA C 104 38.56 -3.37 -7.69
CA ALA C 104 39.45 -2.31 -7.27
C ALA C 104 40.49 -2.07 -8.38
N PRO C 105 40.09 -1.51 -9.51
CA PRO C 105 41.09 -1.18 -10.56
C PRO C 105 42.09 -0.17 -10.05
N PRO C 106 43.37 -0.22 -10.45
CA PRO C 106 44.38 0.68 -9.88
C PRO C 106 44.36 2.13 -10.37
N GLU C 107 43.68 2.40 -11.49
CA GLU C 107 43.76 3.73 -12.06
C GLU C 107 43.06 4.76 -11.20
N ILE C 108 43.69 5.89 -10.99
CA ILE C 108 43.16 6.90 -10.09
C ILE C 108 41.80 7.41 -10.51
N GLU C 109 41.58 7.69 -11.79
CA GLU C 109 40.43 8.45 -12.21
C GLU C 109 39.19 7.55 -12.25
N GLU C 110 39.38 6.27 -12.07
CA GLU C 110 38.30 5.33 -11.80
C GLU C 110 37.54 5.69 -10.52
N TYR C 111 38.14 6.56 -9.69
CA TYR C 111 37.58 6.82 -8.38
C TYR C 111 37.16 8.28 -8.26
N CYS C 112 37.06 9.05 -9.35
CA CYS C 112 36.46 10.36 -9.24
C CYS C 112 34.95 10.24 -9.00
N MET C 113 34.36 11.27 -8.43
CA MET C 113 32.97 11.25 -8.03
C MET C 113 32.05 11.09 -9.23
N GLU C 114 32.40 11.73 -10.35
CA GLU C 114 31.55 11.62 -11.54
C GLU C 114 31.39 10.16 -11.94
N VAL C 115 32.48 9.42 -12.03
CA VAL C 115 32.50 8.00 -12.39
C VAL C 115 31.78 7.18 -11.32
N LEU C 116 32.11 7.47 -10.07
CA LEU C 116 31.49 6.66 -8.99
C LEU C 116 29.98 6.82 -9.00
N CYS C 117 29.50 8.04 -9.18
CA CYS C 117 28.06 8.29 -9.24
C CYS C 117 27.44 7.59 -10.45
N LYS C 118 28.06 7.66 -11.63
CA LYS C 118 27.53 7.03 -12.84
C LYS C 118 27.43 5.50 -12.65
N GLU C 119 28.40 4.88 -11.98
CA GLU C 119 28.37 3.44 -11.73
C GLU C 119 27.22 3.08 -10.77
N MET C 120 26.96 3.94 -9.78
CA MET C 120 25.84 3.71 -8.87
C MET C 120 24.49 3.83 -9.58
N VAL C 121 24.37 4.71 -10.59
CA VAL C 121 23.18 4.73 -11.42
C VAL C 121 23.05 3.44 -12.24
N THR C 122 24.15 2.97 -12.84
CA THR C 122 24.13 1.75 -13.61
C THR C 122 23.69 0.59 -12.72
N PHE C 123 24.23 0.60 -11.50
CA PHE C 123 23.91 -0.41 -10.50
C PHE C 123 22.39 -0.49 -10.30
N LEU C 124 21.74 0.64 -10.07
CA LEU C 124 20.29 0.68 -9.97
C LEU C 124 19.64 0.17 -11.27
N ASP C 125 20.15 0.59 -12.41
CA ASP C 125 19.57 0.16 -13.67
C ASP C 125 19.60 -1.38 -13.81
N LYS C 126 20.74 -1.97 -13.51
CA LYS C 126 20.88 -3.41 -13.68
C LYS C 126 20.01 -4.18 -12.70
N LEU C 127 19.84 -3.65 -11.48
CA LEU C 127 18.93 -4.24 -10.51
C LEU C 127 17.45 -4.00 -10.82
N GLY C 128 17.18 -3.08 -11.75
CA GLY C 128 15.83 -2.75 -12.11
C GLY C 128 15.14 -1.86 -11.08
N LEU C 129 15.87 -0.96 -10.39
CA LEU C 129 15.34 -0.06 -9.39
C LEU C 129 15.21 1.32 -10.01
N SER C 130 13.98 1.84 -10.04
CA SER C 130 13.83 3.22 -10.51
C SER C 130 14.48 4.24 -9.56
N GLN C 131 14.33 4.06 -8.25
CA GLN C 131 14.93 4.91 -7.25
C GLN C 131 15.36 4.05 -6.06
N ALA C 132 16.27 4.61 -5.25
CA ALA C 132 16.52 4.13 -3.92
C ALA C 132 16.71 5.30 -2.98
N VAL C 133 16.50 5.06 -1.69
CA VAL C 133 16.93 5.95 -0.64
C VAL C 133 18.44 5.75 -0.53
N PHE C 134 19.25 6.81 -0.53
CA PHE C 134 20.71 6.70 -0.38
C PHE C 134 21.08 7.26 0.97
N ILE C 135 21.80 6.44 1.75
CA ILE C 135 22.32 6.81 3.04
C ILE C 135 23.82 6.58 3.02
N GLY C 136 24.59 7.61 3.36
CA GLY C 136 26.03 7.51 3.28
C GLY C 136 26.68 8.02 4.56
N HIS C 137 27.90 7.55 4.83
CA HIS C 137 28.73 8.03 5.91
C HIS C 137 30.12 8.37 5.35
N ASP C 138 30.71 9.50 5.79
CA ASP C 138 32.10 9.77 5.41
C ASP C 138 32.20 9.98 3.88
N TRP C 139 33.17 9.39 3.17
CA TRP C 139 33.22 9.50 1.73
C TRP C 139 31.91 9.03 1.07
N GLY C 140 31.26 8.06 1.68
CA GLY C 140 29.98 7.61 1.15
C GLY C 140 28.93 8.68 1.31
N GLY C 141 29.05 9.50 2.34
CA GLY C 141 28.15 10.66 2.54
C GLY C 141 28.34 11.70 1.46
N MET C 142 29.60 11.90 1.06
CA MET C 142 29.87 12.86 0.00
C MET C 142 29.25 12.34 -1.30
N LEU C 143 29.42 11.04 -1.56
CA LEU C 143 28.83 10.42 -2.73
C LEU C 143 27.31 10.58 -2.77
N VAL C 144 26.60 10.35 -1.67
CA VAL C 144 25.14 10.40 -1.75
C VAL C 144 24.66 11.84 -1.90
N TRP C 145 25.39 12.83 -1.40
CA TRP C 145 25.00 14.21 -1.70
C TRP C 145 25.11 14.49 -3.20
N TYR C 146 26.24 14.10 -3.82
N TYR C 146 26.15 14.03 -3.88
CA TYR C 146 26.45 14.26 -5.26
CA TYR C 146 26.28 14.34 -5.29
C TYR C 146 25.32 13.53 -6.01
C TYR C 146 25.37 13.46 -6.14
N MET C 147 24.97 12.31 -5.59
CA MET C 147 23.88 11.57 -6.24
C MET C 147 22.61 12.40 -6.21
N ALA C 148 22.34 13.06 -5.07
CA ALA C 148 21.11 13.81 -4.90
C ALA C 148 21.14 15.03 -5.82
N LEU C 149 22.31 15.65 -5.96
CA LEU C 149 22.48 16.84 -6.78
C LEU C 149 22.36 16.51 -8.27
N PHE C 150 23.04 15.46 -8.77
CA PHE C 150 23.14 15.19 -10.19
C PHE C 150 22.17 14.12 -10.70
N TYR C 151 21.65 13.26 -9.80
CA TYR C 151 20.70 12.21 -10.21
C TYR C 151 19.48 12.24 -9.31
N PRO C 152 18.80 13.38 -9.08
CA PRO C 152 17.68 13.44 -8.16
C PRO C 152 16.56 12.49 -8.58
N GLU C 153 16.42 12.21 -9.90
CA GLU C 153 15.34 11.34 -10.35
C GLU C 153 15.58 9.89 -9.93
N ARG C 154 16.80 9.55 -9.50
CA ARG C 154 17.07 8.20 -9.02
C ARG C 154 17.18 8.12 -7.50
N VAL C 155 17.07 9.25 -6.82
CA VAL C 155 17.25 9.30 -5.39
C VAL C 155 15.90 9.64 -4.74
N ARG C 156 15.28 8.67 -4.08
CA ARG C 156 14.00 8.87 -3.41
C ARG C 156 14.15 9.89 -2.27
N ALA C 157 15.26 9.76 -1.54
CA ALA C 157 15.57 10.55 -0.36
C ALA C 157 17.07 10.36 -0.07
N VAL C 158 17.67 11.28 0.71
CA VAL C 158 19.11 11.17 0.94
C VAL C 158 19.42 11.49 2.38
N ALA C 159 20.29 10.67 2.99
CA ALA C 159 20.75 10.89 4.33
C ALA C 159 22.27 10.76 4.41
N SER C 160 22.90 11.65 5.19
CA SER C 160 24.33 11.60 5.40
C SER C 160 24.62 11.55 6.89
N LEU C 161 25.52 10.63 7.29
CA LEU C 161 26.11 10.65 8.63
C LEU C 161 27.45 11.39 8.55
N ASN C 162 27.54 12.49 9.32
CA ASN C 162 28.77 13.23 9.59
C ASN C 162 29.19 14.19 8.47
N THR C 163 29.07 13.72 7.23
CA THR C 163 29.56 14.46 6.09
C THR C 163 28.53 15.53 5.71
N PRO C 164 28.88 16.81 5.78
CA PRO C 164 27.96 17.83 5.33
C PRO C 164 27.92 17.98 3.82
N PHE C 165 26.89 18.71 3.36
CA PHE C 165 26.90 19.19 2.00
C PHE C 165 27.43 20.62 2.00
N ILE C 166 28.55 20.85 1.30
CA ILE C 166 29.12 22.17 1.16
C ILE C 166 29.29 22.45 -0.33
N PRO C 167 28.69 23.54 -0.85
CA PRO C 167 28.78 23.85 -2.28
C PRO C 167 30.23 24.04 -2.69
N ALA C 168 30.58 23.60 -3.89
CA ALA C 168 31.90 23.85 -4.41
C ALA C 168 32.12 25.36 -4.48
N ASN C 169 33.35 25.80 -4.18
CA ASN C 169 33.73 27.20 -4.25
C ASN C 169 34.42 27.40 -5.61
N PRO C 170 33.78 28.08 -6.57
CA PRO C 170 34.35 28.15 -7.93
C PRO C 170 35.54 29.11 -7.93
N ASN C 171 35.74 29.84 -6.83
CA ASN C 171 36.80 30.84 -6.78
C ASN C 171 38.05 30.32 -6.09
N MET C 172 38.03 29.06 -5.61
CA MET C 172 39.19 28.50 -4.93
C MET C 172 39.41 27.06 -5.35
N SER C 173 40.63 26.74 -5.78
CA SER C 173 41.03 25.37 -6.11
C SER C 173 41.07 24.52 -4.85
N PRO C 174 41.00 23.19 -4.95
CA PRO C 174 41.21 22.32 -3.79
C PRO C 174 42.43 22.63 -2.89
N LEU C 175 43.64 22.65 -3.47
CA LEU C 175 44.84 22.93 -2.68
C LEU C 175 44.76 24.31 -2.04
N GLU C 176 44.20 25.28 -2.76
CA GLU C 176 43.99 26.60 -2.19
C GLU C 176 43.06 26.50 -0.99
N SER C 177 42.03 25.63 -1.05
CA SER C 177 41.09 25.48 0.05
C SER C 177 41.79 24.85 1.25
N ILE C 178 42.54 23.76 1.02
CA ILE C 178 43.31 23.15 2.10
C ILE C 178 44.26 24.18 2.70
N LYS C 179 44.92 25.00 1.85
CA LYS C 179 45.89 25.98 2.29
C LYS C 179 45.24 27.08 3.13
N ALA C 180 43.94 27.35 2.89
CA ALA C 180 43.23 28.46 3.51
C ALA C 180 42.60 28.07 4.85
N ASN C 181 42.09 26.84 4.97
CA ASN C 181 41.63 26.30 6.25
C ASN C 181 42.02 24.83 6.33
N PRO C 182 43.06 24.44 7.12
CA PRO C 182 43.69 23.12 6.99
C PRO C 182 43.11 22.00 7.84
N VAL C 183 41.77 22.04 8.06
CA VAL C 183 41.05 20.97 8.76
C VAL C 183 41.39 19.65 8.11
N PHE C 184 41.49 19.69 6.77
CA PHE C 184 41.61 18.51 5.95
C PHE C 184 43.02 18.31 5.41
N ASP C 185 44.08 18.83 6.03
CA ASP C 185 45.36 18.77 5.36
C ASP C 185 46.01 17.37 5.43
N TYR C 186 45.53 16.45 6.28
CA TYR C 186 45.99 15.07 6.22
C TYR C 186 45.78 14.46 4.83
N GLN C 187 44.85 15.02 4.07
CA GLN C 187 44.58 14.60 2.72
C GLN C 187 45.78 14.80 1.80
N LEU C 188 46.66 15.77 2.12
CA LEU C 188 47.89 15.96 1.35
C LEU C 188 48.80 14.73 1.45
N TYR C 189 48.86 14.11 2.63
CA TYR C 189 49.62 12.89 2.89
C TYR C 189 49.10 11.72 2.08
N PHE C 190 47.79 11.68 1.81
CA PHE C 190 47.20 10.65 0.95
C PHE C 190 47.43 10.84 -0.54
N GLN C 191 48.05 11.95 -0.99
CA GLN C 191 48.10 12.24 -2.41
C GLN C 191 49.05 11.36 -3.21
N GLU C 192 50.30 11.15 -2.72
CA GLU C 192 51.34 10.49 -3.50
C GLU C 192 51.11 8.98 -3.49
N PRO C 193 50.87 8.38 -4.67
CA PRO C 193 50.59 6.96 -4.72
C PRO C 193 51.72 6.17 -4.09
N GLY C 194 51.37 5.26 -3.20
CA GLY C 194 52.24 4.31 -2.56
C GLY C 194 52.69 4.68 -1.13
N VAL C 195 52.64 5.98 -0.76
CA VAL C 195 53.14 6.36 0.56
C VAL C 195 52.17 5.94 1.67
N ALA C 196 50.92 6.41 1.66
CA ALA C 196 49.97 5.97 2.67
C ALA C 196 49.71 4.46 2.60
N GLU C 197 49.65 3.88 1.38
CA GLU C 197 49.40 2.44 1.23
C GLU C 197 50.38 1.66 2.09
N ALA C 198 51.65 2.05 2.00
CA ALA C 198 52.70 1.32 2.69
C ALA C 198 52.45 1.38 4.20
N GLU C 199 52.07 2.56 4.73
CA GLU C 199 51.82 2.67 6.15
C GLU C 199 50.60 1.84 6.57
N LEU C 200 49.50 1.94 5.80
CA LEU C 200 48.25 1.30 6.20
C LEU C 200 48.30 -0.21 6.01
N GLU C 201 49.09 -0.68 5.02
CA GLU C 201 49.19 -2.12 4.75
C GLU C 201 50.24 -2.83 5.60
N GLN C 202 51.11 -2.07 6.28
CA GLN C 202 52.23 -2.68 6.99
C GLN C 202 51.76 -3.73 7.99
N ASN C 203 50.72 -3.41 8.77
CA ASN C 203 50.16 -4.25 9.80
C ASN C 203 48.66 -3.95 9.90
N LEU C 204 47.85 -4.77 9.26
CA LEU C 204 46.44 -4.41 9.12
C LEU C 204 45.70 -4.38 10.47
N SER C 205 46.05 -5.27 11.38
N SER C 205 46.02 -5.28 11.39
CA SER C 205 45.43 -5.30 12.69
CA SER C 205 45.42 -5.28 12.71
C SER C 205 45.71 -4.00 13.45
C SER C 205 45.71 -3.96 13.42
N ARG C 206 46.97 -3.53 13.38
CA ARG C 206 47.31 -2.25 14.00
C ARG C 206 46.52 -1.12 13.30
N THR C 207 46.37 -1.20 11.99
CA THR C 207 45.67 -0.14 11.25
C THR C 207 44.26 0.03 11.79
N PHE C 208 43.49 -1.06 11.84
CA PHE C 208 42.08 -1.02 12.19
C PHE C 208 41.87 -0.76 13.69
N LYS C 209 42.71 -1.37 14.54
CA LYS C 209 42.60 -1.12 15.95
C LYS C 209 42.98 0.32 16.27
N SER C 210 43.91 0.92 15.51
CA SER C 210 44.29 2.32 15.75
C SER C 210 43.17 3.26 15.30
N LEU C 211 42.57 3.01 14.14
CA LEU C 211 41.50 3.87 13.62
C LEU C 211 40.17 3.75 14.33
N PHE C 212 39.67 2.55 14.58
CA PHE C 212 38.30 2.36 14.99
C PHE C 212 38.21 2.47 16.51
N ARG C 213 38.14 3.71 16.97
CA ARG C 213 38.18 3.97 18.40
C ARG C 213 37.16 5.03 18.74
N ALA C 214 36.58 4.98 19.95
CA ALA C 214 35.78 6.12 20.41
C ALA C 214 36.69 7.34 20.56
N SER C 215 36.07 8.52 20.52
N SER C 215 36.07 8.52 20.53
CA SER C 215 36.86 9.74 20.56
CA SER C 215 36.89 9.72 20.52
C SER C 215 37.77 9.79 21.78
C SER C 215 37.74 9.84 21.78
N ASP C 216 37.23 9.39 22.93
CA ASP C 216 37.97 9.45 24.19
C ASP C 216 39.09 8.43 24.24
N GLU C 217 39.11 7.47 23.30
CA GLU C 217 40.14 6.46 23.23
C GLU C 217 41.15 6.73 22.13
N SER C 218 41.06 7.87 21.46
CA SER C 218 41.88 8.16 20.31
C SER C 218 43.37 8.00 20.61
N VAL C 219 44.10 7.40 19.68
CA VAL C 219 45.55 7.30 19.77
C VAL C 219 46.28 8.09 18.69
N LEU C 220 45.54 8.83 17.84
CA LEU C 220 46.17 9.68 16.87
C LEU C 220 45.25 10.87 16.60
N SER C 221 45.83 11.94 16.06
CA SER C 221 45.10 13.13 15.64
C SER C 221 45.22 13.31 14.13
N MET C 222 44.09 13.33 13.42
CA MET C 222 44.12 13.56 11.98
C MET C 222 44.72 14.93 11.67
N HIS C 223 44.58 15.90 12.58
CA HIS C 223 45.10 17.24 12.33
C HIS C 223 46.62 17.24 12.44
N LYS C 224 47.24 16.17 12.98
CA LYS C 224 48.68 16.13 13.18
C LYS C 224 49.40 15.23 12.17
N VAL C 225 48.67 14.62 11.21
CA VAL C 225 49.24 13.65 10.29
C VAL C 225 50.33 14.25 9.38
N CYS C 226 50.09 15.44 8.80
CA CYS C 226 51.05 16.09 7.91
C CYS C 226 52.37 16.37 8.64
N GLU C 227 52.27 17.09 9.77
CA GLU C 227 53.41 17.38 10.62
C GLU C 227 54.16 16.08 10.89
N ALA C 228 53.43 15.05 11.37
CA ALA C 228 54.06 13.83 11.82
C ALA C 228 54.69 13.05 10.64
N GLY C 229 54.06 13.11 9.47
CA GLY C 229 54.50 12.34 8.32
C GLY C 229 53.81 10.98 8.23
N GLY C 230 52.66 10.84 8.88
CA GLY C 230 51.99 9.55 8.93
C GLY C 230 50.83 9.54 9.90
N LEU C 231 49.97 8.53 9.78
CA LEU C 231 48.84 8.42 10.67
C LEU C 231 49.24 7.88 12.03
N PHE C 232 50.14 6.89 12.01
CA PHE C 232 50.43 6.09 13.19
C PHE C 232 51.86 6.29 13.69
N VAL C 233 52.52 7.34 13.20
CA VAL C 233 53.90 7.62 13.56
C VAL C 233 54.03 7.69 15.09
N ASN C 234 53.08 8.31 15.77
CA ASN C 234 53.15 8.54 17.21
C ASN C 234 52.14 7.71 18.00
N SER C 235 51.63 6.60 17.43
CA SER C 235 50.60 5.79 18.06
C SER C 235 51.23 4.53 18.62
N PRO C 236 50.58 3.83 19.59
CA PRO C 236 51.09 2.55 20.12
C PRO C 236 51.38 1.50 19.06
N GLU C 237 52.45 0.71 19.24
CA GLU C 237 52.76 -0.43 18.38
C GLU C 237 51.71 -1.53 18.48
N GLU C 238 51.21 -1.77 19.69
CA GLU C 238 50.22 -2.80 19.91
C GLU C 238 49.03 -2.14 20.58
N PRO C 239 48.15 -1.42 19.84
CA PRO C 239 47.02 -0.76 20.46
C PRO C 239 46.09 -1.77 21.13
N SER C 240 45.47 -1.32 22.21
CA SER C 240 44.38 -2.02 22.85
C SER C 240 43.19 -2.04 21.90
N LEU C 241 42.21 -2.85 22.26
CA LEU C 241 40.96 -2.99 21.53
C LEU C 241 39.96 -1.98 22.04
N SER C 242 39.49 -1.10 21.16
CA SER C 242 38.41 -0.20 21.51
C SER C 242 37.23 -0.95 22.13
N ARG C 243 36.57 -0.31 23.10
CA ARG C 243 35.27 -0.72 23.59
C ARG C 243 34.24 -0.88 22.46
N MET C 244 34.44 -0.26 21.27
CA MET C 244 33.44 -0.27 20.22
C MET C 244 33.47 -1.57 19.44
N VAL C 245 34.57 -2.30 19.46
CA VAL C 245 34.75 -3.45 18.58
C VAL C 245 35.27 -4.66 19.33
N THR C 246 34.98 -5.86 18.80
CA THR C 246 35.61 -7.10 19.19
C THR C 246 36.82 -7.43 18.32
N GLU C 247 37.65 -8.39 18.76
CA GLU C 247 38.78 -8.85 17.99
C GLU C 247 38.34 -9.47 16.66
N GLU C 248 37.24 -10.21 16.74
CA GLU C 248 36.69 -10.91 15.58
C GLU C 248 36.19 -9.89 14.54
N GLU C 249 35.59 -8.77 14.99
CA GLU C 249 35.21 -7.72 14.06
C GLU C 249 36.43 -7.08 13.39
N ILE C 250 37.46 -6.73 14.19
CA ILE C 250 38.71 -6.26 13.58
C ILE C 250 39.25 -7.23 12.52
N GLN C 251 39.22 -8.53 12.81
CA GLN C 251 39.82 -9.48 11.90
C GLN C 251 38.99 -9.59 10.61
N PHE C 252 37.69 -9.30 10.69
CA PHE C 252 36.89 -9.25 9.46
C PHE C 252 37.40 -8.15 8.53
N TYR C 253 37.64 -6.93 9.07
CA TYR C 253 38.23 -5.89 8.26
C TYR C 253 39.60 -6.28 7.73
N VAL C 254 40.46 -6.87 8.59
CA VAL C 254 41.78 -7.29 8.10
C VAL C 254 41.67 -8.18 6.86
N GLN C 255 40.80 -9.20 6.98
N GLN C 255 40.81 -9.21 6.98
CA GLN C 255 40.53 -10.16 5.91
CA GLN C 255 40.54 -10.15 5.89
C GLN C 255 40.05 -9.46 4.65
C GLN C 255 40.13 -9.38 4.64
N GLN C 256 39.22 -8.40 4.78
CA GLN C 256 38.66 -7.73 3.61
C GLN C 256 39.77 -7.00 2.90
N PHE C 257 40.67 -6.36 3.64
CA PHE C 257 41.63 -5.48 3.04
C PHE C 257 42.88 -6.19 2.50
N LYS C 258 42.99 -7.46 2.84
CA LYS C 258 43.99 -8.28 2.15
C LYS C 258 43.68 -8.51 0.68
N LYS C 259 42.42 -8.37 0.25
CA LYS C 259 42.03 -8.67 -1.12
C LYS C 259 42.68 -7.66 -2.06
N SER C 260 42.55 -6.35 -1.80
CA SER C 260 42.99 -5.31 -2.71
C SER C 260 43.83 -4.23 -2.02
N GLY C 261 43.94 -4.24 -0.70
CA GLY C 261 44.70 -3.22 -0.01
C GLY C 261 44.10 -1.83 -0.17
N PHE C 262 44.93 -0.78 0.01
CA PHE C 262 44.48 0.56 0.25
C PHE C 262 44.56 1.43 -0.99
N ARG C 263 45.11 0.99 -2.15
CA ARG C 263 45.26 1.91 -3.26
C ARG C 263 43.90 2.46 -3.73
N GLY C 264 42.95 1.58 -3.98
CA GLY C 264 41.64 2.00 -4.46
C GLY C 264 40.98 2.96 -3.48
N PRO C 265 40.93 2.56 -2.20
CA PRO C 265 40.38 3.45 -1.18
C PRO C 265 41.02 4.82 -1.17
N LEU C 266 42.38 4.89 -1.22
CA LEU C 266 43.05 6.17 -1.17
C LEU C 266 42.84 6.95 -2.46
N ASN C 267 42.58 6.24 -3.59
CA ASN C 267 42.31 6.91 -4.84
C ASN C 267 41.05 7.80 -4.76
N TRP C 268 40.14 7.54 -3.80
CA TRP C 268 39.02 8.45 -3.62
C TRP C 268 39.45 9.90 -3.34
N TYR C 269 40.65 10.05 -2.71
CA TYR C 269 41.20 11.36 -2.35
C TYR C 269 42.07 12.01 -3.44
N ARG C 270 42.24 11.33 -4.57
CA ARG C 270 43.28 11.70 -5.54
C ARG C 270 42.67 12.28 -6.83
N ASN C 271 41.45 12.83 -6.73
CA ASN C 271 40.71 13.37 -7.85
C ASN C 271 40.16 14.74 -7.48
N MET C 272 40.93 15.49 -6.68
CA MET C 272 40.39 16.70 -6.13
C MET C 272 40.02 17.66 -7.25
N GLU C 273 40.90 17.83 -8.23
CA GLU C 273 40.63 18.84 -9.26
C GLU C 273 39.42 18.41 -10.12
N ARG C 274 39.40 17.15 -10.50
CA ARG C 274 38.33 16.56 -11.30
C ARG C 274 36.99 16.69 -10.57
N ASN C 275 36.98 16.36 -9.26
CA ASN C 275 35.77 16.49 -8.48
C ASN C 275 35.29 17.92 -8.38
N TRP C 276 36.23 18.85 -8.17
CA TRP C 276 35.86 20.25 -7.99
C TRP C 276 35.20 20.78 -9.25
N LYS C 277 35.81 20.50 -10.40
CA LYS C 277 35.31 20.96 -11.70
C LYS C 277 33.92 20.38 -11.96
N TRP C 278 33.72 19.10 -11.64
CA TRP C 278 32.40 18.48 -11.78
C TRP C 278 31.39 19.16 -10.86
N ALA C 279 31.74 19.30 -9.57
CA ALA C 279 30.82 19.83 -8.61
C ALA C 279 30.41 21.25 -9.00
N CYS C 280 31.32 21.98 -9.65
CA CYS C 280 31.07 23.39 -9.97
C CYS C 280 29.92 23.49 -11.01
N LYS C 281 29.70 22.43 -11.79
CA LYS C 281 28.59 22.36 -12.74
C LYS C 281 27.21 22.40 -12.04
N SER C 282 27.13 22.13 -10.74
CA SER C 282 25.87 22.02 -10.03
C SER C 282 25.54 23.25 -9.18
N LEU C 283 26.46 24.22 -9.13
CA LEU C 283 26.25 25.39 -8.29
C LEU C 283 24.95 26.09 -8.68
N GLY C 284 24.27 26.57 -7.65
CA GLY C 284 22.98 27.18 -7.80
C GLY C 284 21.83 26.20 -7.59
N ARG C 285 22.01 24.90 -7.85
CA ARG C 285 20.87 24.01 -7.81
C ARG C 285 20.66 23.48 -6.39
N LYS C 286 19.41 23.52 -5.91
CA LYS C 286 19.11 23.14 -4.54
C LYS C 286 18.56 21.71 -4.57
N ILE C 287 18.71 21.01 -3.45
CA ILE C 287 18.22 19.66 -3.31
C ILE C 287 16.85 19.74 -2.68
N LEU C 288 15.83 19.26 -3.41
CA LEU C 288 14.46 19.49 -2.97
C LEU C 288 13.83 18.17 -2.48
N ILE C 289 14.56 17.06 -2.70
CA ILE C 289 14.13 15.74 -2.21
C ILE C 289 14.29 15.67 -0.71
N PRO C 290 13.61 14.75 0.00
CA PRO C 290 13.74 14.70 1.43
C PRO C 290 15.21 14.43 1.73
N ALA C 291 15.68 15.03 2.81
CA ALA C 291 17.06 14.94 3.22
C ALA C 291 17.23 15.01 4.71
N LEU C 292 18.24 14.26 5.17
CA LEU C 292 18.60 14.14 6.56
C LEU C 292 20.10 14.34 6.71
N MET C 293 20.47 15.18 7.66
CA MET C 293 21.85 15.42 8.05
C MET C 293 21.97 15.04 9.50
N VAL C 294 22.87 14.08 9.79
CA VAL C 294 23.11 13.64 11.14
C VAL C 294 24.51 14.03 11.55
N THR C 295 24.63 14.80 12.64
CA THR C 295 25.93 15.22 13.13
C THR C 295 26.34 14.39 14.32
N ALA C 296 27.66 14.33 14.58
CA ALA C 296 28.26 13.55 15.63
C ALA C 296 29.08 14.52 16.45
N GLU C 297 28.71 14.66 17.74
CA GLU C 297 29.31 15.69 18.59
C GLU C 297 30.83 15.61 18.66
N LYS C 298 31.39 14.40 18.66
CA LYS C 298 32.81 14.17 18.90
C LYS C 298 33.55 13.67 17.67
N ASP C 299 33.01 13.92 16.48
CA ASP C 299 33.82 13.81 15.26
C ASP C 299 34.64 15.08 15.16
N PHE C 300 35.95 14.97 15.36
CA PHE C 300 36.79 16.19 15.34
C PHE C 300 37.36 16.53 13.95
N VAL C 301 36.94 15.79 12.92
CA VAL C 301 37.31 16.07 11.56
C VAL C 301 36.11 16.61 10.84
N LEU C 302 35.01 15.86 10.82
CA LEU C 302 33.74 16.31 10.28
C LEU C 302 32.88 16.84 11.41
N VAL C 303 33.14 18.08 11.81
CA VAL C 303 32.56 18.61 13.03
C VAL C 303 31.14 19.07 12.73
N PRO C 304 30.23 19.05 13.71
CA PRO C 304 28.87 19.49 13.44
C PRO C 304 28.71 20.86 12.80
N GLN C 305 29.56 21.80 13.24
CA GLN C 305 29.45 23.19 12.77
C GLN C 305 29.64 23.29 11.27
N MET C 306 30.37 22.34 10.66
N MET C 306 30.38 22.35 10.66
CA MET C 306 30.58 22.34 9.22
CA MET C 306 30.59 22.30 9.22
C MET C 306 29.28 22.13 8.43
C MET C 306 29.27 22.15 8.45
N SER C 307 28.20 21.68 9.12
CA SER C 307 26.89 21.52 8.50
C SER C 307 25.99 22.76 8.62
N GLN C 308 26.49 23.83 9.22
CA GLN C 308 25.67 25.03 9.43
C GLN C 308 25.23 25.61 8.07
N HIS C 309 23.98 26.09 8.00
CA HIS C 309 23.49 26.73 6.78
C HIS C 309 23.30 25.76 5.60
N MET C 310 23.32 24.43 5.81
CA MET C 310 22.93 23.56 4.73
C MET C 310 21.50 23.85 4.27
N GLU C 311 20.66 24.34 5.19
CA GLU C 311 19.28 24.67 4.83
C GLU C 311 19.22 25.70 3.71
N ASP C 312 20.27 26.52 3.54
CA ASP C 312 20.33 27.44 2.41
C ASP C 312 20.22 26.75 1.06
N TRP C 313 20.68 25.48 0.95
CA TRP C 313 20.69 24.76 -0.30
C TRP C 313 19.78 23.52 -0.28
N ILE C 314 19.21 23.20 0.90
CA ILE C 314 18.34 22.03 1.13
C ILE C 314 17.19 22.46 2.01
N PRO C 315 16.20 23.13 1.39
CA PRO C 315 15.14 23.81 2.16
C PRO C 315 14.43 22.92 3.18
N HIS C 316 14.12 21.68 2.76
N HIS C 316 14.11 21.68 2.80
CA HIS C 316 13.38 20.72 3.58
CA HIS C 316 13.34 20.80 3.66
C HIS C 316 14.32 19.75 4.31
C HIS C 316 14.22 19.92 4.55
N LEU C 317 15.53 20.21 4.62
CA LEU C 317 16.44 19.37 5.38
C LEU C 317 15.86 19.08 6.73
N LYS C 318 15.98 17.83 7.17
CA LYS C 318 15.74 17.45 8.54
C LYS C 318 17.08 17.11 9.17
N ARG C 319 17.14 17.14 10.50
CA ARG C 319 18.40 16.94 11.20
C ARG C 319 18.29 15.94 12.33
N GLY C 320 19.41 15.29 12.60
CA GLY C 320 19.63 14.59 13.83
C GLY C 320 21.03 14.89 14.34
N HIS C 321 21.22 14.56 15.60
CA HIS C 321 22.45 14.78 16.29
C HIS C 321 22.62 13.70 17.31
N ILE C 322 23.86 13.25 17.44
CA ILE C 322 24.19 12.21 18.36
C ILE C 322 25.29 12.74 19.25
N GLU C 323 24.95 12.86 20.53
CA GLU C 323 25.91 13.22 21.54
C GLU C 323 26.90 12.09 21.75
N ASP C 324 28.09 12.41 22.26
CA ASP C 324 29.00 11.41 22.74
C ASP C 324 29.36 10.42 21.61
N CYS C 325 29.43 10.94 20.39
CA CYS C 325 29.59 10.09 19.19
C CYS C 325 30.75 10.64 18.37
N GLY C 326 31.72 9.77 18.09
CA GLY C 326 32.90 10.06 17.32
C GLY C 326 32.67 9.88 15.81
N HIS C 327 33.76 9.77 15.06
CA HIS C 327 33.71 9.67 13.64
C HIS C 327 33.02 8.38 13.19
N TRP C 328 33.17 7.28 13.96
CA TRP C 328 32.73 5.95 13.49
C TRP C 328 31.30 5.70 13.93
N THR C 329 30.41 6.55 13.42
CA THR C 329 29.08 6.75 13.98
C THR C 329 28.29 5.45 14.12
N GLN C 330 28.27 4.60 13.08
CA GLN C 330 27.38 3.45 13.11
C GLN C 330 27.77 2.47 14.18
N MET C 331 29.06 2.37 14.51
CA MET C 331 29.44 1.42 15.54
C MET C 331 29.55 2.06 16.92
N ASP C 332 29.72 3.37 16.93
CA ASP C 332 29.79 4.09 18.21
C ASP C 332 28.41 4.15 18.87
N LYS C 333 27.42 4.61 18.14
CA LYS C 333 26.07 4.79 18.64
C LYS C 333 25.05 4.16 17.68
N PRO C 334 25.10 2.80 17.56
CA PRO C 334 24.21 2.09 16.63
C PRO C 334 22.73 2.26 16.97
N THR C 335 22.37 2.22 18.28
CA THR C 335 20.96 2.34 18.64
C THR C 335 20.38 3.70 18.23
N GLU C 336 21.17 4.78 18.49
CA GLU C 336 20.78 6.14 18.14
C GLU C 336 20.69 6.35 16.62
N VAL C 337 21.64 5.73 15.90
CA VAL C 337 21.61 5.78 14.45
C VAL C 337 20.33 5.11 13.93
N ASN C 338 20.07 3.92 14.49
CA ASN C 338 18.92 3.15 14.01
C ASN C 338 17.62 3.90 14.25
N GLN C 339 17.50 4.53 15.43
CA GLN C 339 16.28 5.25 15.77
C GLN C 339 16.07 6.47 14.90
N ILE C 340 17.19 7.20 14.65
CA ILE C 340 17.13 8.37 13.82
C ILE C 340 16.72 8.01 12.38
N LEU C 341 17.44 7.05 11.78
CA LEU C 341 17.18 6.67 10.41
C LEU C 341 15.78 6.08 10.24
N ILE C 342 15.34 5.24 11.17
CA ILE C 342 14.01 4.67 10.99
C ILE C 342 12.94 5.76 11.15
N LYS C 343 13.05 6.63 12.16
CA LYS C 343 12.09 7.71 12.33
C LYS C 343 11.99 8.54 11.04
N TRP C 344 13.16 8.84 10.43
CA TRP C 344 13.19 9.66 9.25
C TRP C 344 12.67 8.90 8.02
N LEU C 345 13.09 7.64 7.88
CA LEU C 345 12.62 6.85 6.77
C LEU C 345 11.08 6.77 6.81
N ASP C 346 10.57 6.44 8.02
CA ASP C 346 9.14 6.20 8.21
C ASP C 346 8.32 7.49 7.99
N SER C 347 8.87 8.65 8.39
N SER C 347 8.95 8.63 8.30
CA SER C 347 8.14 9.90 8.28
CA SER C 347 8.25 9.90 8.38
C SER C 347 8.39 10.53 6.91
C SER C 347 8.45 10.73 7.12
N ASP C 348 9.66 10.66 6.52
CA ASP C 348 10.02 11.57 5.44
C ASP C 348 10.38 10.86 4.13
N ALA C 349 10.68 9.56 4.16
CA ALA C 349 11.27 8.93 2.99
C ALA C 349 10.38 7.89 2.29
N ARG C 350 9.18 7.60 2.81
CA ARG C 350 8.22 6.78 2.08
C ARG C 350 6.79 7.29 2.33
N LEU D 31 -16.03 15.74 29.83
CA LEU D 31 -17.29 15.26 30.47
C LEU D 31 -18.42 15.08 29.45
N PRO D 32 -18.68 15.92 28.39
CA PRO D 32 -19.62 15.48 27.36
C PRO D 32 -19.11 14.21 26.66
N THR D 33 -20.05 13.48 26.07
CA THR D 33 -19.71 12.33 25.26
C THR D 33 -18.72 12.71 24.17
N SER D 34 -17.71 11.86 23.94
CA SER D 34 -16.70 12.14 22.93
C SER D 34 -16.91 11.22 21.73
N CYS D 35 -15.94 11.17 20.82
CA CYS D 35 -15.96 10.33 19.63
C CYS D 35 -14.80 9.35 19.63
N ASN D 36 -15.11 8.10 19.31
CA ASN D 36 -14.12 7.08 19.01
C ASN D 36 -13.95 7.03 17.48
N PRO D 37 -12.80 7.44 16.90
CA PRO D 37 -12.65 7.49 15.42
C PRO D 37 -13.16 6.25 14.68
N SER D 38 -12.86 5.06 15.23
N SER D 38 -12.89 5.04 15.19
CA SER D 38 -13.21 3.79 14.61
CA SER D 38 -13.26 3.84 14.43
C SER D 38 -14.72 3.60 14.46
C SER D 38 -14.75 3.52 14.52
N ASP D 39 -15.52 4.24 15.33
CA ASP D 39 -16.97 4.10 15.35
C ASP D 39 -17.72 5.21 14.58
N MET D 40 -16.99 6.06 13.85
CA MET D 40 -17.64 7.13 13.10
C MET D 40 -17.88 6.70 11.65
N SER D 41 -18.86 7.32 11.00
CA SER D 41 -18.95 7.27 9.54
C SER D 41 -17.90 8.21 8.98
N HIS D 42 -17.08 7.69 8.08
CA HIS D 42 -16.02 8.45 7.45
C HIS D 42 -16.40 8.68 5.98
N GLY D 43 -16.43 9.95 5.58
CA GLY D 43 -16.82 10.31 4.20
C GLY D 43 -15.64 10.95 3.47
N TYR D 44 -15.68 10.82 2.14
CA TYR D 44 -14.61 11.30 1.27
C TYR D 44 -15.23 11.82 0.00
N VAL D 45 -14.93 13.07 -0.32
CA VAL D 45 -15.41 13.72 -1.52
C VAL D 45 -14.20 14.24 -2.31
N THR D 46 -14.14 13.89 -3.60
CA THR D 46 -13.10 14.39 -4.48
C THR D 46 -13.58 15.67 -5.10
N VAL D 47 -12.97 16.80 -4.73
CA VAL D 47 -13.45 18.09 -5.18
C VAL D 47 -12.76 18.49 -6.48
N LYS D 48 -11.57 17.95 -6.70
CA LYS D 48 -10.75 18.18 -7.88
C LYS D 48 -9.91 16.93 -8.06
N PRO D 49 -9.35 16.61 -9.25
CA PRO D 49 -8.68 15.33 -9.42
C PRO D 49 -7.65 14.90 -8.37
N ARG D 50 -6.85 15.79 -7.84
CA ARG D 50 -5.90 15.29 -6.86
C ARG D 50 -6.23 15.77 -5.45
N VAL D 51 -7.46 16.27 -5.22
CA VAL D 51 -7.87 16.80 -3.92
C VAL D 51 -9.17 16.14 -3.45
N ARG D 52 -9.06 15.39 -2.37
CA ARG D 52 -10.19 14.73 -1.72
C ARG D 52 -10.24 15.21 -0.28
N LEU D 53 -11.42 15.60 0.15
CA LEU D 53 -11.68 16.01 1.51
C LEU D 53 -12.37 14.89 2.25
N HIS D 54 -11.90 14.67 3.48
CA HIS D 54 -12.37 13.71 4.44
C HIS D 54 -13.17 14.42 5.54
N PHE D 55 -14.22 13.75 5.99
CA PHE D 55 -15.01 14.26 7.09
C PHE D 55 -15.63 13.09 7.84
N VAL D 56 -16.06 13.36 9.07
CA VAL D 56 -16.91 12.45 9.80
C VAL D 56 -18.33 13.03 9.86
N GLU D 57 -19.31 12.14 9.84
CA GLU D 57 -20.72 12.52 9.75
C GLU D 57 -21.51 11.81 10.84
N LEU D 58 -22.32 12.58 11.61
CA LEU D 58 -23.17 12.00 12.62
C LEU D 58 -24.47 12.79 12.76
N GLY D 59 -25.61 12.09 12.81
CA GLY D 59 -26.88 12.75 13.09
C GLY D 59 -27.74 12.95 11.85
N SER D 60 -29.02 13.26 12.12
CA SER D 60 -29.97 13.69 11.12
C SER D 60 -30.43 15.11 11.40
N GLY D 61 -30.91 15.79 10.35
CA GLY D 61 -31.42 17.14 10.51
C GLY D 61 -30.66 18.11 9.62
N PRO D 62 -30.82 19.42 9.86
CA PRO D 62 -30.12 20.43 9.07
C PRO D 62 -28.62 20.17 9.12
N ALA D 63 -27.95 20.42 8.00
CA ALA D 63 -26.52 20.14 7.87
C ALA D 63 -25.72 21.25 8.54
N VAL D 64 -24.76 20.83 9.39
CA VAL D 64 -23.86 21.71 10.13
C VAL D 64 -22.43 21.25 9.83
N CYS D 65 -21.62 22.12 9.23
N CYS D 65 -21.65 22.12 9.18
CA CYS D 65 -20.27 21.80 8.80
CA CYS D 65 -20.26 21.84 8.82
C CYS D 65 -19.27 22.50 9.72
C CYS D 65 -19.37 22.50 9.86
N LEU D 66 -18.50 21.70 10.47
CA LEU D 66 -17.55 22.14 11.47
C LEU D 66 -16.17 22.19 10.81
N CYS D 67 -15.51 23.33 11.00
CA CYS D 67 -14.22 23.60 10.38
C CYS D 67 -13.19 24.03 11.44
N HIS D 68 -12.19 23.15 11.65
CA HIS D 68 -11.15 23.32 12.68
C HIS D 68 -10.07 24.33 12.28
N GLY D 69 -9.16 24.57 13.26
CA GLY D 69 -8.07 25.52 13.01
C GLY D 69 -6.71 24.83 12.90
N PHE D 70 -5.72 25.67 13.19
CA PHE D 70 -4.31 25.24 13.08
C PHE D 70 -3.76 24.95 14.46
N PRO D 71 -3.02 23.83 14.67
CA PRO D 71 -2.89 22.69 13.79
C PRO D 71 -3.71 21.57 14.38
N GLU D 72 -4.96 21.46 13.88
CA GLU D 72 -5.95 20.61 14.53
C GLU D 72 -6.42 19.47 13.62
N SER D 73 -7.69 19.17 13.65
CA SER D 73 -8.25 17.92 13.15
C SER D 73 -9.78 18.01 13.22
N TRP D 74 -10.49 17.15 12.49
CA TRP D 74 -11.90 16.95 12.79
C TRP D 74 -12.09 16.61 14.29
N TYR D 75 -11.11 15.91 14.87
CA TYR D 75 -11.20 15.37 16.22
C TYR D 75 -11.19 16.48 17.27
N SER D 76 -10.83 17.71 16.88
CA SER D 76 -10.95 18.80 17.82
C SER D 76 -12.40 19.07 18.19
N TRP D 77 -13.35 18.59 17.38
CA TRP D 77 -14.79 18.76 17.60
C TRP D 77 -15.38 17.55 18.27
N ARG D 78 -14.52 16.71 18.85
CA ARG D 78 -14.99 15.46 19.40
C ARG D 78 -16.10 15.60 20.46
N TYR D 79 -16.11 16.67 21.27
CA TYR D 79 -17.14 16.85 22.28
C TYR D 79 -18.38 17.55 21.73
N GLN D 80 -18.27 18.17 20.57
CA GLN D 80 -19.43 18.82 19.97
C GLN D 80 -20.20 17.90 19.01
N ILE D 81 -19.52 17.00 18.33
CA ILE D 81 -20.21 16.15 17.33
C ILE D 81 -21.37 15.40 17.96
N PRO D 82 -21.21 14.64 19.08
CA PRO D 82 -22.34 13.86 19.62
C PRO D 82 -23.44 14.80 20.10
N ALA D 83 -23.04 15.90 20.77
CA ALA D 83 -24.02 16.81 21.33
C ALA D 83 -24.91 17.44 20.26
N LEU D 84 -24.29 17.91 19.18
N LEU D 84 -24.30 17.90 19.17
CA LEU D 84 -25.03 18.54 18.11
CA LEU D 84 -25.06 18.57 18.13
C LEU D 84 -25.93 17.52 17.42
C LEU D 84 -25.91 17.55 17.36
N ALA D 85 -25.41 16.32 17.18
CA ALA D 85 -26.25 15.26 16.61
C ALA D 85 -27.47 14.93 17.48
N GLN D 86 -27.24 14.82 18.79
CA GLN D 86 -28.31 14.59 19.76
C GLN D 86 -29.33 15.72 19.76
N ALA D 87 -28.91 16.96 19.47
CA ALA D 87 -29.77 18.13 19.44
C ALA D 87 -30.62 18.23 18.16
N GLY D 88 -30.40 17.32 17.22
CA GLY D 88 -31.18 17.25 16.01
C GLY D 88 -30.50 17.89 14.78
N TYR D 89 -29.17 17.69 14.65
CA TYR D 89 -28.43 18.23 13.53
C TYR D 89 -27.67 17.11 12.83
N ARG D 90 -27.46 17.28 11.53
CA ARG D 90 -26.58 16.40 10.77
C ARG D 90 -25.21 17.08 10.74
N VAL D 91 -24.27 16.52 11.52
CA VAL D 91 -22.96 17.13 11.69
C VAL D 91 -21.95 16.54 10.72
N LEU D 92 -21.29 17.45 9.98
CA LEU D 92 -20.16 17.10 9.11
C LEU D 92 -18.91 17.75 9.67
N ALA D 93 -18.00 16.97 10.25
CA ALA D 93 -16.79 17.53 10.83
C ALA D 93 -15.62 17.23 9.86
N MET D 94 -15.06 18.32 9.28
CA MET D 94 -14.04 18.25 8.25
C MET D 94 -12.68 17.90 8.85
N ASP D 95 -11.87 17.18 8.05
CA ASP D 95 -10.43 17.44 8.04
C ASP D 95 -10.20 18.51 6.98
N MET D 96 -9.70 19.67 7.36
CA MET D 96 -9.51 20.77 6.42
C MET D 96 -8.34 20.43 5.49
N LYS D 97 -8.31 21.11 4.31
CA LYS D 97 -7.29 20.80 3.32
C LYS D 97 -5.93 20.90 4.00
N GLY D 98 -5.08 19.86 3.76
CA GLY D 98 -3.78 19.82 4.37
C GLY D 98 -3.65 18.91 5.59
N TYR D 99 -4.79 18.45 6.13
CA TYR D 99 -4.86 17.77 7.41
C TYR D 99 -5.40 16.36 7.30
N GLY D 100 -4.90 15.48 8.19
CA GLY D 100 -5.52 14.22 8.44
C GLY D 100 -5.65 13.39 7.17
N GLU D 101 -6.87 12.90 6.91
CA GLU D 101 -7.08 12.07 5.73
C GLU D 101 -7.44 12.91 4.51
N SER D 102 -7.48 14.25 4.63
CA SER D 102 -7.70 15.10 3.47
C SER D 102 -6.40 15.27 2.67
N SER D 103 -6.52 15.53 1.37
CA SER D 103 -5.31 15.75 0.57
C SER D 103 -4.49 16.90 1.11
N ALA D 104 -3.15 16.78 0.91
CA ALA D 104 -2.21 17.81 1.33
C ALA D 104 -1.21 18.09 0.20
N PRO D 105 -1.64 18.72 -0.91
CA PRO D 105 -0.68 19.11 -1.94
C PRO D 105 0.37 20.10 -1.42
N PRO D 106 1.64 20.01 -1.86
CA PRO D 106 2.69 20.87 -1.31
C PRO D 106 2.65 22.34 -1.72
N GLU D 107 1.96 22.66 -2.82
CA GLU D 107 1.97 24.01 -3.36
C GLU D 107 1.24 25.01 -2.45
N ILE D 108 1.89 26.13 -2.18
CA ILE D 108 1.37 27.19 -1.33
C ILE D 108 0.00 27.67 -1.79
N GLU D 109 -0.18 27.87 -3.09
CA GLU D 109 -1.35 28.57 -3.58
C GLU D 109 -2.57 27.66 -3.50
N GLU D 110 -2.38 26.37 -3.22
CA GLU D 110 -3.51 25.47 -3.03
C GLU D 110 -4.27 25.78 -1.74
N TYR D 111 -3.66 26.63 -0.90
CA TYR D 111 -4.23 26.94 0.41
C TYR D 111 -4.61 28.41 0.56
N CYS D 112 -4.71 29.16 -0.54
CA CYS D 112 -5.27 30.50 -0.41
C CYS D 112 -6.76 30.40 -0.11
N MET D 113 -7.29 31.44 0.54
CA MET D 113 -8.68 31.37 0.97
C MET D 113 -9.62 31.22 -0.21
N GLU D 114 -9.34 31.85 -1.34
CA GLU D 114 -10.23 31.76 -2.50
C GLU D 114 -10.40 30.30 -2.92
N VAL D 115 -9.30 29.57 -3.02
CA VAL D 115 -9.35 28.17 -3.40
C VAL D 115 -10.04 27.33 -2.32
N LEU D 116 -9.70 27.57 -1.06
CA LEU D 116 -10.29 26.78 0.00
C LEU D 116 -11.80 26.94 0.04
N CYS D 117 -12.29 28.16 -0.10
CA CYS D 117 -13.73 28.40 -0.13
C CYS D 117 -14.40 27.79 -1.35
N LYS D 118 -13.75 27.92 -2.54
CA LYS D 118 -14.30 27.32 -3.76
C LYS D 118 -14.43 25.81 -3.57
N GLU D 119 -13.42 25.19 -2.94
CA GLU D 119 -13.48 23.77 -2.71
C GLU D 119 -14.58 23.38 -1.73
N MET D 120 -14.88 24.20 -0.71
CA MET D 120 -15.95 23.85 0.22
C MET D 120 -17.32 23.94 -0.47
N VAL D 121 -17.46 24.86 -1.44
CA VAL D 121 -18.68 24.95 -2.23
C VAL D 121 -18.81 23.70 -3.12
N THR D 122 -17.71 23.23 -3.74
CA THR D 122 -17.74 22.01 -4.52
C THR D 122 -18.13 20.83 -3.63
N PHE D 123 -17.60 20.77 -2.40
CA PHE D 123 -17.93 19.75 -1.43
C PHE D 123 -19.44 19.70 -1.23
N LEU D 124 -20.07 20.84 -0.96
CA LEU D 124 -21.50 20.86 -0.79
C LEU D 124 -22.21 20.40 -2.07
N ASP D 125 -21.68 20.84 -3.23
CA ASP D 125 -22.28 20.43 -4.51
C ASP D 125 -22.29 18.91 -4.66
N LYS D 126 -21.17 18.25 -4.37
CA LYS D 126 -21.03 16.80 -4.59
C LYS D 126 -21.89 16.01 -3.62
N LEU D 127 -22.09 16.58 -2.40
CA LEU D 127 -22.94 15.96 -1.40
C LEU D 127 -24.41 16.25 -1.64
N GLY D 128 -24.68 17.16 -2.59
CA GLY D 128 -26.04 17.54 -2.87
C GLY D 128 -26.70 18.39 -1.82
N LEU D 129 -25.91 19.24 -1.16
CA LEU D 129 -26.43 20.14 -0.15
C LEU D 129 -26.54 21.57 -0.70
N SER D 130 -27.76 22.12 -0.67
CA SER D 130 -27.96 23.46 -1.17
C SER D 130 -27.28 24.46 -0.22
N GLN D 131 -27.39 24.22 1.08
CA GLN D 131 -26.79 25.08 2.08
C GLN D 131 -26.31 24.20 3.24
N ALA D 132 -25.43 24.76 4.06
CA ALA D 132 -25.14 24.25 5.38
C ALA D 132 -24.93 25.40 6.35
N VAL D 133 -25.10 25.14 7.66
CA VAL D 133 -24.60 26.03 8.67
C VAL D 133 -23.09 25.80 8.75
N PHE D 134 -22.28 26.86 8.80
CA PHE D 134 -20.83 26.71 8.92
C PHE D 134 -20.38 27.24 10.27
N ILE D 135 -19.67 26.39 11.02
CA ILE D 135 -19.18 26.70 12.35
C ILE D 135 -17.66 26.48 12.30
N GLY D 136 -16.89 27.55 12.55
CA GLY D 136 -15.44 27.44 12.51
C GLY D 136 -14.74 27.93 13.75
N HIS D 137 -13.48 27.47 13.95
CA HIS D 137 -12.61 27.93 15.01
C HIS D 137 -11.26 28.27 14.37
N ASP D 138 -10.67 29.37 14.79
CA ASP D 138 -9.29 29.68 14.40
C ASP D 138 -9.24 29.88 12.89
N TRP D 139 -8.27 29.31 12.15
CA TRP D 139 -8.30 29.41 10.69
C TRP D 139 -9.64 28.97 10.10
N GLY D 140 -10.28 27.92 10.70
CA GLY D 140 -11.59 27.53 10.22
C GLY D 140 -12.61 28.66 10.41
N GLY D 141 -12.42 29.49 11.43
CA GLY D 141 -13.32 30.61 11.67
C GLY D 141 -13.16 31.67 10.59
N MET D 142 -11.90 31.89 10.19
CA MET D 142 -11.66 32.84 9.12
C MET D 142 -12.33 32.35 7.84
N LEU D 143 -12.18 31.04 7.59
CA LEU D 143 -12.77 30.48 6.39
C LEU D 143 -14.29 30.67 6.40
N VAL D 144 -14.97 30.37 7.52
CA VAL D 144 -16.44 30.46 7.50
C VAL D 144 -16.90 31.90 7.29
N TRP D 145 -16.20 32.92 7.83
CA TRP D 145 -16.60 34.30 7.56
C TRP D 145 -16.51 34.63 6.06
N TYR D 146 -15.42 34.12 5.43
N TYR D 146 -15.49 34.10 5.37
CA TYR D 146 -15.19 34.27 4.00
CA TYR D 146 -15.40 34.39 3.94
C TYR D 146 -16.30 33.57 3.21
C TYR D 146 -16.35 33.53 3.13
N MET D 147 -16.73 32.36 3.64
CA MET D 147 -17.81 31.62 3.03
C MET D 147 -19.13 32.44 3.06
N ALA D 148 -19.39 33.06 4.20
CA ALA D 148 -20.59 33.88 4.37
C ALA D 148 -20.55 35.15 3.51
N LEU D 149 -19.38 35.75 3.33
CA LEU D 149 -19.22 36.97 2.53
C LEU D 149 -19.35 36.70 1.04
N PHE D 150 -18.69 35.63 0.53
CA PHE D 150 -18.56 35.34 -0.90
C PHE D 150 -19.57 34.28 -1.37
N TYR D 151 -20.08 33.41 -0.48
CA TYR D 151 -21.04 32.41 -0.91
C TYR D 151 -22.26 32.42 0.00
N PRO D 152 -22.91 33.57 0.24
CA PRO D 152 -24.04 33.59 1.17
C PRO D 152 -25.16 32.64 0.78
N GLU D 153 -25.37 32.40 -0.52
CA GLU D 153 -26.44 31.56 -0.99
C GLU D 153 -26.20 30.10 -0.55
N ARG D 154 -24.97 29.75 -0.14
CA ARG D 154 -24.68 28.41 0.33
C ARG D 154 -24.59 28.29 1.84
N VAL D 155 -24.67 29.39 2.56
CA VAL D 155 -24.39 29.43 3.98
C VAL D 155 -25.69 29.79 4.68
N ARG D 156 -26.32 28.80 5.33
CA ARG D 156 -27.57 29.02 6.05
C ARG D 156 -27.39 29.99 7.20
N ALA D 157 -26.28 29.82 7.91
CA ALA D 157 -25.93 30.60 9.10
C ALA D 157 -24.46 30.36 9.42
N VAL D 158 -23.82 31.32 10.12
CA VAL D 158 -22.38 31.19 10.33
C VAL D 158 -22.05 31.45 11.80
N ALA D 159 -21.11 30.68 12.32
CA ALA D 159 -20.65 30.89 13.69
C ALA D 159 -19.13 30.71 13.75
N SER D 160 -18.50 31.56 14.54
CA SER D 160 -17.09 31.46 14.76
C SER D 160 -16.77 31.39 16.25
N LEU D 161 -15.82 30.52 16.58
CA LEU D 161 -15.17 30.49 17.88
C LEU D 161 -13.82 31.22 17.76
N ASN D 162 -13.73 32.34 18.51
CA ASN D 162 -12.49 33.07 18.80
C ASN D 162 -12.11 34.01 17.67
N THR D 163 -12.23 33.56 16.42
CA THR D 163 -11.78 34.39 15.31
C THR D 163 -12.81 35.43 14.92
N PRO D 164 -12.46 36.73 14.96
CA PRO D 164 -13.42 37.76 14.64
C PRO D 164 -13.45 38.02 13.15
N PHE D 165 -14.49 38.71 12.71
CA PHE D 165 -14.55 39.27 11.36
C PHE D 165 -14.15 40.74 11.41
N ILE D 166 -13.01 41.03 10.78
CA ILE D 166 -12.50 42.39 10.64
C ILE D 166 -12.31 42.66 9.15
N PRO D 167 -13.00 43.67 8.58
CA PRO D 167 -12.89 43.93 7.15
C PRO D 167 -11.42 44.22 6.80
N ALA D 168 -11.03 43.78 5.59
CA ALA D 168 -9.70 44.06 5.07
C ALA D 168 -9.49 45.57 4.97
N ASN D 169 -8.25 45.96 5.16
CA ASN D 169 -7.87 47.36 5.06
C ASN D 169 -7.19 47.52 3.70
N PRO D 170 -7.83 48.16 2.69
CA PRO D 170 -7.24 48.22 1.36
C PRO D 170 -6.03 49.16 1.35
N ASN D 171 -5.78 49.88 2.43
CA ASN D 171 -4.71 50.87 2.42
C ASN D 171 -3.49 50.32 3.14
N MET D 172 -3.50 49.05 3.56
CA MET D 172 -2.35 48.49 4.26
C MET D 172 -2.14 47.04 3.83
N SER D 173 -0.97 46.75 3.30
CA SER D 173 -0.55 45.39 2.96
C SER D 173 -0.50 44.54 4.24
N PRO D 174 -0.58 43.20 4.14
CA PRO D 174 -0.45 42.36 5.34
C PRO D 174 0.83 42.49 6.20
N LEU D 175 2.00 42.67 5.54
CA LEU D 175 3.25 42.90 6.24
C LEU D 175 3.22 44.27 6.92
N GLU D 176 2.68 45.27 6.24
CA GLU D 176 2.52 46.59 6.83
C GLU D 176 1.68 46.51 8.11
N SER D 177 0.63 45.67 8.12
CA SER D 177 -0.25 45.50 9.26
C SER D 177 0.47 44.83 10.41
N ILE D 178 1.22 43.77 10.10
CA ILE D 178 2.00 43.10 11.14
C ILE D 178 2.97 44.11 11.76
N LYS D 179 3.70 44.87 10.91
CA LYS D 179 4.67 45.87 11.36
C LYS D 179 4.02 46.85 12.32
N ALA D 180 2.95 47.50 11.87
CA ALA D 180 2.29 48.57 12.60
C ALA D 180 1.65 48.07 13.90
N ASN D 181 1.47 46.74 14.05
CA ASN D 181 0.79 46.21 15.22
C ASN D 181 1.12 44.72 15.40
N PRO D 182 2.25 44.37 16.07
CA PRO D 182 2.84 43.01 16.03
C PRO D 182 2.15 41.85 16.74
N VAL D 183 0.83 41.93 16.91
CA VAL D 183 0.07 40.95 17.67
C VAL D 183 0.22 39.55 17.04
N PHE D 184 0.32 39.50 15.69
CA PHE D 184 0.39 38.23 14.95
C PHE D 184 1.76 38.03 14.31
N ASP D 185 2.82 38.56 14.93
N ASP D 185 2.80 38.60 14.96
CA ASP D 185 4.18 38.53 14.39
CA ASP D 185 4.21 38.54 14.59
C ASP D 185 4.75 37.11 14.28
C ASP D 185 4.70 37.12 14.27
N TYR D 186 4.26 36.16 15.08
CA TYR D 186 4.71 34.77 14.97
C TYR D 186 4.43 34.24 13.56
N GLN D 187 3.51 34.88 12.84
CA GLN D 187 3.17 34.48 11.49
C GLN D 187 4.35 34.66 10.55
N LEU D 188 5.26 35.60 10.86
CA LEU D 188 6.49 35.75 10.09
C LEU D 188 7.41 34.52 10.18
N TYR D 189 7.49 33.89 11.34
CA TYR D 189 8.23 32.64 11.51
C TYR D 189 7.66 31.53 10.62
N PHE D 190 6.35 31.55 10.35
CA PHE D 190 5.71 30.51 9.55
C PHE D 190 5.86 30.72 8.04
N GLN D 191 6.49 31.81 7.56
CA GLN D 191 6.49 32.15 6.13
C GLN D 191 7.40 31.23 5.30
N GLU D 192 8.67 31.09 5.74
CA GLU D 192 9.69 30.40 4.98
C GLU D 192 9.47 28.89 4.97
N PRO D 193 9.14 28.25 3.82
CA PRO D 193 8.94 26.81 3.80
C PRO D 193 10.13 26.05 4.35
N GLY D 194 9.85 25.04 5.17
CA GLY D 194 10.83 24.15 5.77
C GLY D 194 11.15 24.51 7.22
N VAL D 195 11.14 25.81 7.56
CA VAL D 195 11.67 26.24 8.85
C VAL D 195 10.76 25.82 10.01
N ALA D 196 9.52 26.31 10.00
CA ALA D 196 8.61 25.92 11.04
C ALA D 196 8.27 24.44 10.92
N GLU D 197 8.23 23.89 9.69
CA GLU D 197 8.00 22.45 9.54
C GLU D 197 9.01 21.62 10.34
N ALA D 198 10.31 21.92 10.24
CA ALA D 198 11.30 21.08 10.91
C ALA D 198 11.09 21.06 12.43
N GLU D 199 10.69 22.21 12.98
CA GLU D 199 10.50 22.31 14.42
C GLU D 199 9.25 21.54 14.85
N LEU D 200 8.14 21.70 14.10
CA LEU D 200 6.88 21.11 14.49
C LEU D 200 6.88 19.61 14.27
N GLU D 201 7.66 19.12 13.27
CA GLU D 201 7.72 17.70 12.95
C GLU D 201 8.78 16.93 13.75
N GLN D 202 9.65 17.62 14.47
CA GLN D 202 10.81 17.01 15.13
C GLN D 202 10.35 15.96 16.14
N ASN D 203 9.31 16.28 16.90
CA ASN D 203 8.74 15.44 17.93
C ASN D 203 7.27 15.79 18.04
N LEU D 204 6.41 15.00 17.40
CA LEU D 204 4.98 15.34 17.31
C LEU D 204 4.34 15.32 18.71
N SER D 205 4.72 14.38 19.56
CA SER D 205 4.12 14.29 20.87
C SER D 205 4.43 15.59 21.63
N ARG D 206 5.67 16.05 21.58
CA ARG D 206 6.05 17.29 22.23
C ARG D 206 5.27 18.48 21.64
N THR D 207 5.22 18.57 20.30
CA THR D 207 4.45 19.60 19.62
C THR D 207 3.02 19.71 20.17
N PHE D 208 2.29 18.58 20.20
CA PHE D 208 0.88 18.65 20.60
C PHE D 208 0.79 18.84 22.10
N LYS D 209 1.67 18.23 22.90
CA LYS D 209 1.57 18.47 24.34
C LYS D 209 1.91 19.91 24.71
N SER D 210 2.79 20.58 23.95
CA SER D 210 3.25 21.95 24.20
C SER D 210 2.16 22.92 23.79
N LEU D 211 1.49 22.70 22.66
CA LEU D 211 0.46 23.63 22.19
C LEU D 211 -0.87 23.51 22.95
N PHE D 212 -1.37 22.29 23.13
CA PHE D 212 -2.75 22.06 23.59
C PHE D 212 -2.81 22.09 25.13
N ARG D 213 -2.87 23.33 25.65
CA ARG D 213 -2.81 23.55 27.07
C ARG D 213 -3.75 24.71 27.42
N ALA D 214 -4.23 24.65 28.66
CA ALA D 214 -5.01 25.75 29.19
C ALA D 214 -4.12 26.98 29.34
N SER D 215 -4.72 28.16 29.39
CA SER D 215 -3.91 29.37 29.37
C SER D 215 -3.03 29.42 30.62
N ASP D 216 -3.54 28.90 31.75
CA ASP D 216 -2.77 28.99 32.98
C ASP D 216 -1.65 27.93 33.00
N GLU D 217 -1.64 27.02 32.03
CA GLU D 217 -0.64 25.96 31.91
C GLU D 217 0.35 26.22 30.78
N SER D 218 0.26 27.39 30.15
N SER D 218 0.27 27.39 30.16
CA SER D 218 1.04 27.65 28.95
CA SER D 218 1.03 27.68 28.95
C SER D 218 2.53 27.44 29.24
C SER D 218 2.54 27.55 29.22
N VAL D 219 3.25 26.99 28.22
CA VAL D 219 4.70 26.85 28.32
C VAL D 219 5.39 27.65 27.23
N LEU D 220 4.67 28.48 26.47
CA LEU D 220 5.25 29.34 25.48
C LEU D 220 4.33 30.54 25.25
N SER D 221 4.88 31.61 24.68
CA SER D 221 4.14 32.83 24.40
C SER D 221 4.16 33.03 22.89
N MET D 222 2.98 33.03 22.25
CA MET D 222 2.96 33.17 20.80
C MET D 222 3.55 34.52 20.43
N HIS D 223 3.40 35.53 21.31
CA HIS D 223 3.93 36.85 21.03
C HIS D 223 5.47 36.88 21.18
N LYS D 224 6.12 35.78 21.58
CA LYS D 224 7.56 35.85 21.79
C LYS D 224 8.31 34.97 20.79
N VAL D 225 7.59 34.31 19.86
CA VAL D 225 8.15 33.37 18.88
C VAL D 225 9.18 34.01 17.95
N CYS D 226 8.87 35.21 17.43
CA CYS D 226 9.75 35.88 16.48
C CYS D 226 11.12 36.14 17.10
N GLU D 227 11.08 36.70 18.32
CA GLU D 227 12.27 37.05 19.07
C GLU D 227 13.15 35.81 19.23
N ALA D 228 12.54 34.69 19.65
CA ALA D 228 13.29 33.51 20.03
C ALA D 228 13.72 32.69 18.82
N GLY D 229 12.97 32.82 17.70
CA GLY D 229 13.24 32.02 16.51
C GLY D 229 12.56 30.64 16.58
N GLY D 230 11.42 30.56 17.27
CA GLY D 230 10.81 29.27 17.33
C GLY D 230 9.73 29.20 18.41
N LEU D 231 8.92 28.15 18.27
CA LEU D 231 7.80 27.97 19.19
C LEU D 231 8.28 27.39 20.50
N PHE D 232 9.21 26.40 20.45
CA PHE D 232 9.48 25.53 21.58
C PHE D 232 10.91 25.71 22.08
N VAL D 233 11.62 26.74 21.58
CA VAL D 233 13.03 26.87 21.90
C VAL D 233 13.23 27.13 23.40
N ASN D 234 12.20 27.63 24.11
CA ASN D 234 12.33 27.87 25.55
C ASN D 234 11.31 27.11 26.38
N SER D 235 10.79 26.00 25.83
N SER D 235 10.77 26.01 25.84
CA SER D 235 9.76 25.22 26.47
CA SER D 235 9.76 25.24 26.54
C SER D 235 10.34 23.87 26.87
C SER D 235 10.31 23.87 26.87
N PRO D 236 9.72 23.16 27.86
CA PRO D 236 10.27 21.89 28.32
C PRO D 236 10.46 20.86 27.22
N GLU D 237 11.47 19.99 27.36
CA GLU D 237 11.67 18.94 26.39
C GLU D 237 10.63 17.83 26.55
N GLU D 238 10.20 17.59 27.79
CA GLU D 238 9.19 16.58 28.07
C GLU D 238 8.03 17.24 28.80
N PRO D 239 7.15 17.95 28.07
CA PRO D 239 6.03 18.62 28.74
C PRO D 239 5.08 17.63 29.42
N SER D 240 4.49 18.12 30.53
CA SER D 240 3.45 17.38 31.22
C SER D 240 2.19 17.44 30.36
N LEU D 241 1.29 16.50 30.61
CA LEU D 241 0.00 16.48 29.96
C LEU D 241 -0.86 17.61 30.51
N SER D 242 -1.42 18.48 29.66
CA SER D 242 -2.46 19.40 30.09
C SER D 242 -3.65 18.69 30.73
N ARG D 243 -4.34 19.38 31.66
CA ARG D 243 -5.58 18.87 32.22
C ARG D 243 -6.64 18.67 31.13
N MET D 244 -6.50 19.33 29.99
CA MET D 244 -7.55 19.28 28.97
C MET D 244 -7.54 17.99 28.15
N VAL D 245 -6.42 17.26 28.07
CA VAL D 245 -6.24 16.16 27.13
C VAL D 245 -5.66 14.94 27.82
N THR D 246 -5.97 13.77 27.27
CA THR D 246 -5.34 12.52 27.67
C THR D 246 -4.18 12.19 26.75
N GLU D 247 -3.33 11.25 27.18
CA GLU D 247 -2.25 10.76 26.36
C GLU D 247 -2.80 10.16 25.07
N GLU D 248 -3.91 9.42 25.21
CA GLU D 248 -4.52 8.76 24.07
C GLU D 248 -4.97 9.81 23.03
N GLU D 249 -5.52 10.93 23.53
CA GLU D 249 -5.98 11.97 22.62
C GLU D 249 -4.79 12.59 21.90
N ILE D 250 -3.72 12.91 22.63
CA ILE D 250 -2.50 13.38 22.02
C ILE D 250 -2.02 12.42 20.93
N GLN D 251 -2.04 11.13 21.21
CA GLN D 251 -1.49 10.16 20.26
C GLN D 251 -2.33 10.10 19.00
N PHE D 252 -3.64 10.38 19.08
CA PHE D 252 -4.43 10.55 17.87
C PHE D 252 -3.93 11.68 16.97
N TYR D 253 -3.71 12.89 17.54
CA TYR D 253 -3.16 13.98 16.76
C TYR D 253 -1.82 13.58 16.15
N VAL D 254 -0.95 12.93 16.94
CA VAL D 254 0.34 12.45 16.42
C VAL D 254 0.10 11.56 15.20
N GLN D 255 -0.77 10.57 15.33
CA GLN D 255 -0.97 9.64 14.22
C GLN D 255 -1.50 10.40 13.00
N GLN D 256 -2.37 11.40 13.21
CA GLN D 256 -2.89 12.15 12.08
C GLN D 256 -1.78 12.93 11.38
N PHE D 257 -0.88 13.59 12.12
CA PHE D 257 0.09 14.48 11.50
C PHE D 257 1.27 13.68 10.90
N LYS D 258 1.30 12.36 11.11
CA LYS D 258 2.30 11.54 10.42
C LYS D 258 2.00 11.41 8.93
N LYS D 259 0.74 11.56 8.53
CA LYS D 259 0.34 11.33 7.16
C LYS D 259 0.96 12.36 6.20
N SER D 260 0.88 13.66 6.52
CA SER D 260 1.29 14.74 5.62
C SER D 260 2.14 15.79 6.32
N GLY D 261 2.22 15.75 7.65
CA GLY D 261 3.09 16.66 8.34
C GLY D 261 2.51 18.08 8.34
N PHE D 262 3.37 19.09 8.46
CA PHE D 262 2.96 20.46 8.70
C PHE D 262 3.02 21.41 7.50
N ARG D 263 3.53 20.99 6.34
CA ARG D 263 3.59 21.89 5.19
C ARG D 263 2.22 22.41 4.75
N GLY D 264 1.24 21.52 4.52
CA GLY D 264 -0.09 21.97 4.13
C GLY D 264 -0.68 22.90 5.18
N PRO D 265 -0.74 22.46 6.47
CA PRO D 265 -1.22 23.36 7.52
C PRO D 265 -0.55 24.74 7.52
N LEU D 266 0.78 24.78 7.42
CA LEU D 266 1.48 26.03 7.45
C LEU D 266 1.24 26.90 6.21
N ASN D 267 0.98 26.23 5.09
CA ASN D 267 0.67 26.93 3.86
C ASN D 267 -0.58 27.81 3.99
N TRP D 268 -1.50 27.52 4.94
CA TRP D 268 -2.59 28.46 5.18
C TRP D 268 -2.11 29.89 5.49
N TYR D 269 -0.90 30.03 6.05
CA TYR D 269 -0.34 31.31 6.43
C TYR D 269 0.51 31.94 5.32
N ARG D 270 0.68 31.26 4.19
CA ARG D 270 1.64 31.68 3.18
C ARG D 270 0.97 32.31 1.97
N ASN D 271 -0.24 32.86 2.15
CA ASN D 271 -0.97 33.47 1.05
C ASN D 271 -1.48 34.83 1.48
N MET D 272 -0.68 35.56 2.28
CA MET D 272 -1.16 36.77 2.89
C MET D 272 -1.59 37.79 1.83
N GLU D 273 -0.74 38.06 0.84
CA GLU D 273 -1.07 39.07 -0.14
C GLU D 273 -2.24 38.64 -1.00
N ARG D 274 -2.28 37.35 -1.41
CA ARG D 274 -3.34 36.85 -2.26
C ARG D 274 -4.68 36.95 -1.52
N ASN D 275 -4.67 36.64 -0.22
CA ASN D 275 -5.87 36.61 0.58
C ASN D 275 -6.37 38.04 0.70
N TRP D 276 -5.45 38.95 0.95
CA TRP D 276 -5.80 40.33 1.19
C TRP D 276 -6.43 40.96 -0.07
N LYS D 277 -5.87 40.70 -1.24
CA LYS D 277 -6.43 41.17 -2.52
C LYS D 277 -7.84 40.63 -2.77
N TRP D 278 -8.03 39.35 -2.46
CA TRP D 278 -9.36 38.77 -2.58
C TRP D 278 -10.31 39.41 -1.59
N ALA D 279 -9.95 39.46 -0.31
CA ALA D 279 -10.85 40.02 0.70
C ALA D 279 -11.25 41.45 0.32
N CYS D 280 -10.33 42.23 -0.25
CA CYS D 280 -10.64 43.61 -0.56
C CYS D 280 -11.77 43.71 -1.59
N LYS D 281 -12.01 42.65 -2.40
CA LYS D 281 -13.07 42.66 -3.38
C LYS D 281 -14.44 42.71 -2.70
N SER D 282 -14.50 42.21 -1.45
CA SER D 282 -15.77 42.11 -0.76
C SER D 282 -16.09 43.36 0.06
N LEU D 283 -15.25 44.39 0.00
CA LEU D 283 -15.44 45.50 0.93
C LEU D 283 -16.73 46.22 0.57
N GLY D 284 -17.46 46.61 1.62
CA GLY D 284 -18.73 47.28 1.47
C GLY D 284 -19.90 46.32 1.64
N ARG D 285 -19.63 45.03 1.51
CA ARG D 285 -20.69 44.04 1.65
C ARG D 285 -20.85 43.68 3.10
N LYS D 286 -22.10 43.45 3.48
CA LYS D 286 -22.40 43.05 4.84
C LYS D 286 -22.89 41.63 4.82
N ILE D 287 -22.65 40.91 5.93
CA ILE D 287 -23.18 39.58 6.12
C ILE D 287 -24.54 39.71 6.78
N LEU D 288 -25.57 39.25 6.06
CA LEU D 288 -26.96 39.50 6.44
C LEU D 288 -27.62 38.22 6.94
N ILE D 289 -26.92 37.08 6.90
CA ILE D 289 -27.43 35.82 7.39
C ILE D 289 -27.26 35.76 8.91
N PRO D 290 -27.95 34.83 9.60
CA PRO D 290 -27.76 34.68 11.02
C PRO D 290 -26.30 34.33 11.33
N ALA D 291 -25.79 34.92 12.41
CA ALA D 291 -24.37 34.83 12.74
C ALA D 291 -24.18 34.83 14.25
N LEU D 292 -23.12 34.16 14.64
CA LEU D 292 -22.74 34.04 16.04
C LEU D 292 -21.25 34.21 16.19
N MET D 293 -20.85 35.01 17.18
CA MET D 293 -19.44 35.22 17.50
C MET D 293 -19.24 34.80 18.94
N VAL D 294 -18.36 33.83 19.17
CA VAL D 294 -18.09 33.36 20.52
C VAL D 294 -16.67 33.76 20.90
N THR D 295 -16.52 34.48 22.01
CA THR D 295 -15.20 34.91 22.47
C THR D 295 -14.76 34.05 23.64
N ALA D 296 -13.43 33.95 23.81
CA ALA D 296 -12.78 33.18 24.88
C ALA D 296 -11.90 34.12 25.72
N GLU D 297 -12.25 34.26 26.99
CA GLU D 297 -11.65 35.28 27.86
C GLU D 297 -10.11 35.23 27.84
N LYS D 298 -9.53 34.03 27.85
CA LYS D 298 -8.10 33.86 28.05
C LYS D 298 -7.38 33.43 26.77
N ASP D 299 -7.98 33.66 25.61
CA ASP D 299 -7.25 33.52 24.37
C ASP D 299 -6.44 34.79 24.19
N PHE D 300 -5.11 34.66 24.35
CA PHE D 300 -4.27 35.86 24.36
C PHE D 300 -3.79 36.23 22.96
N VAL D 301 -4.17 35.47 21.94
CA VAL D 301 -3.90 35.81 20.55
C VAL D 301 -5.14 36.42 19.92
N LEU D 302 -6.23 35.67 19.94
CA LEU D 302 -7.51 36.12 19.40
C LEU D 302 -8.37 36.60 20.56
N VAL D 303 -8.08 37.84 20.98
CA VAL D 303 -8.63 38.33 22.23
C VAL D 303 -10.05 38.79 21.97
N PRO D 304 -10.94 38.77 23.00
CA PRO D 304 -12.33 39.18 22.83
C PRO D 304 -12.48 40.56 22.16
N GLN D 305 -11.62 41.51 22.56
CA GLN D 305 -11.76 42.89 22.11
C GLN D 305 -11.58 43.06 20.60
N MET D 306 -10.89 42.10 19.96
CA MET D 306 -10.74 42.09 18.53
C MET D 306 -12.09 41.97 17.81
N SER D 307 -13.13 41.50 18.51
CA SER D 307 -14.44 41.30 17.92
C SER D 307 -15.34 42.52 18.11
N GLN D 308 -14.84 43.60 18.75
CA GLN D 308 -15.69 44.75 19.04
C GLN D 308 -16.23 45.32 17.73
N HIS D 309 -17.49 45.77 17.74
CA HIS D 309 -18.06 46.45 16.57
C HIS D 309 -18.20 45.58 15.31
N MET D 310 -18.16 44.26 15.45
CA MET D 310 -18.53 43.40 14.34
C MET D 310 -19.98 43.64 13.92
N GLU D 311 -20.84 44.09 14.83
CA GLU D 311 -22.21 44.43 14.51
C GLU D 311 -22.33 45.45 13.37
N ASP D 312 -21.31 46.30 13.20
CA ASP D 312 -21.32 47.26 12.09
C ASP D 312 -21.45 46.58 10.73
N TRP D 313 -21.00 45.33 10.58
CA TRP D 313 -20.97 44.69 9.27
C TRP D 313 -21.84 43.45 9.27
N ILE D 314 -22.32 43.02 10.44
CA ILE D 314 -23.12 41.82 10.58
C ILE D 314 -24.31 42.21 11.43
N PRO D 315 -25.38 42.71 10.79
CA PRO D 315 -26.53 43.20 11.58
C PRO D 315 -27.24 42.17 12.45
N HIS D 316 -27.26 40.89 12.04
CA HIS D 316 -27.96 39.84 12.77
C HIS D 316 -27.02 39.04 13.66
N LEU D 317 -25.86 39.62 14.01
CA LEU D 317 -24.90 38.97 14.87
C LEU D 317 -25.48 38.77 16.28
N LYS D 318 -25.31 37.55 16.79
CA LYS D 318 -25.48 37.23 18.19
C LYS D 318 -24.13 36.85 18.78
N ARG D 319 -24.06 36.84 20.11
CA ARG D 319 -22.80 36.65 20.77
C ARG D 319 -22.90 35.62 21.89
N GLY D 320 -21.80 34.89 22.09
CA GLY D 320 -21.50 34.21 23.32
C GLY D 320 -20.09 34.57 23.79
N HIS D 321 -19.83 34.26 25.07
N HIS D 321 -19.86 34.26 25.07
CA HIS D 321 -18.53 34.45 25.68
CA HIS D 321 -18.56 34.40 25.68
C HIS D 321 -18.30 33.40 26.75
C HIS D 321 -18.36 33.24 26.63
N ILE D 322 -17.08 32.85 26.77
CA ILE D 322 -16.72 31.78 27.69
C ILE D 322 -15.60 32.30 28.58
N GLU D 323 -15.90 32.41 29.88
CA GLU D 323 -14.89 32.75 30.85
C GLU D 323 -13.94 31.58 31.09
N ASP D 324 -12.72 31.92 31.55
CA ASP D 324 -11.74 30.93 31.97
C ASP D 324 -11.41 29.99 30.82
N CYS D 325 -11.41 30.50 29.59
CA CYS D 325 -11.25 29.65 28.42
C CYS D 325 -10.16 30.22 27.55
N GLY D 326 -9.19 29.36 27.14
CA GLY D 326 -8.08 29.77 26.32
C GLY D 326 -8.36 29.53 24.84
N HIS D 327 -7.28 29.39 24.08
CA HIS D 327 -7.45 29.33 22.65
C HIS D 327 -8.15 28.05 22.20
N TRP D 328 -7.95 26.92 22.89
CA TRP D 328 -8.42 25.64 22.40
C TRP D 328 -9.84 25.39 22.89
N THR D 329 -10.74 26.27 22.43
CA THR D 329 -12.04 26.48 23.05
C THR D 329 -12.78 25.16 23.24
N GLN D 330 -12.84 24.37 22.17
CA GLN D 330 -13.68 23.19 22.15
C GLN D 330 -13.28 22.19 23.21
N MET D 331 -12.00 22.06 23.52
CA MET D 331 -11.56 21.06 24.51
C MET D 331 -11.35 21.68 25.89
N ASP D 332 -11.25 23.01 25.96
CA ASP D 332 -11.08 23.72 27.23
C ASP D 332 -12.43 23.74 27.94
N LYS D 333 -13.49 24.15 27.22
CA LYS D 333 -14.80 24.33 27.81
CA LYS D 333 -14.80 24.34 27.80
C LYS D 333 -15.86 23.69 26.91
N PRO D 334 -15.79 22.36 26.71
CA PRO D 334 -16.71 21.73 25.76
C PRO D 334 -18.18 21.87 26.14
N THR D 335 -18.51 21.75 27.44
CA THR D 335 -19.89 21.86 27.86
C THR D 335 -20.48 23.21 27.52
N GLU D 336 -19.69 24.26 27.80
N GLU D 336 -19.74 24.30 27.78
CA GLU D 336 -20.05 25.64 27.54
CA GLU D 336 -20.25 25.62 27.47
C GLU D 336 -20.23 25.88 26.03
C GLU D 336 -20.27 25.89 25.97
N VAL D 337 -19.30 25.37 25.21
CA VAL D 337 -19.39 25.47 23.76
C VAL D 337 -20.69 24.79 23.31
N ASN D 338 -20.97 23.57 23.81
CA ASN D 338 -22.14 22.85 23.34
C ASN D 338 -23.39 23.66 23.62
N GLN D 339 -23.45 24.24 24.82
CA GLN D 339 -24.65 24.96 25.22
C GLN D 339 -24.91 26.17 24.34
N ILE D 340 -23.83 26.90 24.08
CA ILE D 340 -23.92 28.10 23.29
C ILE D 340 -24.32 27.76 21.86
N LEU D 341 -23.66 26.75 21.27
CA LEU D 341 -23.92 26.44 19.87
C LEU D 341 -25.35 25.95 19.70
N ILE D 342 -25.75 24.99 20.56
CA ILE D 342 -27.10 24.42 20.44
C ILE D 342 -28.20 25.48 20.65
N LYS D 343 -27.99 26.38 21.60
CA LYS D 343 -28.98 27.42 21.86
C LYS D 343 -29.12 28.27 20.61
N TRP D 344 -28.00 28.67 19.98
CA TRP D 344 -28.04 29.51 18.81
C TRP D 344 -28.56 28.78 17.58
N LEU D 345 -28.15 27.50 17.41
CA LEU D 345 -28.67 26.73 16.29
C LEU D 345 -30.20 26.66 16.36
N ASP D 346 -30.69 26.34 17.54
CA ASP D 346 -32.12 26.09 17.70
C ASP D 346 -32.93 27.38 17.50
N SER D 347 -32.35 28.52 17.90
CA SER D 347 -33.05 29.78 17.87
C SER D 347 -32.94 30.44 16.51
N ASP D 348 -31.75 30.39 15.89
CA ASP D 348 -31.40 31.28 14.81
C ASP D 348 -31.08 30.56 13.50
N ALA D 349 -30.67 29.28 13.52
CA ALA D 349 -30.12 28.67 12.31
C ALA D 349 -31.09 27.67 11.72
N ARG D 350 -31.96 27.09 12.54
CA ARG D 350 -32.91 26.09 12.09
C ARG D 350 -34.19 26.81 11.65
#